data_7CVN
#
_entry.id   7CVN
#
_cell.length_a   67.570
_cell.length_b   83.000
_cell.length_c   278.140
_cell.angle_alpha   90.000
_cell.angle_beta   90.000
_cell.angle_gamma   90.000
#
_symmetry.space_group_name_H-M   'P 21 21 21'
#
loop_
_entity.id
_entity.type
_entity.pdbx_description
1 polymer 'Fructose-1,6-bisphosphatase 1'
2 non-polymer 4-(3-acetamidophenyl)-N-(4-methoxyphenyl)sulfonyl-7-nitro-1H-indole-2-carboxamide
3 non-polymer 1,6-di-O-phosphono-beta-D-fructofuranose
4 water water
#
_entity_poly.entity_id   1
_entity_poly.type   'polypeptide(L)'
_entity_poly.pdbx_seq_one_letter_code
;MADQAPFDTDVNTLTRFVMEEGRKARGTGELTQLLNSLCTAVKAISSAVRKAGIAHLYGIAGSTNVTGDQVKKLDVLSND
LVMNMLKSSFATCVLVSEEDKHAIIVEPEKRGKYVVCFDPLDGSSNIDCLVSVGTIFGIYRKKSTDEPSEKDALQPGRNL
VAAGYALYGSATMLVLAMDCGVNCFMLDPAIGEFILVDKDVKIKKKGKIYSLNEGYARDFDPAVTEYIQRKKFPPDNSAP
YGARYVGSMVADVHRTLVYGGIFLYPANKKSPNGKLRLLYECNPMAYVMEKAGGMATTGKEAVLDVIPTDIHQRAPVILG
SPDDVLEFLKVYEKHSAQ
;
_entity_poly.pdbx_strand_id   A,B,C,D
#
loop_
_chem_comp.id
_chem_comp.type
_chem_comp.name
_chem_comp.formula
FBP D-saccharide, beta linking 1,6-di-O-phosphono-beta-D-fructofuranose 'C6 H14 O12 P2'
GJO non-polymer 4-(3-acetamidophenyl)-N-(4-methoxyphenyl)sulfonyl-7-nitro-1H-indole-2-carboxamide 'C24 H20 N4 O7 S'
#
# COMPACT_ATOMS: atom_id res chain seq x y z
N ASP A 10 -13.72 -8.38 19.91
CA ASP A 10 -12.30 -8.56 20.23
C ASP A 10 -11.56 -9.11 19.00
N VAL A 11 -10.75 -8.26 18.36
CA VAL A 11 -10.25 -8.52 17.01
C VAL A 11 -9.52 -9.85 16.92
N ASN A 12 -9.75 -10.55 15.81
CA ASN A 12 -9.15 -11.85 15.56
C ASN A 12 -8.59 -11.87 14.15
N THR A 13 -7.55 -12.67 13.94
CA THR A 13 -6.91 -12.79 12.65
C THR A 13 -6.87 -14.26 12.27
N LEU A 14 -6.62 -14.54 10.99
CA LEU A 14 -6.48 -15.93 10.53
C LEU A 14 -5.39 -16.65 11.32
N THR A 15 -4.24 -16.00 11.49
CA THR A 15 -3.14 -16.63 12.21
C THR A 15 -3.54 -16.99 13.63
N ARG A 16 -4.24 -16.08 14.32
CA ARG A 16 -4.67 -16.36 15.69
C ARG A 16 -5.71 -17.47 15.70
N PHE A 17 -6.65 -17.43 14.75
CA PHE A 17 -7.73 -18.40 14.74
C PHE A 17 -7.18 -19.81 14.55
N VAL A 18 -6.20 -19.96 13.67
CA VAL A 18 -5.72 -21.29 13.33
C VAL A 18 -4.82 -21.82 14.43
N MET A 19 -4.02 -20.94 15.05
CA MET A 19 -3.19 -21.33 16.18
C MET A 19 -4.03 -21.85 17.34
N GLU A 20 -5.13 -21.17 17.66
CA GLU A 20 -5.93 -21.55 18.81
C GLU A 20 -6.65 -22.88 18.57
N GLU A 21 -7.18 -23.08 17.37
CA GLU A 21 -7.78 -24.37 17.05
C GLU A 21 -6.74 -25.48 17.12
N GLY A 22 -5.50 -25.16 16.73
CA GLY A 22 -4.44 -26.16 16.78
C GLY A 22 -3.94 -26.41 18.19
N ARG A 23 -3.69 -25.34 18.94
CA ARG A 23 -3.35 -25.46 20.35
C ARG A 23 -4.41 -26.24 21.12
N LYS A 24 -5.69 -26.04 20.76
CA LYS A 24 -6.76 -26.80 21.41
C LYS A 24 -6.70 -28.28 21.06
N ALA A 25 -6.21 -28.62 19.86
CA ALA A 25 -6.10 -29.99 19.42
C ALA A 25 -4.75 -30.61 19.72
N ARG A 26 -3.88 -29.89 20.44
CA ARG A 26 -2.57 -30.40 20.83
C ARG A 26 -1.86 -31.03 19.64
N GLY A 27 -1.82 -30.29 18.53
CA GLY A 27 -1.26 -30.79 17.29
C GLY A 27 0.24 -30.57 17.18
N THR A 28 0.76 -30.95 16.02
CA THR A 28 2.19 -30.82 15.76
C THR A 28 2.58 -29.47 15.20
N GLY A 29 1.61 -28.63 14.81
CA GLY A 29 1.91 -27.31 14.26
C GLY A 29 2.09 -27.27 12.76
N GLU A 30 1.91 -28.39 12.05
CA GLU A 30 2.17 -28.41 10.62
C GLU A 30 1.06 -27.68 9.85
N LEU A 31 -0.19 -28.01 10.14
CA LEU A 31 -1.29 -27.38 9.42
C LEU A 31 -1.23 -25.85 9.55
N THR A 32 -0.78 -25.35 10.71
CA THR A 32 -0.67 -23.93 10.94
C THR A 32 0.49 -23.32 10.16
N GLN A 33 1.62 -24.02 10.08
CA GLN A 33 2.67 -23.56 9.19
C GLN A 33 2.16 -23.49 7.75
N LEU A 34 1.37 -24.49 7.36
CA LEU A 34 0.83 -24.52 6.00
C LEU A 34 -0.08 -23.34 5.74
N LEU A 35 -1.10 -23.16 6.59
CA LEU A 35 -2.07 -22.10 6.38
C LEU A 35 -1.45 -20.72 6.51
N ASN A 36 -0.39 -20.58 7.32
CA ASN A 36 0.28 -19.31 7.42
C ASN A 36 1.14 -19.05 6.18
N SER A 37 1.77 -20.09 5.65
CA SER A 37 2.50 -19.94 4.39
C SER A 37 1.55 -19.63 3.25
N LEU A 38 0.44 -20.34 3.19
CA LEU A 38 -0.57 -20.05 2.17
C LEU A 38 -1.02 -18.60 2.26
N CYS A 39 -1.13 -18.05 3.48
CA CYS A 39 -1.56 -16.66 3.64
C CYS A 39 -0.55 -15.70 3.06
N THR A 40 0.74 -15.97 3.29
CA THR A 40 1.76 -15.15 2.68
C THR A 40 1.64 -15.21 1.17
N ALA A 41 1.43 -16.40 0.61
CA ALA A 41 1.36 -16.51 -0.84
C ALA A 41 0.13 -15.77 -1.37
N VAL A 42 -1.00 -15.89 -0.68
CA VAL A 42 -2.22 -15.18 -1.07
C VAL A 42 -1.98 -13.67 -1.11
N LYS A 43 -1.24 -13.14 -0.13
CA LYS A 43 -1.05 -11.69 -0.10
C LYS A 43 -0.13 -11.23 -1.22
N ALA A 44 0.87 -12.04 -1.57
CA ALA A 44 1.71 -11.67 -2.70
C ALA A 44 0.92 -11.77 -4.01
N ILE A 45 -0.01 -12.73 -4.08
CA ILE A 45 -0.87 -12.82 -5.27
C ILE A 45 -1.75 -11.57 -5.37
N SER A 46 -2.41 -11.21 -4.27
CA SER A 46 -3.29 -10.05 -4.26
C SER A 46 -2.56 -8.78 -4.72
N SER A 47 -1.39 -8.51 -4.15
CA SER A 47 -0.58 -7.37 -4.58
C SER A 47 -0.30 -7.40 -6.06
N ALA A 48 0.12 -8.57 -6.56
CA ALA A 48 0.41 -8.73 -7.98
C ALA A 48 -0.85 -8.60 -8.82
N VAL A 49 -1.95 -9.20 -8.36
CA VAL A 49 -3.18 -9.12 -9.16
C VAL A 49 -3.70 -7.69 -9.20
N ARG A 50 -3.60 -6.96 -8.07
CA ARG A 50 -3.98 -5.55 -8.07
C ARG A 50 -2.96 -4.64 -8.78
N LYS A 51 -1.94 -5.26 -9.39
CA LYS A 51 -0.95 -4.59 -10.23
C LYS A 51 0.06 -3.78 -9.42
N ALA A 52 0.35 -4.25 -8.20
CA ALA A 52 1.60 -4.01 -7.47
C ALA A 52 2.46 -2.95 -8.12
N GLY A 53 3.42 -3.32 -8.94
CA GLY A 53 4.25 -2.29 -9.55
C GLY A 53 4.32 -2.36 -11.07
N ILE A 54 3.16 -2.43 -11.70
CA ILE A 54 3.06 -2.56 -13.15
C ILE A 54 3.79 -1.44 -13.89
N ALA A 55 4.01 -0.30 -13.23
CA ALA A 55 4.68 0.81 -13.88
C ALA A 55 6.13 0.47 -14.23
N HIS A 56 6.78 -0.40 -13.47
CA HIS A 56 8.11 -0.86 -13.85
C HIS A 56 8.05 -1.64 -15.14
N LEU A 57 7.02 -2.47 -15.31
CA LEU A 57 6.82 -3.22 -16.55
C LEU A 57 6.58 -2.30 -17.74
N TYR A 58 6.18 -1.05 -17.51
CA TYR A 58 5.90 -0.13 -18.61
C TYR A 58 6.96 0.95 -18.74
N GLY A 59 8.15 0.70 -18.20
CA GLY A 59 9.31 1.51 -18.52
C GLY A 59 9.56 2.68 -17.61
N ILE A 60 9.11 2.61 -16.36
CA ILE A 60 9.24 3.76 -15.48
C ILE A 60 10.70 4.03 -15.13
N ALA A 61 11.51 2.98 -15.01
CA ALA A 61 12.93 3.14 -14.73
C ALA A 61 13.77 2.96 -15.99
N GLY A 62 13.16 3.07 -17.17
CA GLY A 62 13.82 2.86 -18.43
C GLY A 62 13.63 1.46 -19.01
N SER A 63 13.54 0.46 -18.13
CA SER A 63 13.41 -0.95 -18.55
C SER A 63 11.96 -1.48 -18.43
N LYS A 73 1.60 -14.35 -17.46
CA LYS A 73 2.56 -14.54 -16.37
C LYS A 73 1.92 -14.41 -14.98
N LEU A 74 0.78 -13.73 -14.86
CA LEU A 74 0.10 -13.70 -13.57
C LEU A 74 -0.25 -15.11 -13.11
N ASP A 75 -0.63 -15.97 -14.06
CA ASP A 75 -0.78 -17.41 -13.82
C ASP A 75 0.46 -17.99 -13.18
N VAL A 76 1.58 -17.88 -13.89
CA VAL A 76 2.79 -18.59 -13.50
C VAL A 76 3.30 -18.12 -12.15
N LEU A 77 3.22 -16.81 -11.91
CA LEU A 77 3.73 -16.26 -10.67
C LEU A 77 2.92 -16.75 -9.48
N SER A 78 1.59 -16.68 -9.59
CA SER A 78 0.73 -17.18 -8.52
C SER A 78 1.03 -18.64 -8.21
N ASN A 79 1.16 -19.46 -9.24
CA ASN A 79 1.54 -20.85 -9.02
C ASN A 79 2.88 -20.92 -8.28
N ASP A 80 3.86 -20.14 -8.72
CA ASP A 80 5.17 -20.21 -8.10
C ASP A 80 5.11 -19.76 -6.65
N LEU A 81 4.25 -18.79 -6.33
CA LEU A 81 4.15 -18.31 -4.97
C LEU A 81 3.55 -19.37 -4.04
N VAL A 82 2.46 -20.03 -4.49
CA VAL A 82 1.87 -21.11 -3.73
C VAL A 82 2.80 -22.31 -3.72
N MET A 83 3.34 -22.66 -4.89
CA MET A 83 4.23 -23.80 -4.97
C MET A 83 5.39 -23.64 -4.01
N ASN A 84 6.00 -22.45 -3.98
CA ASN A 84 7.19 -22.31 -3.16
C ASN A 84 6.84 -22.15 -1.69
N MET A 85 5.84 -21.31 -1.37
CA MET A 85 5.51 -21.07 0.03
C MET A 85 5.12 -22.38 0.73
N LEU A 86 4.39 -23.25 0.02
CA LEU A 86 3.97 -24.51 0.63
C LEU A 86 5.16 -25.43 0.83
N LYS A 87 5.95 -25.68 -0.23
CA LYS A 87 7.22 -26.38 -0.09
C LYS A 87 7.95 -25.91 1.16
N SER A 88 8.04 -24.58 1.31
CA SER A 88 8.80 -23.90 2.36
C SER A 88 8.19 -24.04 3.74
N SER A 89 6.96 -24.53 3.86
CA SER A 89 6.30 -24.68 5.15
C SER A 89 6.78 -25.91 5.92
N PHE A 90 7.46 -26.85 5.27
CA PHE A 90 7.81 -28.15 5.84
C PHE A 90 6.56 -28.93 6.25
N ALA A 91 5.39 -28.54 5.75
CA ALA A 91 4.14 -29.16 6.15
C ALA A 91 3.50 -30.00 5.05
N THR A 92 4.07 -30.02 3.85
CA THR A 92 3.44 -30.71 2.74
C THR A 92 4.41 -31.71 2.14
N CYS A 93 3.85 -32.68 1.42
CA CYS A 93 4.72 -33.60 0.68
C CYS A 93 4.29 -33.83 -0.76
N VAL A 94 3.06 -33.53 -1.14
CA VAL A 94 2.60 -33.67 -2.52
C VAL A 94 1.77 -32.44 -2.85
N LEU A 95 2.09 -31.78 -3.96
CA LEU A 95 1.35 -30.60 -4.39
C LEU A 95 0.78 -30.82 -5.79
N VAL A 96 -0.53 -30.61 -5.93
CA VAL A 96 -1.21 -30.64 -7.23
C VAL A 96 -1.75 -29.25 -7.53
N SER A 97 -1.39 -28.74 -8.70
CA SER A 97 -1.82 -27.43 -9.16
C SER A 97 -2.44 -27.56 -10.53
N GLU A 98 -3.39 -26.67 -10.82
CA GLU A 98 -3.89 -26.60 -12.19
C GLU A 98 -2.77 -26.33 -13.18
N GLU A 99 -1.74 -25.57 -12.77
CA GLU A 99 -0.69 -25.13 -13.69
C GLU A 99 0.27 -26.24 -14.07
N ASP A 100 0.36 -27.29 -13.29
CA ASP A 100 1.36 -28.32 -13.51
C ASP A 100 0.71 -29.60 -14.04
N LYS A 101 1.36 -30.24 -15.02
CA LYS A 101 0.80 -31.47 -15.58
C LYS A 101 0.78 -32.59 -14.55
N HIS A 102 1.89 -32.79 -13.85
CA HIS A 102 1.96 -33.87 -12.87
C HIS A 102 2.10 -33.29 -11.47
N ALA A 103 1.79 -34.12 -10.48
CA ALA A 103 1.92 -33.68 -9.10
C ALA A 103 3.37 -33.33 -8.80
N ILE A 104 3.56 -32.29 -8.03
CA ILE A 104 4.88 -31.97 -7.51
C ILE A 104 5.11 -32.82 -6.27
N ILE A 105 6.24 -33.50 -6.24
CA ILE A 105 6.67 -34.25 -5.07
C ILE A 105 7.71 -33.40 -4.35
N VAL A 106 7.37 -32.94 -3.14
CA VAL A 106 8.27 -32.11 -2.35
C VAL A 106 9.56 -32.86 -2.07
N GLU A 107 10.68 -32.14 -2.03
CA GLU A 107 11.96 -32.78 -1.74
C GLU A 107 11.99 -33.30 -0.30
N PRO A 108 12.68 -34.43 -0.06
CA PRO A 108 12.58 -35.09 1.26
C PRO A 108 12.93 -34.19 2.44
N GLU A 109 13.96 -33.36 2.29
CA GLU A 109 14.39 -32.48 3.37
C GLU A 109 13.25 -31.60 3.87
N LYS A 110 12.24 -31.35 3.04
CA LYS A 110 11.16 -30.45 3.40
C LYS A 110 9.81 -31.15 3.54
N ARG A 111 9.76 -32.48 3.49
CA ARG A 111 8.49 -33.19 3.45
C ARG A 111 7.74 -33.07 4.76
N GLY A 112 6.43 -32.80 4.66
CA GLY A 112 5.53 -32.79 5.79
C GLY A 112 4.38 -33.75 5.52
N LYS A 113 3.33 -33.73 6.32
CA LYS A 113 2.31 -34.76 6.24
C LYS A 113 1.11 -34.41 5.35
N TYR A 114 1.07 -33.24 4.73
CA TYR A 114 -0.13 -32.76 4.07
C TYR A 114 -0.01 -32.75 2.54
N VAL A 115 -1.13 -33.07 1.89
CA VAL A 115 -1.27 -33.08 0.44
C VAL A 115 -2.19 -31.93 0.06
N VAL A 116 -1.73 -31.06 -0.83
CA VAL A 116 -2.46 -29.83 -1.16
C VAL A 116 -2.78 -29.77 -2.66
N CYS A 117 -4.06 -29.64 -2.96
CA CYS A 117 -4.59 -29.50 -4.31
C CYS A 117 -5.09 -28.09 -4.47
N PHE A 118 -4.52 -27.34 -5.41
CA PHE A 118 -4.92 -25.94 -5.52
C PHE A 118 -5.03 -25.52 -6.98
N ASP A 119 -5.92 -24.56 -7.20
CA ASP A 119 -5.99 -23.73 -8.39
C ASP A 119 -5.38 -22.39 -8.00
N PRO A 120 -4.19 -22.03 -8.48
CA PRO A 120 -3.52 -20.84 -7.92
C PRO A 120 -4.21 -19.52 -8.27
N LEU A 121 -4.68 -19.35 -9.51
CA LEU A 121 -5.32 -18.12 -9.95
C LEU A 121 -6.53 -18.49 -10.79
N ASP A 122 -7.52 -19.11 -10.14
CA ASP A 122 -8.72 -19.54 -10.86
C ASP A 122 -9.44 -18.37 -11.49
N GLY A 123 -10.02 -18.60 -12.66
CA GLY A 123 -10.72 -17.58 -13.42
C GLY A 123 -9.84 -16.71 -14.29
N SER A 124 -8.52 -16.92 -14.27
CA SER A 124 -7.59 -16.00 -14.93
C SER A 124 -7.66 -16.05 -16.45
N SER A 125 -8.35 -17.01 -17.05
CA SER A 125 -8.46 -16.99 -18.50
C SER A 125 -9.09 -15.68 -18.98
N ASN A 126 -9.93 -15.06 -18.16
CA ASN A 126 -10.59 -13.79 -18.50
C ASN A 126 -10.03 -12.60 -17.70
N ILE A 127 -8.82 -12.74 -17.14
CA ILE A 127 -8.11 -11.67 -16.44
C ILE A 127 -8.02 -10.38 -17.27
N ASP A 128 -8.07 -10.48 -18.59
CA ASP A 128 -7.96 -9.28 -19.43
C ASP A 128 -9.09 -8.29 -19.17
N CYS A 129 -10.29 -8.75 -18.82
CA CYS A 129 -11.36 -7.81 -18.53
C CYS A 129 -11.48 -7.51 -17.05
N LEU A 130 -10.45 -7.84 -16.26
CA LEU A 130 -10.35 -7.52 -14.84
C LEU A 130 -11.44 -8.17 -14.01
N VAL A 131 -11.96 -9.31 -14.49
CA VAL A 131 -12.93 -10.09 -13.73
C VAL A 131 -12.30 -10.57 -12.41
N SER A 132 -13.15 -10.70 -11.38
CA SER A 132 -12.80 -11.39 -10.15
C SER A 132 -12.05 -12.69 -10.44
N VAL A 133 -10.97 -12.93 -9.69
CA VAL A 133 -10.25 -14.21 -9.76
C VAL A 133 -10.02 -14.70 -8.34
N GLY A 134 -9.47 -15.91 -8.23
CA GLY A 134 -9.25 -16.44 -6.90
C GLY A 134 -8.29 -17.60 -6.86
N THR A 135 -7.82 -17.89 -5.64
CA THR A 135 -6.95 -19.02 -5.35
C THR A 135 -7.76 -20.07 -4.57
N ILE A 136 -8.06 -21.21 -5.21
CA ILE A 136 -8.80 -22.28 -4.54
C ILE A 136 -7.83 -23.33 -4.02
N PHE A 137 -8.06 -23.82 -2.81
CA PHE A 137 -7.17 -24.83 -2.21
C PHE A 137 -7.97 -25.85 -1.42
N GLY A 138 -7.45 -27.08 -1.40
CA GLY A 138 -7.92 -28.14 -0.51
C GLY A 138 -6.76 -28.92 0.08
N ILE A 139 -6.83 -29.24 1.38
CA ILE A 139 -5.72 -29.82 2.13
C ILE A 139 -6.12 -31.20 2.64
N TYR A 140 -5.27 -32.20 2.38
CA TYR A 140 -5.46 -33.57 2.82
C TYR A 140 -4.31 -34.03 3.72
N ARG A 141 -4.60 -34.99 4.58
CA ARG A 141 -3.53 -35.76 5.21
C ARG A 141 -3.16 -36.89 4.27
N LYS A 142 -1.86 -37.08 4.03
CA LYS A 142 -1.39 -38.23 3.26
C LYS A 142 -1.86 -39.51 3.94
N LYS A 143 -2.62 -40.33 3.20
CA LYS A 143 -3.20 -41.57 3.70
C LYS A 143 -2.23 -42.73 3.62
N SER A 144 -1.70 -42.99 2.42
CA SER A 144 -0.78 -44.08 2.20
C SER A 144 0.49 -43.89 3.04
N THR A 145 1.17 -45.00 3.27
CA THR A 145 2.53 -44.99 3.77
C THR A 145 3.56 -45.19 2.67
N ASP A 146 3.14 -45.27 1.42
CA ASP A 146 4.10 -45.38 0.33
C ASP A 146 4.95 -44.11 0.24
N GLU A 147 6.01 -44.19 -0.56
CA GLU A 147 6.71 -42.97 -0.90
C GLU A 147 5.73 -42.02 -1.58
N PRO A 148 5.85 -40.71 -1.36
CA PRO A 148 4.84 -39.79 -1.90
C PRO A 148 4.80 -39.81 -3.42
N SER A 149 3.59 -39.69 -3.97
CA SER A 149 3.34 -39.79 -5.39
C SER A 149 2.00 -39.12 -5.70
N GLU A 150 1.67 -39.03 -7.01
CA GLU A 150 0.36 -38.52 -7.42
C GLU A 150 -0.80 -39.24 -6.73
N LYS A 151 -0.65 -40.54 -6.45
CA LYS A 151 -1.71 -41.31 -5.82
C LYS A 151 -2.24 -40.63 -4.56
N ASP A 152 -1.35 -39.95 -3.84
CA ASP A 152 -1.70 -39.39 -2.54
C ASP A 152 -2.73 -38.28 -2.65
N ALA A 153 -2.83 -37.63 -3.81
CA ALA A 153 -3.83 -36.60 -4.06
C ALA A 153 -5.16 -37.17 -4.54
N LEU A 154 -5.24 -38.48 -4.80
CA LEU A 154 -6.47 -39.07 -5.33
C LEU A 154 -7.40 -39.52 -4.21
N GLN A 155 -7.61 -38.63 -3.19
CA GLN A 155 -8.55 -39.05 -2.17
C GLN A 155 -9.90 -38.40 -2.39
N PRO A 156 -10.98 -39.03 -1.96
CA PRO A 156 -12.30 -38.37 -2.07
C PRO A 156 -12.33 -37.11 -1.23
N GLY A 157 -13.09 -36.13 -1.71
CA GLY A 157 -13.24 -34.87 -0.98
C GLY A 157 -13.70 -35.04 0.45
N ARG A 158 -14.40 -36.15 0.75
CA ARG A 158 -14.79 -36.47 2.13
C ARG A 158 -13.60 -36.39 3.09
N ASN A 159 -12.41 -36.78 2.64
CA ASN A 159 -11.21 -36.87 3.47
C ASN A 159 -10.49 -35.53 3.68
N LEU A 160 -11.13 -34.41 3.37
CA LEU A 160 -10.46 -33.12 3.46
C LEU A 160 -10.33 -32.68 4.91
N VAL A 161 -9.11 -32.26 5.27
CA VAL A 161 -8.83 -31.69 6.59
C VAL A 161 -9.27 -30.22 6.63
N ALA A 162 -9.01 -29.51 5.55
CA ALA A 162 -9.30 -28.10 5.42
C ALA A 162 -9.35 -27.79 3.93
N ALA A 163 -10.06 -26.72 3.59
CA ALA A 163 -10.21 -26.32 2.20
C ALA A 163 -10.84 -24.94 2.18
N GLY A 164 -10.65 -24.24 1.07
CA GLY A 164 -11.25 -22.93 0.93
C GLY A 164 -10.70 -22.17 -0.24
N TYR A 165 -10.76 -20.84 -0.15
CA TYR A 165 -10.33 -20.04 -1.28
C TYR A 165 -9.96 -18.63 -0.81
N ALA A 166 -9.17 -17.98 -1.64
CA ALA A 166 -8.97 -16.53 -1.56
C ALA A 166 -9.61 -15.91 -2.78
N LEU A 167 -10.49 -14.94 -2.55
CA LEU A 167 -11.17 -14.23 -3.63
C LEU A 167 -10.51 -12.87 -3.80
N TYR A 168 -10.07 -12.58 -5.03
CA TYR A 168 -9.51 -11.27 -5.37
C TYR A 168 -10.60 -10.50 -6.10
N GLY A 169 -11.51 -9.91 -5.31
CA GLY A 169 -12.64 -9.19 -5.85
C GLY A 169 -12.51 -7.70 -5.65
N SER A 170 -13.62 -7.03 -5.33
CA SER A 170 -13.51 -5.64 -4.91
C SER A 170 -12.53 -5.51 -3.75
N ALA A 171 -12.49 -6.50 -2.87
CA ALA A 171 -11.44 -6.67 -1.88
C ALA A 171 -11.01 -8.13 -1.90
N THR A 172 -9.87 -8.40 -1.25
CA THR A 172 -9.35 -9.76 -1.10
C THR A 172 -9.90 -10.34 0.20
N MET A 173 -10.57 -11.49 0.11
CA MET A 173 -11.09 -12.19 1.28
C MET A 173 -10.65 -13.64 1.26
N LEU A 174 -10.22 -14.14 2.40
CA LEU A 174 -9.91 -15.55 2.56
C LEU A 174 -11.05 -16.25 3.29
N VAL A 175 -11.53 -17.34 2.70
CA VAL A 175 -12.60 -18.13 3.26
C VAL A 175 -12.01 -19.50 3.55
N LEU A 176 -11.96 -19.86 4.83
CA LEU A 176 -11.38 -21.11 5.31
C LEU A 176 -12.46 -21.97 5.92
N ALA A 177 -12.55 -23.22 5.48
CA ALA A 177 -13.48 -24.18 6.06
C ALA A 177 -12.68 -25.31 6.70
N MET A 178 -13.07 -25.69 7.92
CA MET A 178 -12.54 -26.82 8.66
C MET A 178 -13.72 -27.50 9.35
N ASP A 179 -13.43 -28.39 10.30
CA ASP A 179 -14.51 -29.00 11.08
C ASP A 179 -15.28 -27.97 11.89
N CYS A 180 -14.58 -26.97 12.46
CA CYS A 180 -15.25 -25.97 13.28
C CYS A 180 -16.27 -25.15 12.50
N GLY A 181 -16.21 -25.17 11.16
CA GLY A 181 -17.09 -24.43 10.29
C GLY A 181 -16.31 -23.58 9.30
N VAL A 182 -17.02 -22.66 8.66
CA VAL A 182 -16.48 -21.78 7.63
C VAL A 182 -16.36 -20.39 8.22
N ASN A 183 -15.15 -19.83 8.20
CA ASN A 183 -14.89 -18.50 8.71
C ASN A 183 -14.29 -17.62 7.63
N CYS A 184 -14.67 -16.34 7.60
CA CYS A 184 -14.31 -15.42 6.53
C CYS A 184 -13.38 -14.32 7.03
N PHE A 185 -12.26 -14.14 6.33
CA PHE A 185 -11.22 -13.20 6.74
C PHE A 185 -10.96 -12.18 5.64
N MET A 186 -11.12 -10.90 5.97
CA MET A 186 -10.84 -9.84 5.01
C MET A 186 -9.38 -9.44 5.11
N LEU A 187 -8.74 -9.29 3.94
CA LEU A 187 -7.38 -8.76 3.87
C LEU A 187 -7.42 -7.25 4.04
N ASP A 188 -6.75 -6.76 5.10
CA ASP A 188 -6.48 -5.33 5.25
C ASP A 188 -5.14 -5.04 4.60
N PRO A 189 -5.13 -4.61 3.34
CA PRO A 189 -3.84 -4.45 2.62
C PRO A 189 -2.98 -3.33 3.18
N ALA A 190 -3.57 -2.48 4.03
CA ALA A 190 -2.83 -1.41 4.71
C ALA A 190 -1.83 -1.98 5.71
N ILE A 191 -2.14 -3.12 6.31
CA ILE A 191 -1.25 -3.76 7.27
C ILE A 191 -0.99 -5.21 6.95
N GLY A 192 -1.51 -5.72 5.82
CA GLY A 192 -1.26 -7.11 5.45
C GLY A 192 -1.65 -8.11 6.53
N GLU A 193 -2.96 -8.19 6.79
CA GLU A 193 -3.45 -9.03 7.88
C GLU A 193 -4.86 -9.45 7.52
N PHE A 194 -5.16 -10.75 7.70
CA PHE A 194 -6.49 -11.29 7.41
C PHE A 194 -7.36 -11.15 8.65
N ILE A 195 -8.29 -10.20 8.63
CA ILE A 195 -9.13 -9.92 9.78
C ILE A 195 -10.39 -10.78 9.72
N LEU A 196 -10.72 -11.43 10.82
CA LEU A 196 -11.96 -12.20 10.93
C LEU A 196 -13.16 -11.27 10.88
N VAL A 197 -13.99 -11.39 9.83
CA VAL A 197 -15.18 -10.54 9.71
C VAL A 197 -16.48 -11.31 9.68
N ASP A 198 -16.46 -12.64 9.50
CA ASP A 198 -17.68 -13.44 9.56
C ASP A 198 -17.35 -14.78 10.20
N LYS A 199 -17.97 -15.09 11.33
CA LYS A 199 -17.65 -16.29 12.10
C LYS A 199 -18.68 -17.38 11.84
N ASP A 200 -18.21 -18.62 11.73
CA ASP A 200 -19.06 -19.81 11.70
C ASP A 200 -20.24 -19.61 10.74
N VAL A 201 -19.90 -19.37 9.48
CA VAL A 201 -20.88 -18.92 8.50
C VAL A 201 -21.79 -20.06 8.08
N LYS A 202 -23.07 -19.73 7.91
CA LYS A 202 -24.08 -20.67 7.43
C LYS A 202 -24.82 -20.04 6.27
N ILE A 203 -25.03 -20.83 5.20
CA ILE A 203 -25.69 -20.39 3.97
C ILE A 203 -27.20 -20.43 4.15
N LYS A 204 -27.91 -19.50 3.51
CA LYS A 204 -29.37 -19.45 3.58
C LYS A 204 -29.96 -20.79 3.19
N LYS A 205 -31.07 -21.16 3.84
CA LYS A 205 -31.68 -22.45 3.53
C LYS A 205 -32.20 -22.48 2.10
N LYS A 206 -32.68 -21.33 1.58
CA LYS A 206 -33.15 -21.27 0.20
C LYS A 206 -32.89 -19.89 -0.37
N GLY A 207 -32.45 -19.86 -1.63
CA GLY A 207 -31.97 -18.66 -2.27
C GLY A 207 -32.93 -18.03 -3.27
N LYS A 208 -32.46 -16.91 -3.83
CA LYS A 208 -33.22 -16.19 -4.86
C LYS A 208 -32.37 -15.90 -6.10
N ILE A 209 -31.24 -16.58 -6.26
CA ILE A 209 -30.35 -16.42 -7.40
C ILE A 209 -29.98 -17.79 -7.95
N TYR A 210 -30.05 -17.95 -9.27
CA TYR A 210 -29.42 -19.08 -9.96
C TYR A 210 -28.28 -18.59 -10.83
N SER A 211 -27.30 -19.47 -11.06
CA SER A 211 -26.02 -19.08 -11.67
C SER A 211 -25.48 -20.24 -12.51
N LEU A 212 -25.52 -20.10 -13.83
CA LEU A 212 -24.87 -21.04 -14.74
C LEU A 212 -24.73 -20.36 -16.10
N ASN A 213 -23.75 -20.81 -16.88
CA ASN A 213 -23.60 -20.33 -18.25
C ASN A 213 -24.73 -20.92 -19.09
N GLU A 214 -25.76 -20.13 -19.37
CA GLU A 214 -26.86 -20.59 -20.21
C GLU A 214 -26.51 -20.54 -21.69
N GLY A 215 -25.30 -20.13 -22.05
CA GLY A 215 -24.87 -20.28 -23.43
C GLY A 215 -24.84 -21.71 -23.92
N TYR A 216 -24.70 -22.68 -23.02
CA TYR A 216 -24.74 -24.09 -23.39
C TYR A 216 -26.14 -24.67 -23.28
N ALA A 217 -27.18 -23.81 -23.28
CA ALA A 217 -28.56 -24.27 -23.19
C ALA A 217 -28.91 -25.34 -24.22
N ARG A 218 -28.43 -25.18 -25.46
CA ARG A 218 -28.65 -26.19 -26.49
C ARG A 218 -28.17 -27.58 -26.09
N ASP A 219 -27.26 -27.67 -25.11
CA ASP A 219 -26.65 -28.93 -24.75
C ASP A 219 -27.13 -29.48 -23.42
N PHE A 220 -27.95 -28.74 -22.68
CA PHE A 220 -28.37 -29.17 -21.35
C PHE A 220 -29.16 -30.47 -21.41
N ASP A 221 -28.93 -31.36 -20.46
CA ASP A 221 -29.81 -32.51 -20.31
C ASP A 221 -31.16 -32.03 -19.74
N PRO A 222 -32.21 -32.85 -19.87
CA PRO A 222 -33.55 -32.35 -19.53
C PRO A 222 -33.73 -31.95 -18.07
N ALA A 223 -32.95 -32.50 -17.15
CA ALA A 223 -33.07 -32.09 -15.77
C ALA A 223 -32.69 -30.62 -15.60
N VAL A 224 -31.56 -30.21 -16.18
CA VAL A 224 -31.15 -28.81 -16.02
C VAL A 224 -32.12 -27.88 -16.75
N THR A 225 -32.56 -28.26 -17.95
CA THR A 225 -33.54 -27.43 -18.67
C THR A 225 -34.79 -27.22 -17.84
N GLU A 226 -35.30 -28.28 -17.21
CA GLU A 226 -36.51 -28.13 -16.41
C GLU A 226 -36.25 -27.36 -15.13
N TYR A 227 -35.12 -27.62 -14.46
CA TYR A 227 -34.82 -26.86 -13.25
C TYR A 227 -34.69 -25.38 -13.57
N ILE A 228 -34.04 -25.05 -14.69
CA ILE A 228 -33.85 -23.66 -15.05
C ILE A 228 -35.17 -23.01 -15.47
N GLN A 229 -36.03 -23.78 -16.14
CA GLN A 229 -37.36 -23.27 -16.43
C GLN A 229 -38.13 -22.99 -15.14
N ARG A 230 -37.90 -23.81 -14.12
CA ARG A 230 -38.59 -23.59 -12.85
C ARG A 230 -38.18 -22.26 -12.22
N LYS A 231 -36.97 -21.80 -12.48
CA LYS A 231 -36.48 -20.57 -11.86
C LYS A 231 -36.99 -19.31 -12.56
N LYS A 232 -37.17 -19.35 -13.89
CA LYS A 232 -37.69 -18.21 -14.63
C LYS A 232 -39.21 -18.15 -14.64
N PHE A 233 -39.88 -19.31 -14.62
CA PHE A 233 -41.33 -19.40 -14.62
C PHE A 233 -41.73 -20.32 -13.49
N PRO A 234 -41.66 -19.85 -12.26
CA PRO A 234 -41.99 -20.69 -11.11
C PRO A 234 -43.44 -21.11 -11.18
N PRO A 235 -43.71 -22.41 -11.17
CA PRO A 235 -45.09 -22.88 -11.34
C PRO A 235 -45.94 -22.59 -10.12
N ASP A 236 -45.39 -21.87 -9.15
CA ASP A 236 -45.98 -21.64 -7.84
C ASP A 236 -46.00 -20.16 -7.51
N ASN A 237 -46.67 -19.32 -8.32
CA ASN A 237 -46.99 -18.00 -7.77
C ASN A 237 -45.78 -17.08 -7.76
N SER A 238 -44.61 -17.63 -7.44
CA SER A 238 -43.59 -16.90 -6.72
C SER A 238 -42.76 -16.02 -7.64
N ALA A 239 -41.86 -15.23 -7.02
CA ALA A 239 -40.99 -14.39 -7.79
C ALA A 239 -39.93 -15.25 -8.48
N PRO A 240 -39.64 -14.98 -9.74
CA PRO A 240 -38.55 -15.68 -10.41
C PRO A 240 -37.22 -15.34 -9.76
N TYR A 241 -36.30 -16.29 -9.82
CA TYR A 241 -34.96 -16.04 -9.33
C TYR A 241 -34.24 -15.01 -10.19
N GLY A 242 -33.30 -14.32 -9.58
CA GLY A 242 -32.38 -13.52 -10.36
C GLY A 242 -31.25 -14.36 -10.90
N ALA A 243 -30.62 -13.85 -11.96
CA ALA A 243 -29.50 -14.51 -12.62
C ALA A 243 -28.22 -13.72 -12.39
N ARG A 244 -27.15 -14.44 -12.04
CA ARG A 244 -25.80 -13.93 -11.96
C ARG A 244 -24.88 -15.01 -12.51
N TYR A 245 -24.01 -14.66 -13.46
CA TYR A 245 -22.94 -15.56 -13.84
C TYR A 245 -21.72 -14.70 -14.10
N VAL A 246 -20.80 -14.68 -13.14
CA VAL A 246 -19.57 -13.90 -13.31
C VAL A 246 -18.67 -14.59 -14.32
N GLY A 247 -18.72 -15.91 -14.40
CA GLY A 247 -17.79 -16.64 -15.21
C GLY A 247 -16.51 -16.99 -14.49
N SER A 248 -16.38 -16.64 -13.22
CA SER A 248 -15.24 -17.06 -12.42
C SER A 248 -15.76 -17.78 -11.18
N MET A 249 -15.38 -19.06 -11.02
CA MET A 249 -15.98 -19.91 -10.01
C MET A 249 -15.85 -19.33 -8.61
N VAL A 250 -14.66 -18.83 -8.25
CA VAL A 250 -14.51 -18.28 -6.91
C VAL A 250 -15.53 -17.17 -6.66
N ALA A 251 -15.73 -16.30 -7.66
CA ALA A 251 -16.69 -15.21 -7.52
C ALA A 251 -18.12 -15.75 -7.42
N ASP A 252 -18.50 -16.65 -8.33
CA ASP A 252 -19.86 -17.17 -8.36
C ASP A 252 -20.18 -17.99 -7.12
N VAL A 253 -19.20 -18.71 -6.58
CA VAL A 253 -19.45 -19.56 -5.43
C VAL A 253 -19.52 -18.74 -4.15
N HIS A 254 -18.62 -17.76 -4.01
CA HIS A 254 -18.65 -16.87 -2.85
C HIS A 254 -19.97 -16.14 -2.73
N ARG A 255 -20.46 -15.57 -3.83
CA ARG A 255 -21.77 -14.93 -3.84
C ARG A 255 -22.86 -15.91 -3.41
N THR A 256 -22.85 -17.12 -3.99
CA THR A 256 -23.75 -18.17 -3.53
C THR A 256 -23.67 -18.33 -2.01
N LEU A 257 -22.44 -18.40 -1.47
CA LEU A 257 -22.27 -18.53 -0.03
C LEU A 257 -22.82 -17.31 0.71
N VAL A 258 -22.48 -16.11 0.23
CA VAL A 258 -22.86 -14.89 0.94
C VAL A 258 -24.34 -14.62 0.81
N TYR A 259 -24.89 -14.76 -0.40
CA TYR A 259 -26.28 -14.41 -0.67
C TYR A 259 -27.24 -15.61 -0.68
N GLY A 260 -26.74 -16.84 -0.87
CA GLY A 260 -27.63 -17.97 -1.05
C GLY A 260 -27.95 -18.23 -2.52
N GLY A 261 -28.69 -19.31 -2.76
CA GLY A 261 -29.04 -19.66 -4.13
C GLY A 261 -28.30 -20.87 -4.65
N ILE A 262 -28.15 -20.99 -5.97
CA ILE A 262 -27.62 -22.19 -6.57
C ILE A 262 -26.65 -21.84 -7.68
N PHE A 263 -25.55 -22.60 -7.77
CA PHE A 263 -24.56 -22.51 -8.83
C PHE A 263 -24.48 -23.85 -9.55
N LEU A 264 -24.35 -23.81 -10.88
CA LEU A 264 -24.32 -25.02 -11.68
C LEU A 264 -23.28 -24.90 -12.78
N TYR A 265 -22.47 -25.92 -12.96
CA TYR A 265 -21.74 -26.17 -14.20
C TYR A 265 -22.02 -27.61 -14.59
N PRO A 266 -23.17 -27.87 -15.21
CA PRO A 266 -23.47 -29.21 -15.68
C PRO A 266 -22.62 -29.54 -16.90
N ALA A 267 -22.66 -30.80 -17.33
CA ALA A 267 -21.93 -31.22 -18.52
C ALA A 267 -22.60 -30.68 -19.80
N ASN A 268 -21.81 -30.60 -20.88
CA ASN A 268 -22.29 -30.23 -22.22
C ASN A 268 -21.51 -31.03 -23.26
N LYS A 269 -21.69 -30.67 -24.54
CA LYS A 269 -21.15 -31.49 -25.63
C LYS A 269 -19.62 -31.54 -25.59
N LYS A 270 -18.97 -30.39 -25.74
CA LYS A 270 -17.65 -30.29 -25.14
C LYS A 270 -17.84 -30.25 -23.62
N SER A 271 -16.88 -30.82 -22.90
CA SER A 271 -17.08 -31.10 -21.47
C SER A 271 -18.19 -32.12 -21.24
N PRO A 272 -18.05 -33.36 -21.73
CA PRO A 272 -19.04 -34.40 -21.38
C PRO A 272 -19.00 -34.84 -19.91
N ASN A 273 -17.85 -34.71 -19.23
CA ASN A 273 -17.71 -34.97 -17.80
C ASN A 273 -17.80 -33.70 -16.97
N GLY A 274 -18.40 -32.63 -17.51
CA GLY A 274 -18.35 -31.32 -16.89
C GLY A 274 -17.02 -30.63 -17.10
N LYS A 275 -16.94 -29.32 -16.84
CA LYS A 275 -15.72 -28.57 -17.08
C LYS A 275 -14.86 -28.39 -15.83
N LEU A 276 -15.45 -28.12 -14.68
CA LEU A 276 -14.65 -27.77 -13.53
C LEU A 276 -13.91 -29.00 -13.00
N ARG A 277 -12.83 -28.73 -12.25
CA ARG A 277 -11.90 -29.77 -11.81
C ARG A 277 -12.31 -30.32 -10.46
N LEU A 278 -12.29 -31.66 -10.33
CA LEU A 278 -12.76 -32.27 -9.10
C LEU A 278 -11.82 -31.97 -7.94
N LEU A 279 -10.50 -32.16 -8.14
CA LEU A 279 -9.55 -32.10 -7.04
C LEU A 279 -9.45 -30.69 -6.45
N TYR A 280 -9.23 -29.68 -7.29
CA TYR A 280 -8.92 -28.35 -6.78
C TYR A 280 -9.95 -27.28 -7.14
N GLU A 281 -11.12 -27.65 -7.66
CA GLU A 281 -12.21 -26.69 -7.85
C GLU A 281 -13.49 -27.16 -7.18
N CYS A 282 -13.99 -28.35 -7.53
CA CYS A 282 -15.26 -28.83 -7.02
C CYS A 282 -15.16 -29.25 -5.56
N ASN A 283 -14.17 -30.10 -5.23
CA ASN A 283 -14.09 -30.59 -3.85
C ASN A 283 -13.89 -29.47 -2.84
N PRO A 284 -12.92 -28.55 -3.00
CA PRO A 284 -12.84 -27.42 -2.05
C PRO A 284 -14.16 -26.68 -1.90
N MET A 285 -14.83 -26.39 -3.01
CA MET A 285 -16.08 -25.64 -2.93
C MET A 285 -17.19 -26.45 -2.29
N ALA A 286 -17.28 -27.75 -2.65
CA ALA A 286 -18.25 -28.62 -2.02
C ALA A 286 -18.02 -28.70 -0.52
N TYR A 287 -16.75 -28.75 -0.11
CA TYR A 287 -16.43 -28.81 1.31
C TYR A 287 -16.85 -27.53 2.02
N VAL A 288 -16.42 -26.37 1.52
CA VAL A 288 -16.86 -25.09 2.07
C VAL A 288 -18.38 -25.07 2.21
N MET A 289 -19.07 -25.51 1.16
CA MET A 289 -20.53 -25.48 1.17
C MET A 289 -21.09 -26.41 2.25
N GLU A 290 -20.62 -27.67 2.29
CA GLU A 290 -21.20 -28.62 3.24
C GLU A 290 -20.95 -28.17 4.68
N LYS A 291 -19.76 -27.63 4.96
CA LYS A 291 -19.51 -27.10 6.31
C LYS A 291 -20.39 -25.89 6.61
N ALA A 292 -20.96 -25.26 5.59
CA ALA A 292 -21.80 -24.08 5.74
C ALA A 292 -23.29 -24.43 5.75
N GLY A 293 -23.62 -25.71 5.77
CA GLY A 293 -25.00 -26.13 5.72
C GLY A 293 -25.55 -26.33 4.34
N GLY A 294 -24.72 -26.20 3.30
CA GLY A 294 -25.15 -26.31 1.93
C GLY A 294 -24.89 -27.70 1.36
N MET A 295 -25.07 -27.81 0.05
CA MET A 295 -24.93 -29.10 -0.61
C MET A 295 -24.16 -28.91 -1.91
N ALA A 296 -23.64 -30.03 -2.43
CA ALA A 296 -22.88 -30.00 -3.67
C ALA A 296 -22.94 -31.39 -4.30
N THR A 297 -23.69 -31.51 -5.39
CA THR A 297 -23.90 -32.79 -6.05
C THR A 297 -23.38 -32.72 -7.47
N THR A 298 -23.05 -33.88 -8.01
CA THR A 298 -22.86 -34.06 -9.44
C THR A 298 -24.15 -34.45 -10.15
N GLY A 299 -25.25 -34.56 -9.40
CA GLY A 299 -26.49 -35.14 -9.91
C GLY A 299 -26.62 -36.58 -9.49
N LYS A 300 -25.57 -37.37 -9.72
CA LYS A 300 -25.56 -38.78 -9.37
C LYS A 300 -25.11 -39.03 -7.93
N GLU A 301 -24.26 -38.18 -7.38
CA GLU A 301 -23.69 -38.41 -6.06
C GLU A 301 -23.23 -37.08 -5.51
N ALA A 302 -22.91 -37.06 -4.22
CA ALA A 302 -22.32 -35.87 -3.62
C ALA A 302 -20.88 -35.74 -4.10
N VAL A 303 -20.46 -34.50 -4.39
CA VAL A 303 -19.14 -34.27 -4.97
C VAL A 303 -18.04 -34.87 -4.10
N LEU A 304 -18.21 -34.85 -2.79
CA LEU A 304 -17.17 -35.30 -1.89
C LEU A 304 -17.07 -36.82 -1.81
N ASP A 305 -18.03 -37.54 -2.39
CA ASP A 305 -17.99 -39.00 -2.43
C ASP A 305 -17.34 -39.55 -3.70
N VAL A 306 -17.11 -38.70 -4.69
CA VAL A 306 -16.43 -39.13 -5.91
C VAL A 306 -15.00 -39.53 -5.56
N ILE A 307 -14.61 -40.74 -5.93
CA ILE A 307 -13.24 -41.21 -5.76
C ILE A 307 -12.48 -40.87 -7.04
N PRO A 308 -11.49 -39.98 -6.97
CA PRO A 308 -10.76 -39.61 -8.19
C PRO A 308 -9.88 -40.74 -8.68
N THR A 309 -9.56 -40.67 -9.97
CA THR A 309 -8.57 -41.52 -10.60
C THR A 309 -7.46 -40.73 -11.29
N ASP A 310 -7.68 -39.45 -11.56
CA ASP A 310 -6.74 -38.61 -12.29
C ASP A 310 -6.79 -37.21 -11.71
N ILE A 311 -5.61 -36.65 -11.40
CA ILE A 311 -5.56 -35.40 -10.66
C ILE A 311 -6.27 -34.26 -11.38
N HIS A 312 -6.37 -34.31 -12.71
CA HIS A 312 -6.98 -33.21 -13.45
C HIS A 312 -8.36 -33.55 -13.99
N GLN A 313 -8.96 -34.65 -13.53
CA GLN A 313 -10.26 -35.03 -14.06
C GLN A 313 -11.30 -33.96 -13.75
N ARG A 314 -12.33 -33.93 -14.59
CA ARG A 314 -13.38 -32.94 -14.48
C ARG A 314 -14.58 -33.56 -13.76
N ALA A 315 -15.55 -32.71 -13.42
CA ALA A 315 -16.77 -33.16 -12.76
C ALA A 315 -17.88 -32.16 -12.99
N PRO A 316 -19.13 -32.59 -13.18
CA PRO A 316 -20.25 -31.66 -13.10
C PRO A 316 -20.47 -31.28 -11.65
N VAL A 317 -21.08 -30.11 -11.46
CA VAL A 317 -21.30 -29.62 -10.10
C VAL A 317 -22.58 -28.80 -10.03
N ILE A 318 -23.35 -29.07 -9.00
CA ILE A 318 -24.50 -28.27 -8.60
C ILE A 318 -24.37 -28.09 -7.10
N LEU A 319 -24.17 -26.85 -6.65
CA LEU A 319 -23.97 -26.63 -5.24
C LEU A 319 -24.76 -25.41 -4.80
N GLY A 320 -24.91 -25.25 -3.49
CA GLY A 320 -25.49 -24.03 -2.96
C GLY A 320 -26.38 -24.26 -1.77
N SER A 321 -27.41 -23.42 -1.65
CA SER A 321 -28.38 -23.56 -0.59
C SER A 321 -29.02 -24.95 -0.64
N PRO A 322 -29.30 -25.55 0.53
CA PRO A 322 -29.79 -26.94 0.54
C PRO A 322 -31.17 -27.12 -0.09
N ASP A 323 -32.12 -26.20 0.14
CA ASP A 323 -33.43 -26.34 -0.48
C ASP A 323 -33.34 -26.28 -2.00
N ASP A 324 -32.43 -25.47 -2.54
CA ASP A 324 -32.30 -25.33 -3.99
C ASP A 324 -31.64 -26.54 -4.62
N VAL A 325 -30.67 -27.13 -3.94
CA VAL A 325 -30.05 -28.34 -4.47
C VAL A 325 -31.03 -29.52 -4.35
N LEU A 326 -31.75 -29.61 -3.23
CA LEU A 326 -32.74 -30.69 -3.10
C LEU A 326 -33.77 -30.58 -4.21
N GLU A 327 -34.19 -29.35 -4.52
CA GLU A 327 -35.15 -29.14 -5.60
C GLU A 327 -34.58 -29.60 -6.93
N PHE A 328 -33.30 -29.30 -7.20
CA PHE A 328 -32.73 -29.78 -8.45
C PHE A 328 -32.73 -31.29 -8.51
N LEU A 329 -32.41 -31.94 -7.39
CA LEU A 329 -32.29 -33.39 -7.38
C LEU A 329 -33.64 -34.06 -7.59
N LYS A 330 -34.73 -33.45 -7.08
CA LYS A 330 -36.05 -33.99 -7.36
C LYS A 330 -36.36 -33.90 -8.85
N VAL A 331 -35.91 -32.84 -9.50
CA VAL A 331 -36.01 -32.76 -10.96
C VAL A 331 -35.14 -33.83 -11.61
N TYR A 332 -33.90 -33.97 -11.13
CA TYR A 332 -33.03 -35.02 -11.63
C TYR A 332 -33.70 -36.39 -11.56
N GLU A 333 -34.29 -36.72 -10.41
CA GLU A 333 -34.91 -38.02 -10.25
C GLU A 333 -36.05 -38.22 -11.25
N LYS A 334 -36.92 -37.21 -11.36
CA LYS A 334 -38.00 -37.26 -12.35
C LYS A 334 -37.49 -37.69 -13.74
N HIS A 335 -36.24 -37.35 -14.09
CA HIS A 335 -35.68 -37.66 -15.39
C HIS A 335 -34.65 -38.78 -15.34
N SER A 336 -34.61 -39.53 -14.25
CA SER A 336 -33.54 -40.53 -14.11
C SER A 336 -34.02 -41.93 -14.53
N ALA A 337 -33.19 -42.61 -15.33
N ASP B 10 7.72 4.48 -24.20
CA ASP B 10 7.70 5.68 -23.35
C ASP B 10 6.45 5.74 -22.44
N VAL B 11 6.65 5.65 -21.11
CA VAL B 11 5.53 5.46 -20.18
C VAL B 11 4.66 6.71 -20.10
N ASN B 12 3.35 6.49 -20.03
CA ASN B 12 2.38 7.58 -20.08
C ASN B 12 1.34 7.41 -18.97
N THR B 13 1.00 8.51 -18.32
CA THR B 13 -0.05 8.52 -17.31
C THR B 13 -1.29 9.21 -17.84
N LEU B 14 -2.38 9.10 -17.08
CA LEU B 14 -3.59 9.84 -17.42
C LEU B 14 -3.34 11.34 -17.39
N THR B 15 -2.58 11.80 -16.39
CA THR B 15 -2.27 13.22 -16.27
C THR B 15 -1.47 13.72 -17.47
N ARG B 16 -0.33 13.07 -17.77
CA ARG B 16 0.44 13.45 -18.96
C ARG B 16 -0.43 13.41 -20.21
N PHE B 17 -1.26 12.38 -20.33
CA PHE B 17 -2.05 12.21 -21.55
C PHE B 17 -3.05 13.35 -21.72
N VAL B 18 -3.74 13.72 -20.65
CA VAL B 18 -4.79 14.72 -20.80
C VAL B 18 -4.19 16.12 -20.90
N MET B 19 -3.06 16.35 -20.21
CA MET B 19 -2.31 17.59 -20.41
C MET B 19 -1.89 17.79 -21.85
N GLU B 20 -1.29 16.76 -22.48
CA GLU B 20 -0.84 16.94 -23.85
C GLU B 20 -2.01 17.18 -24.79
N GLU B 21 -3.13 16.47 -24.58
CA GLU B 21 -4.33 16.77 -25.34
C GLU B 21 -4.83 18.19 -25.06
N GLY B 22 -4.73 18.64 -23.81
CA GLY B 22 -5.28 19.94 -23.45
C GLY B 22 -4.48 21.09 -24.00
N ARG B 23 -3.15 21.01 -23.89
CA ARG B 23 -2.30 22.06 -24.42
C ARG B 23 -2.30 22.08 -25.93
N LYS B 24 -2.61 20.95 -26.58
CA LYS B 24 -2.76 20.99 -28.03
C LYS B 24 -4.02 21.74 -28.43
N ALA B 25 -5.07 21.65 -27.61
CA ALA B 25 -6.32 22.35 -27.86
C ALA B 25 -6.32 23.76 -27.32
N ARG B 26 -5.22 24.18 -26.70
CA ARG B 26 -5.07 25.53 -26.17
C ARG B 26 -6.22 25.90 -25.23
N GLY B 27 -6.50 25.00 -24.28
CA GLY B 27 -7.62 25.17 -23.38
C GLY B 27 -7.25 25.89 -22.11
N THR B 28 -8.26 26.09 -21.26
CA THR B 28 -8.07 26.89 -20.04
C THR B 28 -7.53 26.07 -18.87
N GLY B 29 -7.39 24.77 -19.02
CA GLY B 29 -6.88 23.92 -17.96
C GLY B 29 -7.93 23.29 -17.09
N GLU B 30 -9.20 23.70 -17.19
CA GLU B 30 -10.20 23.23 -16.24
C GLU B 30 -10.44 21.73 -16.37
N LEU B 31 -10.54 21.22 -17.60
CA LEU B 31 -10.84 19.80 -17.80
C LEU B 31 -9.72 18.91 -17.25
N THR B 32 -8.46 19.34 -17.40
CA THR B 32 -7.37 18.63 -16.78
C THR B 32 -7.47 18.73 -15.26
N GLN B 33 -7.80 19.92 -14.72
CA GLN B 33 -8.04 20.03 -13.29
C GLN B 33 -9.10 19.05 -12.82
N LEU B 34 -10.19 18.95 -13.59
CA LEU B 34 -11.30 18.06 -13.26
C LEU B 34 -10.87 16.60 -13.23
N LEU B 35 -10.21 16.13 -14.30
CA LEU B 35 -9.88 14.72 -14.36
C LEU B 35 -8.84 14.33 -13.32
N ASN B 36 -7.94 15.26 -12.95
CA ASN B 36 -7.03 14.98 -11.85
C ASN B 36 -7.78 14.80 -10.55
N SER B 37 -8.75 15.67 -10.28
CA SER B 37 -9.59 15.50 -9.09
C SER B 37 -10.29 14.14 -9.12
N LEU B 38 -10.97 13.84 -10.22
CA LEU B 38 -11.60 12.54 -10.41
C LEU B 38 -10.60 11.42 -10.13
N CYS B 39 -9.41 11.51 -10.74
CA CYS B 39 -8.40 10.48 -10.54
C CYS B 39 -8.08 10.30 -9.07
N THR B 40 -7.92 11.41 -8.35
CA THR B 40 -7.61 11.32 -6.93
C THR B 40 -8.76 10.67 -6.18
N ALA B 41 -9.98 11.10 -6.48
CA ALA B 41 -11.14 10.51 -5.83
C ALA B 41 -11.19 9.01 -6.10
N VAL B 42 -10.98 8.61 -7.37
CA VAL B 42 -10.99 7.20 -7.73
C VAL B 42 -9.96 6.43 -6.90
N LYS B 43 -8.74 6.97 -6.76
CA LYS B 43 -7.71 6.28 -5.99
C LYS B 43 -8.13 6.09 -4.55
N ALA B 44 -8.75 7.11 -3.95
CA ALA B 44 -9.28 6.96 -2.60
C ALA B 44 -10.40 5.94 -2.57
N ILE B 45 -11.30 5.95 -3.56
CA ILE B 45 -12.37 4.96 -3.55
C ILE B 45 -11.80 3.55 -3.59
N SER B 46 -10.78 3.35 -4.41
CA SER B 46 -10.18 2.03 -4.55
C SER B 46 -9.56 1.58 -3.23
N SER B 47 -8.86 2.49 -2.55
CA SER B 47 -8.30 2.15 -1.25
C SER B 47 -9.40 1.71 -0.29
N ALA B 48 -10.53 2.42 -0.27
CA ALA B 48 -11.63 2.06 0.61
C ALA B 48 -12.30 0.76 0.18
N VAL B 49 -12.57 0.62 -1.12
CA VAL B 49 -13.17 -0.61 -1.62
C VAL B 49 -12.28 -1.79 -1.27
N ARG B 50 -10.97 -1.65 -1.48
CA ARG B 50 -10.08 -2.76 -1.14
C ARG B 50 -9.93 -2.96 0.36
N LYS B 51 -10.65 -2.17 1.15
CA LYS B 51 -10.82 -2.38 2.59
C LYS B 51 -9.55 -2.04 3.38
N ALA B 52 -8.77 -1.08 2.90
CA ALA B 52 -7.60 -0.64 3.64
C ALA B 52 -8.04 0.00 4.96
N GLY B 53 -7.37 -0.38 6.04
CA GLY B 53 -7.76 0.12 7.35
C GLY B 53 -9.05 -0.47 7.90
N ILE B 54 -9.53 -1.60 7.34
CA ILE B 54 -10.70 -2.28 7.90
C ILE B 54 -10.41 -2.79 9.30
N ALA B 55 -9.14 -3.06 9.61
CA ALA B 55 -8.80 -3.63 10.90
C ALA B 55 -9.19 -2.72 12.04
N HIS B 56 -9.15 -1.40 11.82
CA HIS B 56 -9.48 -0.47 12.89
C HIS B 56 -10.95 -0.57 13.26
N LEU B 57 -11.81 -0.76 12.25
CA LEU B 57 -13.24 -0.94 12.52
C LEU B 57 -13.52 -2.18 13.32
N TYR B 58 -12.61 -3.16 13.30
CA TYR B 58 -12.77 -4.38 14.06
C TYR B 58 -11.96 -4.35 15.36
N GLY B 59 -11.72 -3.17 15.91
CA GLY B 59 -11.20 -3.00 17.25
C GLY B 59 -9.70 -3.16 17.42
N ILE B 60 -8.94 -3.02 16.34
CA ILE B 60 -7.51 -3.30 16.44
C ILE B 60 -6.81 -2.31 17.37
N ALA B 61 -7.35 -1.10 17.52
CA ALA B 61 -6.72 -0.09 18.37
C ALA B 61 -7.56 0.25 19.59
N GLY B 62 -8.55 -0.58 19.93
CA GLY B 62 -9.46 -0.29 21.03
C GLY B 62 -10.91 -0.06 20.63
N SER B 63 -11.20 1.05 19.96
CA SER B 63 -12.56 1.38 19.56
C SER B 63 -12.84 0.91 18.12
N LYS B 73 -22.09 2.65 3.77
CA LYS B 73 -21.18 3.78 3.95
C LYS B 73 -20.18 3.86 2.79
N LEU B 74 -19.92 2.74 2.12
CA LEU B 74 -18.96 2.76 1.02
C LEU B 74 -19.52 3.57 -0.16
N ASP B 75 -20.81 3.37 -0.46
CA ASP B 75 -21.60 4.29 -1.28
C ASP B 75 -21.32 5.73 -0.91
N VAL B 76 -21.61 6.07 0.34
CA VAL B 76 -21.66 7.45 0.77
C VAL B 76 -20.26 8.05 0.81
N LEU B 77 -19.29 7.26 1.22
CA LEU B 77 -17.92 7.74 1.25
C LEU B 77 -17.42 7.98 -0.18
N SER B 78 -17.77 7.09 -1.11
CA SER B 78 -17.40 7.32 -2.50
C SER B 78 -18.06 8.56 -3.05
N ASN B 79 -19.36 8.73 -2.79
CA ASN B 79 -20.00 9.99 -3.18
C ASN B 79 -19.27 11.18 -2.56
N ASP B 80 -18.96 11.08 -1.26
CA ASP B 80 -18.33 12.21 -0.57
C ASP B 80 -16.99 12.58 -1.20
N LEU B 81 -16.24 11.58 -1.66
CA LEU B 81 -14.95 11.85 -2.29
C LEU B 81 -15.12 12.50 -3.67
N VAL B 82 -16.02 11.97 -4.50
CA VAL B 82 -16.20 12.54 -5.83
C VAL B 82 -16.72 13.98 -5.72
N MET B 83 -17.74 14.18 -4.88
CA MET B 83 -18.27 15.53 -4.71
C MET B 83 -17.19 16.50 -4.27
N ASN B 84 -16.54 16.21 -3.14
CA ASN B 84 -15.56 17.15 -2.60
C ASN B 84 -14.38 17.35 -3.55
N MET B 85 -13.84 16.28 -4.12
CA MET B 85 -12.73 16.45 -5.06
C MET B 85 -13.16 17.27 -6.27
N LEU B 86 -14.36 17.04 -6.79
CA LEU B 86 -14.79 17.75 -7.98
C LEU B 86 -15.02 19.23 -7.69
N LYS B 87 -15.74 19.52 -6.60
CA LYS B 87 -15.92 20.90 -6.15
C LYS B 87 -14.59 21.64 -6.06
N SER B 88 -13.61 21.05 -5.37
CA SER B 88 -12.32 21.69 -5.13
C SER B 88 -11.46 21.78 -6.38
N SER B 89 -11.95 21.30 -7.53
CA SER B 89 -11.22 21.45 -8.78
C SER B 89 -11.36 22.85 -9.39
N PHE B 90 -12.37 23.61 -8.98
CA PHE B 90 -12.74 24.89 -9.60
C PHE B 90 -13.12 24.73 -11.07
N ALA B 91 -13.45 23.52 -11.51
CA ALA B 91 -13.83 23.29 -12.90
C ALA B 91 -15.30 22.93 -13.07
N THR B 92 -16.10 22.87 -12.01
CA THR B 92 -17.47 22.38 -12.14
C THR B 92 -18.46 23.37 -11.54
N CYS B 93 -19.68 23.35 -12.08
CA CYS B 93 -20.73 24.17 -11.50
C CYS B 93 -21.95 23.37 -11.05
N VAL B 94 -22.26 22.26 -11.70
CA VAL B 94 -23.40 21.42 -11.35
C VAL B 94 -22.94 19.97 -11.27
N LEU B 95 -23.34 19.28 -10.21
CA LEU B 95 -22.97 17.87 -10.00
C LEU B 95 -24.22 17.03 -9.76
N VAL B 96 -24.44 16.04 -10.62
CA VAL B 96 -25.57 15.12 -10.49
C VAL B 96 -25.00 13.76 -10.11
N SER B 97 -25.48 13.21 -8.98
CA SER B 97 -25.03 11.91 -8.48
C SER B 97 -26.23 11.02 -8.22
N GLU B 98 -26.11 9.73 -8.55
CA GLU B 98 -27.13 8.75 -8.15
C GLU B 98 -27.47 8.86 -6.68
N GLU B 99 -26.52 9.32 -5.85
CA GLU B 99 -26.71 9.32 -4.41
C GLU B 99 -27.43 10.55 -3.89
N ASP B 100 -27.79 11.50 -4.75
CA ASP B 100 -28.40 12.75 -4.32
C ASP B 100 -29.71 12.97 -5.05
N LYS B 101 -30.74 13.35 -4.29
CA LYS B 101 -32.05 13.60 -4.87
C LYS B 101 -32.02 14.75 -5.90
N HIS B 102 -31.40 15.87 -5.55
CA HIS B 102 -31.32 17.01 -6.44
C HIS B 102 -29.90 17.22 -6.93
N ALA B 103 -29.78 17.97 -8.03
CA ALA B 103 -28.47 18.39 -8.47
C ALA B 103 -27.82 19.24 -7.40
N ILE B 104 -26.52 19.04 -7.22
CA ILE B 104 -25.70 19.84 -6.31
C ILE B 104 -25.15 21.03 -7.08
N ILE B 105 -25.48 22.23 -6.63
CA ILE B 105 -24.93 23.46 -7.22
C ILE B 105 -23.66 23.80 -6.46
N VAL B 106 -22.54 23.89 -7.19
CA VAL B 106 -21.27 24.28 -6.57
C VAL B 106 -21.38 25.69 -6.02
N GLU B 107 -20.77 25.93 -4.86
CA GLU B 107 -20.82 27.26 -4.29
C GLU B 107 -20.12 28.24 -5.25
N PRO B 108 -20.54 29.51 -5.25
CA PRO B 108 -20.12 30.42 -6.34
C PRO B 108 -18.62 30.55 -6.54
N GLU B 109 -17.84 30.64 -5.47
CA GLU B 109 -16.43 30.95 -5.64
C GLU B 109 -15.60 29.73 -6.05
N LYS B 110 -16.23 28.57 -6.25
CA LYS B 110 -15.55 27.40 -6.77
C LYS B 110 -16.05 27.00 -8.16
N ARG B 111 -16.94 27.77 -8.76
CA ARG B 111 -17.62 27.34 -9.98
C ARG B 111 -16.66 27.33 -11.16
N GLY B 112 -16.70 26.23 -11.92
CA GLY B 112 -16.02 26.10 -13.19
C GLY B 112 -17.03 25.89 -14.29
N LYS B 113 -16.61 25.42 -15.47
CA LYS B 113 -17.50 25.47 -16.61
C LYS B 113 -18.16 24.13 -16.95
N TYR B 114 -17.81 23.05 -16.25
CA TYR B 114 -18.29 21.72 -16.59
C TYR B 114 -19.42 21.26 -15.67
N VAL B 115 -20.30 20.44 -16.23
CA VAL B 115 -21.36 19.74 -15.52
C VAL B 115 -20.97 18.27 -15.50
N VAL B 116 -20.97 17.64 -14.33
CA VAL B 116 -20.63 16.23 -14.23
C VAL B 116 -21.81 15.45 -13.67
N CYS B 117 -22.13 14.33 -14.35
CA CYS B 117 -23.05 13.31 -13.87
C CYS B 117 -22.26 12.07 -13.55
N PHE B 118 -22.48 11.50 -12.36
CA PHE B 118 -21.68 10.35 -12.00
C PHE B 118 -22.46 9.41 -11.09
N ASP B 119 -22.08 8.13 -11.14
CA ASP B 119 -22.52 7.12 -10.19
C ASP B 119 -21.32 6.69 -9.37
N PRO B 120 -21.18 7.12 -8.11
CA PRO B 120 -19.88 6.98 -7.43
C PRO B 120 -19.46 5.54 -7.19
N LEU B 121 -20.40 4.61 -6.97
CA LEU B 121 -20.04 3.23 -6.65
C LEU B 121 -21.11 2.32 -7.26
N ASP B 122 -21.11 2.27 -8.59
CA ASP B 122 -22.11 1.47 -9.28
C ASP B 122 -21.92 -0.02 -8.99
N GLY B 123 -23.04 -0.71 -8.80
CA GLY B 123 -23.05 -2.12 -8.47
C GLY B 123 -22.97 -2.45 -6.99
N SER B 124 -22.74 -1.45 -6.14
CA SER B 124 -22.61 -1.67 -4.70
C SER B 124 -23.79 -2.40 -4.09
N SER B 125 -24.93 -2.49 -4.80
CA SER B 125 -26.07 -3.26 -4.30
C SER B 125 -25.62 -4.66 -3.85
N ASN B 126 -24.72 -5.28 -4.59
CA ASN B 126 -24.21 -6.58 -4.20
C ASN B 126 -22.73 -6.55 -3.83
N ILE B 127 -22.25 -5.45 -3.25
CA ILE B 127 -20.86 -5.38 -2.83
C ILE B 127 -20.57 -6.22 -1.60
N ASP B 128 -21.61 -6.75 -0.94
CA ASP B 128 -21.37 -7.65 0.17
C ASP B 128 -20.76 -8.97 -0.27
N CYS B 129 -20.85 -9.32 -1.55
CA CYS B 129 -20.23 -10.54 -2.01
C CYS B 129 -18.94 -10.27 -2.76
N LEU B 130 -18.41 -9.06 -2.64
CA LEU B 130 -17.16 -8.64 -3.26
C LEU B 130 -17.22 -8.65 -4.79
N VAL B 131 -18.43 -8.47 -5.32
CA VAL B 131 -18.60 -8.27 -6.76
C VAL B 131 -17.84 -7.03 -7.19
N SER B 132 -17.35 -7.05 -8.43
CA SER B 132 -16.72 -5.89 -9.01
C SER B 132 -17.67 -4.70 -8.97
N VAL B 133 -17.12 -3.52 -8.72
CA VAL B 133 -17.90 -2.28 -8.72
C VAL B 133 -17.10 -1.20 -9.45
N GLY B 134 -17.73 -0.06 -9.67
CA GLY B 134 -17.02 0.99 -10.37
C GLY B 134 -17.64 2.35 -10.15
N THR B 135 -16.91 3.35 -10.59
CA THR B 135 -17.38 4.73 -10.64
C THR B 135 -17.61 5.07 -12.10
N ILE B 136 -18.75 5.67 -12.41
CA ILE B 136 -19.10 6.05 -13.77
C ILE B 136 -19.29 7.55 -13.81
N PHE B 137 -18.76 8.18 -14.86
CA PHE B 137 -18.81 9.63 -14.98
C PHE B 137 -19.01 10.05 -16.43
N GLY B 138 -19.75 11.14 -16.59
CA GLY B 138 -19.91 11.83 -17.86
C GLY B 138 -19.82 13.34 -17.68
N ILE B 139 -19.11 14.03 -18.56
CA ILE B 139 -18.73 15.42 -18.36
C ILE B 139 -19.31 16.25 -19.50
N TYR B 140 -20.04 17.32 -19.15
CA TYR B 140 -20.64 18.23 -20.11
C TYR B 140 -20.13 19.64 -19.89
N ARG B 141 -20.15 20.47 -20.95
CA ARG B 141 -20.07 21.92 -20.81
C ARG B 141 -21.43 22.46 -20.42
N LYS B 142 -21.45 23.37 -19.44
CA LYS B 142 -22.61 24.23 -19.26
C LYS B 142 -22.85 25.00 -20.57
N LYS B 143 -24.06 24.88 -21.13
CA LYS B 143 -24.35 25.49 -22.41
C LYS B 143 -24.96 26.87 -22.29
N SER B 144 -25.42 27.25 -21.11
CA SER B 144 -26.12 28.50 -20.88
C SER B 144 -25.35 29.33 -19.87
N THR B 145 -25.61 30.63 -19.85
CA THR B 145 -25.01 31.51 -18.86
C THR B 145 -25.95 31.81 -17.69
N ASP B 146 -27.11 31.14 -17.65
CA ASP B 146 -28.02 31.30 -16.52
C ASP B 146 -27.33 30.90 -15.23
N GLU B 147 -27.89 31.34 -14.11
CA GLU B 147 -27.41 30.84 -12.83
C GLU B 147 -27.54 29.32 -12.84
N PRO B 148 -26.51 28.60 -12.39
CA PRO B 148 -26.48 27.15 -12.62
C PRO B 148 -27.62 26.42 -11.91
N SER B 149 -28.20 25.45 -12.60
CA SER B 149 -29.36 24.75 -12.09
C SER B 149 -29.33 23.32 -12.61
N GLU B 150 -30.16 22.50 -12.00
CA GLU B 150 -30.48 21.16 -12.46
C GLU B 150 -30.60 21.11 -13.98
N LYS B 151 -31.17 22.17 -14.58
CA LYS B 151 -31.47 22.13 -16.00
C LYS B 151 -30.19 21.95 -16.84
N ASP B 152 -29.04 22.34 -16.29
CA ASP B 152 -27.78 22.24 -17.02
C ASP B 152 -27.30 20.80 -17.20
N ALA B 153 -27.89 19.85 -16.51
CA ALA B 153 -27.53 18.46 -16.73
C ALA B 153 -28.44 17.79 -17.75
N LEU B 154 -29.57 18.42 -18.07
CA LEU B 154 -30.52 17.86 -19.03
C LEU B 154 -30.02 18.05 -20.46
N GLN B 155 -28.87 17.42 -20.74
CA GLN B 155 -28.25 17.45 -22.05
C GLN B 155 -28.22 16.05 -22.64
N PRO B 156 -28.44 15.89 -23.95
CA PRO B 156 -28.25 14.57 -24.56
C PRO B 156 -26.79 14.13 -24.51
N GLY B 157 -26.59 12.80 -24.54
CA GLY B 157 -25.25 12.25 -24.57
C GLY B 157 -24.37 12.76 -25.70
N ARG B 158 -24.97 13.19 -26.82
CA ARG B 158 -24.21 13.75 -27.93
C ARG B 158 -23.34 14.91 -27.48
N ASN B 159 -23.79 15.66 -26.47
CA ASN B 159 -23.08 16.83 -25.95
C ASN B 159 -21.95 16.48 -25.00
N LEU B 160 -21.74 15.19 -24.71
CA LEU B 160 -20.69 14.81 -23.78
C LEU B 160 -19.33 15.32 -24.27
N VAL B 161 -18.52 15.82 -23.35
CA VAL B 161 -17.16 16.26 -23.67
C VAL B 161 -16.13 15.20 -23.30
N ALA B 162 -16.31 14.55 -22.15
CA ALA B 162 -15.53 13.37 -21.80
C ALA B 162 -16.45 12.44 -21.02
N ALA B 163 -16.10 11.16 -20.98
CA ALA B 163 -16.87 10.22 -20.17
C ALA B 163 -16.05 8.96 -19.96
N GLY B 164 -16.45 8.17 -18.97
CA GLY B 164 -15.76 6.92 -18.77
C GLY B 164 -16.13 6.27 -17.46
N TYR B 165 -15.21 5.47 -16.95
CA TYR B 165 -15.50 4.77 -15.72
C TYR B 165 -14.20 4.27 -15.11
N ALA B 166 -14.16 4.26 -13.78
CA ALA B 166 -13.17 3.48 -13.07
C ALA B 166 -13.81 2.14 -12.71
N LEU B 167 -13.07 1.05 -12.92
CA LEU B 167 -13.50 -0.29 -12.57
C LEU B 167 -12.67 -0.77 -11.39
N TYR B 168 -13.32 -1.16 -10.30
CA TYR B 168 -12.63 -1.74 -9.14
C TYR B 168 -12.79 -3.25 -9.23
N GLY B 169 -11.95 -3.86 -10.08
CA GLY B 169 -12.06 -5.29 -10.32
C GLY B 169 -10.93 -6.06 -9.66
N SER B 170 -10.37 -7.02 -10.39
CA SER B 170 -9.16 -7.67 -9.89
C SER B 170 -8.02 -6.67 -9.78
N ALA B 171 -7.97 -5.71 -10.70
CA ALA B 171 -7.23 -4.47 -10.51
C ALA B 171 -8.20 -3.30 -10.67
N THR B 172 -7.68 -2.08 -10.46
CA THR B 172 -8.44 -0.85 -10.67
C THR B 172 -7.98 -0.19 -11.98
N MET B 173 -8.91 0.05 -12.88
CA MET B 173 -8.58 0.68 -14.15
C MET B 173 -9.54 1.82 -14.42
N LEU B 174 -9.01 2.91 -14.98
CA LEU B 174 -9.84 4.00 -15.46
C LEU B 174 -9.89 3.91 -16.99
N VAL B 175 -11.10 3.81 -17.51
CA VAL B 175 -11.32 3.89 -18.95
C VAL B 175 -11.83 5.30 -19.24
N LEU B 176 -11.12 6.03 -20.12
CA LEU B 176 -11.40 7.44 -20.39
C LEU B 176 -11.69 7.62 -21.87
N ALA B 177 -12.87 8.14 -22.17
CA ALA B 177 -13.31 8.36 -23.54
C ALA B 177 -13.34 9.86 -23.81
N MET B 178 -12.69 10.27 -24.90
CA MET B 178 -12.82 11.62 -25.45
C MET B 178 -12.94 11.55 -26.96
N ASP B 179 -12.98 12.73 -27.60
CA ASP B 179 -12.95 12.78 -29.05
C ASP B 179 -11.77 12.01 -29.62
N CYS B 180 -10.64 12.05 -28.93
CA CYS B 180 -9.45 11.36 -29.42
C CYS B 180 -9.57 9.83 -29.40
N GLY B 181 -10.65 9.27 -28.86
CA GLY B 181 -10.82 7.84 -28.70
C GLY B 181 -10.82 7.41 -27.24
N VAL B 182 -10.71 6.10 -27.03
CA VAL B 182 -10.84 5.50 -25.71
C VAL B 182 -9.46 5.01 -25.28
N ASN B 183 -9.05 5.37 -24.06
CA ASN B 183 -7.76 4.95 -23.55
C ASN B 183 -7.93 4.37 -22.15
N CYS B 184 -7.18 3.30 -21.88
CA CYS B 184 -7.31 2.56 -20.64
C CYS B 184 -6.07 2.77 -19.79
N PHE B 185 -6.27 3.23 -18.55
CA PHE B 185 -5.19 3.47 -17.62
C PHE B 185 -5.33 2.52 -16.43
N MET B 186 -4.26 1.83 -16.09
CA MET B 186 -4.24 0.89 -14.97
C MET B 186 -3.67 1.60 -13.75
N LEU B 187 -4.38 1.51 -12.62
CA LEU B 187 -3.88 2.13 -11.41
C LEU B 187 -2.77 1.28 -10.82
N ASP B 188 -1.55 1.84 -10.74
CA ASP B 188 -0.49 1.16 -10.00
C ASP B 188 -0.57 1.61 -8.55
N PRO B 189 -1.08 0.78 -7.63
CA PRO B 189 -1.28 1.24 -6.25
C PRO B 189 0.00 1.49 -5.50
N ALA B 190 1.12 0.92 -5.96
CA ALA B 190 2.40 1.17 -5.31
C ALA B 190 2.83 2.64 -5.45
N ILE B 191 2.40 3.32 -6.51
CA ILE B 191 2.87 4.70 -6.71
C ILE B 191 1.70 5.61 -6.99
N GLY B 192 0.48 5.10 -6.86
CA GLY B 192 -0.71 5.89 -7.06
C GLY B 192 -0.75 6.62 -8.38
N GLU B 193 -0.41 5.93 -9.47
CA GLU B 193 -0.34 6.56 -10.78
C GLU B 193 -1.12 5.70 -11.79
N PHE B 194 -1.99 6.33 -12.58
CA PHE B 194 -2.78 5.63 -13.60
C PHE B 194 -1.94 5.50 -14.88
N ILE B 195 -1.55 4.27 -15.22
CA ILE B 195 -0.61 4.01 -16.31
C ILE B 195 -1.36 3.66 -17.59
N LEU B 196 -0.95 4.27 -18.71
CA LEU B 196 -1.55 3.97 -20.01
C LEU B 196 -1.14 2.58 -20.49
N VAL B 197 -2.11 1.70 -20.72
CA VAL B 197 -1.80 0.31 -21.02
C VAL B 197 -2.53 -0.16 -22.28
N ASP B 198 -3.56 0.59 -22.70
CA ASP B 198 -4.25 0.28 -23.95
C ASP B 198 -4.68 1.57 -24.62
N LYS B 199 -4.14 1.82 -25.81
CA LYS B 199 -4.26 3.09 -26.51
C LYS B 199 -5.32 3.02 -27.59
N ASP B 200 -6.19 4.03 -27.66
CA ASP B 200 -7.17 4.21 -28.74
C ASP B 200 -7.92 2.91 -29.02
N VAL B 201 -8.56 2.38 -27.98
CA VAL B 201 -9.12 1.04 -28.04
C VAL B 201 -10.34 0.99 -28.97
N LYS B 202 -10.48 -0.13 -29.67
CA LYS B 202 -11.61 -0.36 -30.57
C LYS B 202 -12.23 -1.72 -30.26
N ILE B 203 -13.56 -1.77 -30.23
CA ILE B 203 -14.27 -3.00 -29.89
C ILE B 203 -14.38 -3.90 -31.13
N LYS B 204 -14.44 -5.21 -30.89
CA LYS B 204 -14.68 -6.18 -31.96
C LYS B 204 -15.94 -5.80 -32.71
N LYS B 205 -15.93 -5.96 -34.04
CA LYS B 205 -17.15 -5.66 -34.78
C LYS B 205 -18.25 -6.67 -34.47
N LYS B 206 -17.89 -7.94 -34.24
CA LYS B 206 -18.86 -8.92 -33.78
C LYS B 206 -18.24 -9.77 -32.67
N GLY B 207 -19.01 -10.04 -31.61
CA GLY B 207 -18.53 -10.75 -30.46
C GLY B 207 -19.17 -12.12 -30.30
N LYS B 208 -18.83 -12.78 -29.19
CA LYS B 208 -19.34 -14.12 -28.92
C LYS B 208 -19.92 -14.26 -27.51
N ILE B 209 -20.11 -13.15 -26.78
CA ILE B 209 -20.71 -13.19 -25.45
C ILE B 209 -21.97 -12.34 -25.46
N TYR B 210 -23.02 -12.82 -24.80
CA TYR B 210 -24.17 -11.98 -24.53
C TYR B 210 -24.37 -11.91 -23.02
N SER B 211 -24.80 -10.72 -22.56
CA SER B 211 -24.91 -10.41 -21.14
C SER B 211 -26.23 -9.71 -20.83
N LEU B 212 -27.09 -10.39 -20.08
CA LEU B 212 -28.31 -9.80 -19.53
C LEU B 212 -28.84 -10.73 -18.45
N ASN B 213 -29.63 -10.17 -17.53
CA ASN B 213 -30.25 -10.91 -16.44
C ASN B 213 -31.44 -11.70 -16.98
N GLU B 214 -31.25 -13.01 -17.17
CA GLU B 214 -32.30 -13.88 -17.69
C GLU B 214 -33.27 -14.33 -16.62
N GLY B 215 -33.10 -13.88 -15.37
CA GLY B 215 -34.13 -14.10 -14.37
C GLY B 215 -35.44 -13.41 -14.71
N TYR B 216 -35.36 -12.30 -15.46
CA TYR B 216 -36.52 -11.54 -15.91
C TYR B 216 -37.18 -12.12 -17.17
N ALA B 217 -36.81 -13.35 -17.58
CA ALA B 217 -37.28 -13.87 -18.86
C ALA B 217 -38.80 -13.87 -18.99
N ARG B 218 -39.52 -14.08 -17.88
CA ARG B 218 -40.97 -14.16 -17.97
C ARG B 218 -41.59 -12.83 -18.38
N ASP B 219 -40.91 -11.73 -18.10
CA ASP B 219 -41.41 -10.43 -18.52
C ASP B 219 -40.61 -9.86 -19.68
N PHE B 220 -39.75 -10.67 -20.29
CA PHE B 220 -39.00 -10.24 -21.47
C PHE B 220 -39.93 -9.67 -22.53
N ASP B 221 -39.49 -8.57 -23.12
CA ASP B 221 -40.10 -8.11 -24.35
C ASP B 221 -39.87 -9.16 -25.44
N PRO B 222 -40.92 -9.57 -26.17
CA PRO B 222 -40.77 -10.74 -27.08
C PRO B 222 -39.58 -10.66 -28.02
N ALA B 223 -39.16 -9.45 -28.39
CA ALA B 223 -37.94 -9.31 -29.20
C ALA B 223 -36.72 -9.76 -28.40
N VAL B 224 -36.64 -9.41 -27.12
CA VAL B 224 -35.52 -9.87 -26.30
C VAL B 224 -35.50 -11.39 -26.27
N THR B 225 -36.66 -12.00 -26.02
CA THR B 225 -36.75 -13.46 -26.01
C THR B 225 -36.22 -14.07 -27.30
N GLU B 226 -36.59 -13.50 -28.45
CA GLU B 226 -36.16 -14.07 -29.72
C GLU B 226 -34.67 -13.86 -29.94
N TYR B 227 -34.15 -12.68 -29.60
CA TYR B 227 -32.73 -12.45 -29.80
C TYR B 227 -31.89 -13.36 -28.91
N ILE B 228 -32.27 -13.50 -27.64
CA ILE B 228 -31.54 -14.39 -26.75
C ILE B 228 -31.62 -15.83 -27.23
N GLN B 229 -32.79 -16.27 -27.71
CA GLN B 229 -32.94 -17.64 -28.17
C GLN B 229 -32.13 -17.88 -29.45
N ARG B 230 -31.95 -16.84 -30.26
CA ARG B 230 -31.05 -16.95 -31.39
C ARG B 230 -29.59 -17.08 -30.97
N LYS B 231 -29.24 -16.54 -29.80
CA LYS B 231 -27.87 -16.70 -29.32
C LYS B 231 -27.63 -18.09 -28.76
N LYS B 232 -28.62 -18.66 -28.06
CA LYS B 232 -28.44 -19.99 -27.52
C LYS B 232 -28.69 -21.08 -28.55
N PHE B 233 -29.60 -20.86 -29.49
CA PHE B 233 -29.95 -21.84 -30.52
C PHE B 233 -29.85 -21.17 -31.88
N PRO B 234 -28.64 -20.87 -32.36
CA PRO B 234 -28.50 -20.24 -33.66
C PRO B 234 -29.01 -21.16 -34.76
N PRO B 235 -29.42 -20.60 -35.90
CA PRO B 235 -29.92 -21.46 -36.99
C PRO B 235 -28.93 -21.64 -38.13
N ASP B 236 -27.62 -21.39 -37.89
CA ASP B 236 -26.65 -21.25 -38.99
C ASP B 236 -25.27 -21.81 -38.61
N ASN B 237 -25.16 -23.12 -38.41
CA ASN B 237 -23.86 -23.76 -38.20
C ASN B 237 -23.10 -23.23 -36.99
N SER B 238 -23.39 -21.99 -36.60
CA SER B 238 -22.52 -21.20 -35.72
C SER B 238 -22.59 -21.69 -34.27
N ALA B 239 -21.50 -21.44 -33.55
CA ALA B 239 -21.46 -21.76 -32.13
C ALA B 239 -22.38 -20.81 -31.36
N PRO B 240 -23.22 -21.33 -30.47
CA PRO B 240 -23.95 -20.46 -29.54
C PRO B 240 -23.00 -19.52 -28.82
N TYR B 241 -23.48 -18.32 -28.52
CA TYR B 241 -22.71 -17.38 -27.72
C TYR B 241 -22.55 -17.91 -26.31
N GLY B 242 -21.52 -17.39 -25.63
CA GLY B 242 -21.39 -17.62 -24.21
C GLY B 242 -22.18 -16.60 -23.42
N ALA B 243 -22.48 -16.95 -22.17
CA ALA B 243 -23.23 -16.06 -21.30
C ALA B 243 -22.33 -15.54 -20.18
N ARG B 244 -22.42 -14.24 -19.91
CA ARG B 244 -21.82 -13.63 -18.73
C ARG B 244 -22.80 -12.59 -18.20
N TYR B 245 -22.90 -12.47 -16.89
CA TYR B 245 -23.70 -11.38 -16.33
C TYR B 245 -23.25 -11.22 -14.89
N VAL B 246 -22.34 -10.27 -14.69
CA VAL B 246 -21.79 -10.04 -13.37
C VAL B 246 -22.84 -9.43 -12.45
N GLY B 247 -23.78 -8.66 -13.03
CA GLY B 247 -24.75 -7.91 -12.26
C GLY B 247 -24.28 -6.52 -11.87
N SER B 248 -23.04 -6.17 -12.20
CA SER B 248 -22.49 -4.86 -11.95
C SER B 248 -22.10 -4.24 -13.30
N MET B 249 -22.71 -3.11 -13.64
CA MET B 249 -22.65 -2.62 -15.01
C MET B 249 -21.23 -2.36 -15.48
N VAL B 250 -20.42 -1.72 -14.63
CA VAL B 250 -19.04 -1.40 -15.01
C VAL B 250 -18.27 -2.67 -15.37
N ALA B 251 -18.44 -3.73 -14.59
CA ALA B 251 -17.78 -4.97 -14.93
C ALA B 251 -18.31 -5.53 -16.26
N ASP B 252 -19.64 -5.57 -16.42
CA ASP B 252 -20.20 -6.17 -17.63
C ASP B 252 -19.86 -5.37 -18.88
N VAL B 253 -19.92 -4.03 -18.79
CA VAL B 253 -19.62 -3.21 -19.93
C VAL B 253 -18.13 -3.29 -20.27
N HIS B 254 -17.27 -3.26 -19.24
CA HIS B 254 -15.85 -3.30 -19.54
C HIS B 254 -15.50 -4.58 -20.25
N ARG B 255 -16.05 -5.70 -19.78
CA ARG B 255 -15.85 -6.98 -20.46
C ARG B 255 -16.28 -6.90 -21.91
N THR B 256 -17.48 -6.30 -22.15
CA THR B 256 -17.96 -6.15 -23.52
C THR B 256 -16.97 -5.39 -24.38
N LEU B 257 -16.31 -4.39 -23.81
CA LEU B 257 -15.35 -3.61 -24.58
C LEU B 257 -14.07 -4.40 -24.85
N VAL B 258 -13.61 -5.17 -23.85
CA VAL B 258 -12.37 -5.91 -24.03
C VAL B 258 -12.57 -7.10 -24.97
N TYR B 259 -13.65 -7.87 -24.78
CA TYR B 259 -13.87 -9.11 -25.51
C TYR B 259 -14.85 -8.97 -26.68
N GLY B 260 -15.60 -7.87 -26.74
CA GLY B 260 -16.68 -7.75 -27.70
C GLY B 260 -17.92 -8.49 -27.22
N GLY B 261 -19.00 -8.33 -27.98
CA GLY B 261 -20.26 -8.95 -27.62
C GLY B 261 -21.34 -7.94 -27.30
N ILE B 262 -22.39 -8.36 -26.58
CA ILE B 262 -23.55 -7.52 -26.40
C ILE B 262 -23.94 -7.50 -24.92
N PHE B 263 -24.37 -6.33 -24.45
CA PHE B 263 -24.88 -6.14 -23.11
C PHE B 263 -26.29 -5.53 -23.21
N LEU B 264 -27.19 -6.00 -22.36
CA LEU B 264 -28.58 -5.55 -22.44
C LEU B 264 -29.14 -5.36 -21.05
N TYR B 265 -29.71 -4.18 -20.82
CA TYR B 265 -30.70 -3.97 -19.77
C TYR B 265 -31.90 -3.33 -20.46
N PRO B 266 -32.71 -4.14 -21.13
CA PRO B 266 -33.75 -3.62 -22.02
C PRO B 266 -35.03 -3.27 -21.26
N ALA B 267 -35.91 -2.57 -21.96
CA ALA B 267 -37.25 -2.31 -21.44
C ALA B 267 -38.13 -3.56 -21.53
N ASN B 268 -39.26 -3.51 -20.83
CA ASN B 268 -40.33 -4.50 -20.92
C ASN B 268 -41.63 -3.81 -20.48
N LYS B 269 -42.68 -4.60 -20.20
CA LYS B 269 -43.94 -3.95 -19.88
C LYS B 269 -44.03 -3.52 -18.42
N LYS B 270 -43.35 -4.23 -17.51
CA LYS B 270 -43.25 -3.73 -16.14
C LYS B 270 -42.29 -2.55 -16.02
N SER B 271 -41.43 -2.33 -17.01
CA SER B 271 -40.36 -1.35 -16.94
C SER B 271 -40.18 -0.74 -18.31
N PRO B 272 -41.05 0.19 -18.69
CA PRO B 272 -41.00 0.75 -20.05
C PRO B 272 -39.68 1.43 -20.37
N ASN B 273 -38.92 1.85 -19.37
CA ASN B 273 -37.72 2.64 -19.60
C ASN B 273 -36.48 1.92 -19.12
N GLY B 274 -36.53 0.59 -18.97
CA GLY B 274 -35.42 -0.12 -18.38
C GLY B 274 -35.27 0.20 -16.90
N LYS B 275 -34.08 -0.08 -16.37
CA LYS B 275 -33.77 0.22 -14.98
C LYS B 275 -32.64 1.23 -14.84
N LEU B 276 -31.60 1.09 -15.66
CA LEU B 276 -30.41 1.91 -15.51
C LEU B 276 -30.72 3.36 -15.83
N ARG B 277 -29.97 4.27 -15.20
CA ARG B 277 -30.25 5.69 -15.30
C ARG B 277 -29.44 6.30 -16.43
N LEU B 278 -30.10 7.19 -17.19
CA LEU B 278 -29.54 7.66 -18.44
C LEU B 278 -28.39 8.64 -18.22
N LEU B 279 -28.49 9.50 -17.21
CA LEU B 279 -27.53 10.59 -17.06
C LEU B 279 -26.15 10.08 -16.63
N TYR B 280 -26.10 9.12 -15.71
CA TYR B 280 -24.83 8.69 -15.13
C TYR B 280 -24.59 7.19 -15.19
N GLU B 281 -25.37 6.43 -15.96
CA GLU B 281 -24.97 5.06 -16.29
C GLU B 281 -24.98 4.87 -17.80
N CYS B 282 -26.16 4.99 -18.41
CA CYS B 282 -26.33 4.64 -19.82
C CYS B 282 -25.49 5.51 -20.75
N ASN B 283 -25.55 6.83 -20.55
CA ASN B 283 -24.86 7.75 -21.46
C ASN B 283 -23.35 7.57 -21.44
N PRO B 284 -22.65 7.63 -20.29
CA PRO B 284 -21.19 7.46 -20.34
C PRO B 284 -20.79 6.17 -21.02
N MET B 285 -21.50 5.08 -20.72
CA MET B 285 -21.19 3.80 -21.35
C MET B 285 -21.48 3.83 -22.85
N ALA B 286 -22.60 4.42 -23.24
CA ALA B 286 -22.89 4.62 -24.65
C ALA B 286 -21.78 5.45 -25.32
N TYR B 287 -21.25 6.46 -24.63
CA TYR B 287 -20.21 7.30 -25.20
C TYR B 287 -18.91 6.53 -25.38
N VAL B 288 -18.50 5.77 -24.36
CA VAL B 288 -17.34 4.89 -24.47
C VAL B 288 -17.51 3.94 -25.66
N MET B 289 -18.68 3.29 -25.76
CA MET B 289 -18.92 2.36 -26.84
C MET B 289 -18.75 3.01 -28.20
N GLU B 290 -19.38 4.17 -28.40
CA GLU B 290 -19.34 4.77 -29.73
C GLU B 290 -17.95 5.29 -30.07
N LYS B 291 -17.24 5.83 -29.08
CA LYS B 291 -15.87 6.21 -29.38
C LYS B 291 -14.99 5.00 -29.65
N ALA B 292 -15.39 3.82 -29.14
CA ALA B 292 -14.70 2.57 -29.38
C ALA B 292 -15.16 1.89 -30.67
N GLY B 293 -15.98 2.56 -31.47
CA GLY B 293 -16.54 1.94 -32.64
C GLY B 293 -17.73 1.05 -32.40
N GLY B 294 -18.27 1.02 -31.17
CA GLY B 294 -19.45 0.25 -30.86
C GLY B 294 -20.72 1.10 -30.93
N MET B 295 -21.83 0.47 -30.56
CA MET B 295 -23.14 1.12 -30.62
C MET B 295 -23.87 0.94 -29.30
N ALA B 296 -24.92 1.76 -29.13
CA ALA B 296 -25.68 1.73 -27.88
C ALA B 296 -27.06 2.30 -28.17
N THR B 297 -28.07 1.45 -28.08
CA THR B 297 -29.42 1.84 -28.45
C THR B 297 -30.36 1.60 -27.28
N THR B 298 -31.49 2.30 -27.31
CA THR B 298 -32.61 1.95 -26.46
C THR B 298 -33.51 0.93 -27.12
N GLY B 299 -33.23 0.60 -28.38
CA GLY B 299 -34.16 -0.11 -29.24
C GLY B 299 -35.01 0.81 -30.10
N LYS B 300 -35.32 2.01 -29.61
CA LYS B 300 -35.99 3.02 -30.42
C LYS B 300 -35.06 4.08 -30.98
N GLU B 301 -33.94 4.35 -30.32
CA GLU B 301 -33.00 5.38 -30.78
C GLU B 301 -31.67 5.21 -30.06
N ALA B 302 -30.65 5.89 -30.58
CA ALA B 302 -29.35 5.89 -29.91
C ALA B 302 -29.49 6.49 -28.52
N VAL B 303 -28.81 5.86 -27.55
CA VAL B 303 -28.83 6.34 -26.19
C VAL B 303 -28.34 7.79 -26.12
N LEU B 304 -27.27 8.12 -26.86
CA LEU B 304 -26.77 9.49 -26.84
C LEU B 304 -27.72 10.48 -27.49
N ASP B 305 -28.81 10.03 -28.12
CA ASP B 305 -29.75 10.95 -28.73
C ASP B 305 -30.97 11.25 -27.85
N VAL B 306 -31.20 10.51 -26.77
CA VAL B 306 -32.29 10.83 -25.86
C VAL B 306 -32.09 12.22 -25.29
N ILE B 307 -33.17 13.02 -25.27
CA ILE B 307 -33.19 14.31 -24.58
C ILE B 307 -33.74 14.07 -23.17
N PRO B 308 -32.96 14.26 -22.12
CA PRO B 308 -33.47 14.01 -20.77
C PRO B 308 -34.42 15.11 -20.32
N THR B 309 -35.44 14.71 -19.54
CA THR B 309 -36.30 15.66 -18.84
C THR B 309 -36.20 15.58 -17.33
N ASP B 310 -35.66 14.49 -16.77
CA ASP B 310 -35.49 14.28 -15.34
C ASP B 310 -34.09 13.72 -15.11
N ILE B 311 -33.35 14.32 -14.16
CA ILE B 311 -31.94 13.93 -13.98
C ILE B 311 -31.77 12.47 -13.56
N HIS B 312 -32.80 11.87 -12.96
CA HIS B 312 -32.70 10.46 -12.56
C HIS B 312 -33.54 9.57 -13.46
N GLN B 313 -33.79 9.98 -14.70
CA GLN B 313 -34.65 9.19 -15.57
C GLN B 313 -33.94 7.91 -16.03
N ARG B 314 -34.72 6.87 -16.22
CA ARG B 314 -34.14 5.62 -16.69
C ARG B 314 -34.12 5.59 -18.21
N ALA B 315 -33.32 4.66 -18.74
CA ALA B 315 -33.26 4.47 -20.19
C ALA B 315 -32.90 3.02 -20.47
N PRO B 316 -33.60 2.36 -21.40
CA PRO B 316 -33.16 1.04 -21.85
C PRO B 316 -31.83 1.15 -22.57
N VAL B 317 -31.01 0.11 -22.46
CA VAL B 317 -29.68 0.15 -23.07
C VAL B 317 -29.35 -1.21 -23.63
N ILE B 318 -28.95 -1.24 -24.89
CA ILE B 318 -28.42 -2.41 -25.56
C ILE B 318 -27.17 -1.94 -26.28
N LEU B 319 -26.02 -2.43 -25.86
CA LEU B 319 -24.77 -1.85 -26.28
C LEU B 319 -23.77 -2.96 -26.54
N GLY B 320 -22.63 -2.55 -27.08
CA GLY B 320 -21.54 -3.45 -27.40
C GLY B 320 -21.18 -3.37 -28.89
N SER B 321 -20.79 -4.53 -29.43
CA SER B 321 -20.26 -4.60 -30.78
C SER B 321 -21.32 -4.17 -31.79
N PRO B 322 -20.94 -3.48 -32.87
CA PRO B 322 -21.98 -2.99 -33.80
C PRO B 322 -22.74 -4.11 -34.49
N ASP B 323 -22.06 -5.15 -34.97
CA ASP B 323 -22.78 -6.23 -35.64
C ASP B 323 -23.85 -6.83 -34.73
N ASP B 324 -23.53 -6.97 -33.44
CA ASP B 324 -24.47 -7.57 -32.50
C ASP B 324 -25.62 -6.62 -32.18
N VAL B 325 -25.32 -5.35 -31.94
CA VAL B 325 -26.39 -4.40 -31.65
C VAL B 325 -27.30 -4.27 -32.87
N LEU B 326 -26.69 -4.23 -34.06
CA LEU B 326 -27.47 -4.17 -35.29
C LEU B 326 -28.41 -5.36 -35.42
N GLU B 327 -27.89 -6.56 -35.14
CA GLU B 327 -28.72 -7.76 -35.20
C GLU B 327 -29.89 -7.66 -34.21
N PHE B 328 -29.65 -7.08 -33.03
CA PHE B 328 -30.72 -6.99 -32.06
C PHE B 328 -31.82 -6.07 -32.57
N LEU B 329 -31.45 -4.91 -33.10
CA LEU B 329 -32.41 -3.99 -33.68
C LEU B 329 -33.17 -4.61 -34.84
N LYS B 330 -32.53 -5.49 -35.61
CA LYS B 330 -33.26 -6.23 -36.63
C LYS B 330 -34.40 -7.05 -36.00
N VAL B 331 -34.12 -7.72 -34.90
CA VAL B 331 -35.18 -8.49 -34.24
C VAL B 331 -36.18 -7.56 -33.57
N TYR B 332 -35.69 -6.47 -32.96
CA TYR B 332 -36.56 -5.55 -32.24
C TYR B 332 -37.59 -4.95 -33.18
N GLU B 333 -37.13 -4.47 -34.34
CA GLU B 333 -38.08 -3.89 -35.28
C GLU B 333 -39.10 -4.92 -35.74
N LYS B 334 -38.67 -6.18 -35.92
CA LYS B 334 -39.57 -7.25 -36.32
C LYS B 334 -40.78 -7.37 -35.39
N HIS B 335 -40.66 -6.93 -34.14
CA HIS B 335 -41.79 -6.97 -33.23
C HIS B 335 -42.48 -5.61 -33.06
N SER B 336 -41.91 -4.52 -33.56
CA SER B 336 -42.55 -3.21 -33.50
C SER B 336 -43.36 -2.92 -34.75
N ALA B 337 -44.69 -2.97 -34.63
N ASP C 10 15.93 -20.13 1.47
CA ASP C 10 14.60 -20.40 2.07
C ASP C 10 14.04 -19.22 2.89
N VAL C 11 12.85 -18.75 2.50
CA VAL C 11 12.29 -17.51 3.03
C VAL C 11 11.70 -17.76 4.43
N ASN C 12 11.95 -16.82 5.34
CA ASN C 12 11.57 -16.98 6.72
C ASN C 12 10.95 -15.70 7.25
N THR C 13 9.75 -15.80 7.79
CA THR C 13 9.11 -14.65 8.40
C THR C 13 9.38 -14.67 9.90
N LEU C 14 9.04 -13.57 10.58
CA LEU C 14 9.13 -13.56 12.03
C LEU C 14 8.22 -14.62 12.64
N THR C 15 6.96 -14.65 12.21
CA THR C 15 6.01 -15.63 12.73
C THR C 15 6.55 -17.06 12.57
N ARG C 16 7.14 -17.39 11.41
CA ARG C 16 7.63 -18.75 11.22
C ARG C 16 8.81 -19.01 12.12
N PHE C 17 9.74 -18.05 12.20
CA PHE C 17 10.94 -18.23 13.00
C PHE C 17 10.61 -18.34 14.49
N VAL C 18 9.62 -17.59 14.96
CA VAL C 18 9.30 -17.68 16.38
C VAL C 18 8.48 -18.91 16.65
N MET C 19 7.62 -19.30 15.71
CA MET C 19 6.87 -20.53 15.85
C MET C 19 7.80 -21.73 16.02
N GLU C 20 8.78 -21.88 15.11
CA GLU C 20 9.62 -23.07 15.18
C GLU C 20 10.49 -23.07 16.43
N GLU C 21 10.81 -21.90 16.96
CA GLU C 21 11.47 -21.87 18.26
C GLU C 21 10.57 -22.46 19.34
N GLY C 22 9.28 -22.11 19.31
CA GLY C 22 8.37 -22.62 20.32
C GLY C 22 8.15 -24.12 20.22
N ARG C 23 8.13 -24.64 18.99
CA ARG C 23 8.00 -26.08 18.81
C ARG C 23 9.19 -26.82 19.36
N LYS C 24 10.39 -26.27 19.13
CA LYS C 24 11.61 -26.87 19.66
C LYS C 24 11.53 -27.03 21.16
N ALA C 25 10.91 -26.07 21.85
CA ALA C 25 10.88 -26.02 23.31
C ALA C 25 9.55 -26.47 23.87
N ARG C 26 8.62 -26.93 23.04
CA ARG C 26 7.33 -27.45 23.49
C ARG C 26 6.65 -26.49 24.47
N GLY C 27 6.42 -25.25 24.00
CA GLY C 27 5.84 -24.21 24.83
C GLY C 27 4.32 -24.16 24.73
N THR C 28 3.72 -23.21 25.46
CA THR C 28 2.27 -23.08 25.47
C THR C 28 1.72 -22.28 24.29
N GLY C 29 2.57 -21.64 23.50
CA GLY C 29 2.14 -20.74 22.46
C GLY C 29 1.94 -19.30 22.87
N GLU C 30 2.04 -18.99 24.17
CA GLU C 30 1.76 -17.65 24.65
C GLU C 30 2.73 -16.62 24.08
N LEU C 31 4.03 -16.93 24.10
CA LEU C 31 5.01 -15.97 23.60
C LEU C 31 4.85 -15.72 22.10
N THR C 32 4.45 -16.74 21.35
CA THR C 32 4.22 -16.54 19.92
C THR C 32 2.99 -15.68 19.69
N GLN C 33 1.91 -15.96 20.42
CA GLN C 33 0.74 -15.10 20.30
C GLN C 33 1.08 -13.67 20.69
N LEU C 34 2.01 -13.49 21.63
CA LEU C 34 2.41 -12.16 22.05
C LEU C 34 3.15 -11.43 20.92
N LEU C 35 4.15 -12.06 20.35
CA LEU C 35 4.93 -11.40 19.31
C LEU C 35 4.11 -11.20 18.03
N ASN C 36 3.21 -12.13 17.71
CA ASN C 36 2.30 -11.92 16.60
C ASN C 36 1.41 -10.72 16.87
N SER C 37 0.88 -10.62 18.09
CA SER C 37 0.15 -9.43 18.52
C SER C 37 0.97 -8.19 18.27
N LEU C 38 2.18 -8.15 18.80
CA LEU C 38 3.05 -6.99 18.64
C LEU C 38 3.31 -6.72 17.16
N CYS C 39 3.53 -7.78 16.37
CA CYS C 39 3.81 -7.58 14.96
C CYS C 39 2.63 -6.91 14.27
N THR C 40 1.42 -7.27 14.64
CA THR C 40 0.24 -6.59 14.11
C THR C 40 0.22 -5.12 14.51
N ALA C 41 0.48 -4.82 15.79
CA ALA C 41 0.55 -3.43 16.22
C ALA C 41 1.62 -2.65 15.48
N VAL C 42 2.83 -3.24 15.36
CA VAL C 42 3.92 -2.56 14.69
C VAL C 42 3.53 -2.22 13.24
N LYS C 43 2.80 -3.13 12.59
CA LYS C 43 2.41 -2.88 11.20
C LYS C 43 1.38 -1.77 11.11
N ALA C 44 0.42 -1.76 12.03
CA ALA C 44 -0.53 -0.66 12.08
C ALA C 44 0.19 0.65 12.37
N ILE C 45 1.12 0.65 13.31
CA ILE C 45 1.86 1.87 13.61
C ILE C 45 2.63 2.32 12.39
N SER C 46 3.34 1.39 11.75
CA SER C 46 4.12 1.77 10.58
C SER C 46 3.24 2.44 9.54
N SER C 47 2.07 1.87 9.26
CA SER C 47 1.20 2.46 8.25
C SER C 47 0.75 3.85 8.66
N ALA C 48 0.47 4.06 9.96
CA ALA C 48 0.09 5.40 10.42
C ALA C 48 1.27 6.35 10.43
N VAL C 49 2.45 5.86 10.79
CA VAL C 49 3.62 6.71 10.81
C VAL C 49 3.92 7.23 9.41
N ARG C 50 3.81 6.35 8.41
CA ARG C 50 4.03 6.75 7.02
C ARG C 50 2.85 7.57 6.42
N LYS C 51 1.90 7.96 7.28
CA LYS C 51 0.82 8.88 6.95
C LYS C 51 -0.18 8.28 5.95
N ALA C 52 -0.43 6.97 6.08
CA ALA C 52 -1.36 6.20 5.27
C ALA C 52 -2.54 7.01 4.78
N GLY C 53 -3.55 7.25 5.61
CA GLY C 53 -4.72 7.94 5.09
C GLY C 53 -4.77 9.44 5.36
N ILE C 54 -3.61 10.10 5.32
CA ILE C 54 -3.50 11.50 5.72
C ILE C 54 -4.43 12.41 4.94
N ALA C 55 -4.74 12.08 3.67
CA ALA C 55 -5.52 13.00 2.86
C ALA C 55 -6.95 13.16 3.39
N HIS C 56 -7.47 12.14 4.08
CA HIS C 56 -8.77 12.29 4.74
C HIS C 56 -8.71 13.35 5.81
N LEU C 57 -7.60 13.42 6.54
CA LEU C 57 -7.42 14.46 7.54
C LEU C 57 -7.40 15.85 6.92
N TYR C 58 -7.08 15.98 5.64
CA TYR C 58 -7.03 17.29 4.98
C TYR C 58 -8.19 17.49 4.02
N GLY C 59 -9.22 16.63 4.10
CA GLY C 59 -10.52 16.97 3.58
C GLY C 59 -10.83 16.53 2.17
N ILE C 60 -10.22 15.44 1.70
CA ILE C 60 -10.59 14.96 0.36
C ILE C 60 -11.99 14.39 0.33
N ALA C 61 -12.57 14.07 1.48
CA ALA C 61 -13.94 13.56 1.54
C ALA C 61 -14.85 14.44 2.39
N GLY C 62 -14.44 15.70 2.62
CA GLY C 62 -15.17 16.62 3.48
C GLY C 62 -14.96 16.28 4.94
N SER C 63 -15.92 16.67 5.79
CA SER C 63 -15.83 16.45 7.23
C SER C 63 -16.45 15.09 7.59
N THR C 64 -15.62 14.04 7.56
CA THR C 64 -15.89 12.75 8.20
C THR C 64 -14.67 11.81 8.10
N GLN C 70 -6.64 7.58 13.98
CA GLN C 70 -7.90 8.31 14.00
C GLN C 70 -7.63 9.79 13.62
N VAL C 71 -7.87 10.70 14.55
CA VAL C 71 -7.28 12.03 14.58
C VAL C 71 -6.40 12.21 15.82
N LYS C 72 -6.03 11.10 16.47
CA LYS C 72 -5.12 11.08 17.61
C LYS C 72 -3.69 11.37 17.12
N LYS C 73 -2.75 11.43 18.06
CA LYS C 73 -1.46 12.01 17.74
C LYS C 73 -0.36 10.96 17.65
N LEU C 74 -0.63 9.85 16.99
CA LEU C 74 0.41 8.89 16.64
C LEU C 74 1.07 8.30 17.88
N ASP C 75 1.68 9.12 18.73
CA ASP C 75 2.18 8.56 19.99
C ASP C 75 1.03 8.02 20.83
N VAL C 76 -0.15 8.65 20.75
CA VAL C 76 -1.35 8.13 21.39
C VAL C 76 -1.93 6.95 20.60
N LEU C 77 -1.99 7.03 19.27
CA LEU C 77 -2.48 5.90 18.47
C LEU C 77 -1.63 4.66 18.71
N SER C 78 -0.30 4.83 18.72
CA SER C 78 0.59 3.70 18.91
C SER C 78 0.39 3.07 20.27
N ASN C 79 0.19 3.88 21.30
CA ASN C 79 -0.05 3.32 22.62
C ASN C 79 -1.32 2.49 22.63
N ASP C 80 -2.40 3.03 22.08
CA ASP C 80 -3.63 2.25 21.95
C ASP C 80 -3.39 0.97 21.17
N LEU C 81 -2.68 1.04 20.04
CA LEU C 81 -2.46 -0.16 19.22
C LEU C 81 -1.69 -1.24 19.99
N VAL C 82 -0.60 -0.86 20.68
CA VAL C 82 0.19 -1.86 21.39
C VAL C 82 -0.60 -2.41 22.57
N MET C 83 -1.21 -1.52 23.34
CA MET C 83 -1.96 -1.94 24.51
C MET C 83 -3.07 -2.92 24.14
N ASN C 84 -3.84 -2.60 23.09
CA ASN C 84 -4.95 -3.46 22.70
C ASN C 84 -4.47 -4.80 22.19
N MET C 85 -3.48 -4.80 21.28
CA MET C 85 -2.98 -6.06 20.75
C MET C 85 -2.47 -6.97 21.85
N LEU C 86 -1.60 -6.43 22.72
CA LEU C 86 -1.05 -7.24 23.80
C LEU C 86 -2.15 -7.79 24.70
N LYS C 87 -3.13 -6.96 25.05
CA LYS C 87 -4.27 -7.46 25.81
C LYS C 87 -4.94 -8.63 25.10
N SER C 88 -5.14 -8.49 23.78
CA SER C 88 -5.87 -9.45 22.96
C SER C 88 -5.08 -10.73 22.67
N SER C 89 -3.77 -10.74 22.93
CA SER C 89 -2.95 -11.93 22.76
C SER C 89 -3.25 -13.03 23.75
N PHE C 90 -3.97 -12.72 24.84
CA PHE C 90 -4.22 -13.65 25.94
C PHE C 90 -2.93 -14.13 26.59
N ALA C 91 -1.85 -13.35 26.47
CA ALA C 91 -0.53 -13.76 26.93
C ALA C 91 0.07 -12.89 28.02
N THR C 92 -0.56 -11.79 28.41
CA THR C 92 0.09 -10.85 29.32
C THR C 92 -0.75 -10.63 30.58
N CYS C 93 -0.07 -10.41 31.70
CA CYS C 93 -0.79 -10.03 32.91
C CYS C 93 -0.53 -8.59 33.36
N VAL C 94 0.70 -8.06 33.19
CA VAL C 94 1.04 -6.69 33.55
C VAL C 94 1.73 -6.00 32.37
N LEU C 95 1.21 -4.84 31.97
CA LEU C 95 1.77 -4.04 30.89
C LEU C 95 2.25 -2.69 31.43
N VAL C 96 3.44 -2.27 31.02
CA VAL C 96 4.01 -0.99 31.46
C VAL C 96 4.33 -0.16 30.23
N SER C 97 3.74 1.02 30.14
CA SER C 97 3.96 1.91 29.03
C SER C 97 4.54 3.23 29.51
N GLU C 98 5.37 3.84 28.64
CA GLU C 98 5.82 5.20 28.87
C GLU C 98 4.67 6.17 29.03
N GLU C 99 3.51 5.87 28.44
CA GLU C 99 2.41 6.82 28.36
C GLU C 99 1.53 6.86 29.59
N ASP C 100 1.43 5.75 30.32
CA ASP C 100 0.54 5.62 31.46
C ASP C 100 1.36 5.54 32.75
N LYS C 101 0.94 6.32 33.76
CA LYS C 101 1.72 6.43 34.99
C LYS C 101 1.80 5.10 35.74
N HIS C 102 0.71 4.33 35.73
CA HIS C 102 0.64 3.07 36.46
C HIS C 102 0.66 1.90 35.48
N ALA C 103 1.23 0.79 35.94
CA ALA C 103 1.19 -0.44 35.16
C ALA C 103 -0.26 -0.90 34.98
N ILE C 104 -0.62 -1.23 33.75
CA ILE C 104 -1.96 -1.73 33.48
C ILE C 104 -2.02 -3.17 33.95
N ILE C 105 -3.11 -3.53 34.64
CA ILE C 105 -3.37 -4.91 35.01
C ILE C 105 -4.37 -5.49 34.01
N VAL C 106 -3.95 -6.51 33.26
CA VAL C 106 -4.83 -7.11 32.26
C VAL C 106 -6.02 -7.76 32.95
N GLU C 107 -7.20 -7.57 32.38
CA GLU C 107 -8.40 -8.14 32.96
C GLU C 107 -8.30 -9.66 33.03
N PRO C 108 -8.87 -10.29 34.06
CA PRO C 108 -8.56 -11.72 34.30
C PRO C 108 -8.90 -12.63 33.15
N GLU C 109 -10.06 -12.41 32.50
CA GLU C 109 -10.46 -13.21 31.35
C GLU C 109 -9.35 -13.34 30.31
N LYS C 110 -8.44 -12.35 30.24
CA LYS C 110 -7.49 -12.24 29.15
C LYS C 110 -6.05 -12.49 29.59
N ARG C 111 -5.82 -12.93 30.82
CA ARG C 111 -4.47 -13.00 31.39
C ARG C 111 -3.64 -14.15 30.84
N GLY C 112 -2.35 -13.90 30.72
CA GLY C 112 -1.35 -14.90 30.38
C GLY C 112 -0.12 -14.64 31.23
N LYS C 113 1.00 -15.31 30.94
CA LYS C 113 2.09 -15.39 31.91
C LYS C 113 3.11 -14.25 31.81
N TYR C 114 3.10 -13.45 30.74
CA TYR C 114 4.20 -12.54 30.48
C TYR C 114 3.90 -11.13 30.94
N VAL C 115 4.97 -10.42 31.32
CA VAL C 115 4.94 -9.01 31.68
C VAL C 115 5.70 -8.24 30.61
N VAL C 116 5.08 -7.20 30.05
CA VAL C 116 5.62 -6.47 28.92
C VAL C 116 5.78 -4.99 29.28
N CYS C 117 6.97 -4.46 29.07
CA CYS C 117 7.25 -3.03 29.17
C CYS C 117 7.60 -2.51 27.80
N PHE C 118 6.98 -1.41 27.38
CA PHE C 118 7.25 -0.91 26.03
C PHE C 118 7.16 0.61 25.99
N ASP C 119 7.87 1.18 25.01
CA ASP C 119 7.74 2.57 24.65
C ASP C 119 7.09 2.61 23.27
N PRO C 120 5.81 2.99 23.18
CA PRO C 120 5.06 2.77 21.93
C PRO C 120 5.55 3.57 20.73
N LEU C 121 6.06 4.80 20.93
CA LEU C 121 6.52 5.55 19.78
C LEU C 121 7.70 6.43 20.19
N ASP C 122 8.82 5.81 20.55
CA ASP C 122 9.94 6.57 21.08
C ASP C 122 10.51 7.53 20.06
N GLY C 123 10.94 8.70 20.54
CA GLY C 123 11.40 9.79 19.69
C GLY C 123 10.30 10.64 19.08
N SER C 124 9.02 10.34 19.37
CA SER C 124 7.90 11.02 18.70
C SER C 124 7.85 12.51 19.00
N SER C 125 8.63 13.01 19.98
CA SER C 125 8.59 14.43 20.28
C SER C 125 8.91 15.26 19.03
N ASN C 126 9.85 14.81 18.22
CA ASN C 126 10.24 15.54 17.03
C ASN C 126 9.65 14.96 15.75
N ILE C 127 8.65 14.08 15.84
CA ILE C 127 8.10 13.43 14.66
C ILE C 127 7.50 14.41 13.68
N ASP C 128 7.35 15.68 14.08
CA ASP C 128 6.94 16.70 13.13
C ASP C 128 8.05 17.08 12.16
N CYS C 129 9.30 16.73 12.43
CA CYS C 129 10.30 16.90 11.40
C CYS C 129 10.55 15.61 10.63
N LEU C 130 9.69 14.60 10.81
CA LEU C 130 9.79 13.30 10.12
C LEU C 130 11.08 12.57 10.47
N VAL C 131 11.61 12.85 11.66
CA VAL C 131 12.68 12.09 12.30
C VAL C 131 12.29 10.61 12.34
N SER C 132 13.29 9.72 12.29
CA SER C 132 13.04 8.30 12.55
C SER C 132 12.46 8.13 13.94
N VAL C 133 11.52 7.21 14.07
CA VAL C 133 10.91 6.90 15.35
C VAL C 133 10.82 5.38 15.46
N GLY C 134 10.44 4.90 16.63
CA GLY C 134 10.42 3.45 16.83
C GLY C 134 9.58 3.05 18.02
N THR C 135 9.30 1.74 18.07
CA THR C 135 8.68 1.08 19.21
C THR C 135 9.73 0.21 19.89
N ILE C 136 9.79 0.26 21.24
CA ILE C 136 10.73 -0.53 22.02
C ILE C 136 9.93 -1.46 22.94
N PHE C 137 10.42 -2.68 23.14
CA PHE C 137 9.71 -3.59 24.03
C PHE C 137 10.70 -4.49 24.75
N GLY C 138 10.29 -4.94 25.94
CA GLY C 138 10.99 -5.97 26.68
C GLY C 138 9.99 -6.89 27.34
N ILE C 139 10.24 -8.19 27.37
CA ILE C 139 9.26 -9.17 27.82
C ILE C 139 9.82 -9.99 28.98
N TYR C 140 9.09 -10.00 30.10
CA TYR C 140 9.45 -10.81 31.25
C TYR C 140 8.37 -11.85 31.52
N ARG C 141 8.78 -12.94 32.17
CA ARG C 141 7.81 -13.83 32.81
C ARG C 141 7.46 -13.30 34.19
N LYS C 142 6.25 -13.58 34.63
CA LYS C 142 5.87 -13.28 36.01
C LYS C 142 6.57 -14.26 36.95
N LYS C 143 7.37 -13.72 37.89
CA LYS C 143 8.06 -14.55 38.87
C LYS C 143 7.27 -14.72 40.17
N SER C 144 6.31 -13.84 40.43
CA SER C 144 5.51 -13.87 41.64
C SER C 144 4.41 -14.93 41.54
N THR C 145 3.73 -15.15 42.67
CA THR C 145 2.53 -15.98 42.73
C THR C 145 1.29 -15.20 43.13
N ASP C 146 1.43 -13.94 43.53
CA ASP C 146 0.31 -13.11 43.97
C ASP C 146 -0.54 -12.69 42.78
N GLU C 147 -1.65 -12.01 43.09
CA GLU C 147 -2.37 -11.29 42.06
C GLU C 147 -1.39 -10.43 41.27
N PRO C 148 -1.55 -10.33 39.96
CA PRO C 148 -0.64 -9.47 39.17
C PRO C 148 -0.70 -8.03 39.65
N SER C 149 0.46 -7.44 39.83
CA SER C 149 0.58 -6.09 40.35
C SER C 149 1.66 -5.36 39.56
N GLU C 150 1.83 -4.08 39.90
CA GLU C 150 2.93 -3.31 39.31
C GLU C 150 4.28 -3.91 39.67
N LYS C 151 4.42 -4.47 40.87
CA LYS C 151 5.70 -5.02 41.32
C LYS C 151 6.26 -6.02 40.31
N ASP C 152 5.39 -6.69 39.53
CA ASP C 152 5.80 -7.74 38.62
C ASP C 152 6.66 -7.24 37.47
N ALA C 153 6.65 -5.95 37.20
CA ALA C 153 7.52 -5.35 36.20
C ALA C 153 8.80 -4.80 36.79
N LEU C 154 8.97 -4.84 38.12
CA LEU C 154 10.20 -4.39 38.76
C LEU C 154 11.23 -5.52 38.77
N GLN C 155 11.61 -5.92 37.59
CA GLN C 155 12.61 -6.95 37.48
C GLN C 155 13.87 -6.40 36.81
N PRO C 156 15.02 -6.97 37.10
CA PRO C 156 16.23 -6.55 36.39
C PRO C 156 16.22 -7.06 34.96
N GLY C 157 16.86 -6.28 34.08
CA GLY C 157 17.02 -6.70 32.69
C GLY C 157 17.53 -8.12 32.56
N ARG C 158 18.40 -8.55 33.48
CA ARG C 158 18.87 -9.95 33.52
C ARG C 158 17.74 -10.94 33.27
N ASN C 159 16.53 -10.65 33.79
CA ASN C 159 15.40 -11.58 33.74
C ASN C 159 14.64 -11.55 32.42
N LEU C 160 15.11 -10.81 31.42
CA LEU C 160 14.37 -10.63 30.18
C LEU C 160 14.31 -11.92 29.38
N VAL C 161 13.13 -12.20 28.84
CA VAL C 161 12.94 -13.38 28.01
C VAL C 161 13.15 -13.07 26.54
N ALA C 162 12.63 -11.93 26.10
CA ALA C 162 12.87 -11.43 24.76
C ALA C 162 12.75 -9.91 24.78
N ALA C 163 13.38 -9.27 23.82
CA ALA C 163 13.35 -7.82 23.74
C ALA C 163 13.80 -7.39 22.35
N GLY C 164 13.56 -6.13 22.03
CA GLY C 164 13.86 -5.67 20.69
C GLY C 164 13.17 -4.37 20.41
N TYR C 165 12.98 -4.10 19.12
CA TYR C 165 12.37 -2.82 18.77
C TYR C 165 11.95 -2.89 17.31
N ALA C 166 11.00 -2.04 16.96
CA ALA C 166 10.68 -1.71 15.58
C ALA C 166 11.28 -0.36 15.26
N LEU C 167 11.88 -0.24 14.08
CA LEU C 167 12.42 1.02 13.59
C LEU C 167 11.57 1.49 12.42
N TYR C 168 10.93 2.65 12.57
CA TYR C 168 10.25 3.30 11.45
C TYR C 168 11.20 4.33 10.84
N GLY C 169 12.15 3.79 10.10
CA GLY C 169 13.17 4.57 9.40
C GLY C 169 12.79 4.73 7.95
N SER C 170 13.79 4.66 7.06
CA SER C 170 13.46 4.67 5.65
C SER C 170 12.70 3.41 5.27
N ALA C 171 12.97 2.32 5.97
CA ALA C 171 12.16 1.11 5.92
C ALA C 171 11.80 0.74 7.36
N THR C 172 10.79 -0.10 7.52
CA THR C 172 10.39 -0.57 8.83
C THR C 172 11.02 -1.93 9.11
N MET C 173 11.67 -2.04 10.26
CA MET C 173 12.38 -3.26 10.62
C MET C 173 12.17 -3.60 12.08
N LEU C 174 11.80 -4.84 12.36
CA LEU C 174 11.74 -5.32 13.73
C LEU C 174 13.00 -6.11 14.05
N VAL C 175 13.68 -5.70 15.11
CA VAL C 175 14.85 -6.39 15.65
C VAL C 175 14.40 -7.15 16.89
N LEU C 176 14.64 -8.45 16.90
CA LEU C 176 14.13 -9.34 17.95
C LEU C 176 15.31 -10.08 18.57
N ALA C 177 15.46 -9.92 19.88
CA ALA C 177 16.53 -10.58 20.63
C ALA C 177 15.90 -11.60 21.57
N MET C 178 16.47 -12.81 21.57
CA MET C 178 16.16 -13.84 22.54
C MET C 178 17.49 -14.53 22.88
N ASP C 179 17.41 -15.59 23.70
CA ASP C 179 18.66 -16.26 24.04
C ASP C 179 19.29 -16.86 22.79
N CYS C 180 18.48 -17.20 21.80
CA CYS C 180 19.06 -17.65 20.53
C CYS C 180 19.79 -16.55 19.76
N GLY C 181 19.80 -15.32 20.24
CA GLY C 181 20.50 -14.25 19.56
C GLY C 181 19.61 -13.16 19.01
N VAL C 182 20.16 -12.31 18.15
CA VAL C 182 19.49 -11.12 17.64
C VAL C 182 19.17 -11.35 16.16
N ASN C 183 17.92 -11.09 15.77
CA ASN C 183 17.50 -11.34 14.39
C ASN C 183 16.71 -10.15 13.85
N CYS C 184 17.01 -9.77 12.60
CA CYS C 184 16.44 -8.57 11.99
C CYS C 184 15.44 -8.92 10.89
N PHE C 185 14.22 -8.40 11.01
CA PHE C 185 13.12 -8.72 10.10
C PHE C 185 12.62 -7.43 9.44
N MET C 186 12.68 -7.38 8.13
CA MET C 186 12.31 -6.19 7.38
C MET C 186 10.84 -6.28 7.00
N LEU C 187 10.10 -5.21 7.27
CA LEU C 187 8.68 -5.21 6.95
C LEU C 187 8.53 -5.02 5.44
N ASP C 188 7.82 -5.95 4.81
CA ASP C 188 7.47 -5.80 3.41
C ASP C 188 6.07 -5.23 3.36
N PRO C 189 5.92 -3.92 3.15
CA PRO C 189 4.57 -3.32 3.21
C PRO C 189 3.65 -3.78 2.09
N ALA C 190 4.18 -4.35 1.01
CA ALA C 190 3.32 -4.86 -0.06
C ALA C 190 2.51 -6.07 0.39
N ILE C 191 3.05 -6.88 1.30
CA ILE C 191 2.35 -8.09 1.74
C ILE C 191 2.25 -8.13 3.27
N GLY C 192 2.65 -7.07 3.94
CA GLY C 192 2.51 -7.05 5.39
C GLY C 192 3.21 -8.18 6.11
N GLU C 193 4.45 -8.46 5.73
CA GLU C 193 5.17 -9.61 6.26
C GLU C 193 6.54 -9.16 6.72
N PHE C 194 7.00 -9.66 7.88
CA PHE C 194 8.34 -9.34 8.40
C PHE C 194 9.33 -10.37 7.90
N ILE C 195 10.21 -9.97 6.99
CA ILE C 195 11.11 -10.90 6.31
C ILE C 195 12.43 -10.96 7.05
N LEU C 196 12.80 -12.15 7.51
CA LEU C 196 14.10 -12.36 8.13
C LEU C 196 15.21 -12.06 7.13
N VAL C 197 15.95 -10.97 7.34
CA VAL C 197 16.99 -10.54 6.41
C VAL C 197 18.39 -10.54 7.00
N ASP C 198 18.55 -10.60 8.32
CA ASP C 198 19.86 -10.66 8.95
C ASP C 198 19.78 -11.62 10.12
N LYS C 199 20.49 -12.75 10.02
CA LYS C 199 20.42 -13.84 10.98
C LYS C 199 21.54 -13.77 12.01
N ASP C 200 21.19 -13.97 13.28
CA ASP C 200 22.15 -14.08 14.38
C ASP C 200 23.17 -12.95 14.37
N VAL C 201 22.65 -11.71 14.27
CA VAL C 201 23.49 -10.53 14.19
C VAL C 201 24.52 -10.47 15.33
N LYS C 202 25.69 -9.89 15.03
CA LYS C 202 26.66 -9.53 16.05
C LYS C 202 27.26 -8.18 15.72
N ILE C 203 27.57 -7.39 16.77
CA ILE C 203 28.10 -6.04 16.62
C ILE C 203 29.61 -6.10 16.41
N LYS C 204 30.16 -5.18 15.61
CA LYS C 204 31.60 -5.08 15.48
C LYS C 204 32.23 -4.95 16.85
N LYS C 205 33.43 -5.50 16.99
CA LYS C 205 34.13 -5.41 18.27
C LYS C 205 34.50 -3.97 18.60
N LYS C 206 34.69 -3.13 17.59
CA LYS C 206 35.11 -1.74 17.76
C LYS C 206 34.67 -0.94 16.54
N GLY C 207 34.04 0.20 16.78
CA GLY C 207 33.47 1.02 15.73
C GLY C 207 34.23 2.32 15.52
N LYS C 208 33.64 3.18 14.69
CA LYS C 208 34.23 4.45 14.31
C LYS C 208 33.26 5.64 14.42
N ILE C 209 32.12 5.45 15.09
CA ILE C 209 31.12 6.50 15.29
C ILE C 209 30.83 6.61 16.77
N TYR C 210 30.74 7.85 17.28
CA TYR C 210 30.22 8.09 18.62
C TYR C 210 28.92 8.90 18.56
N SER C 211 28.00 8.60 19.47
CA SER C 211 26.67 9.20 19.44
C SER C 211 26.27 9.71 20.83
N LEU C 212 26.02 11.02 20.95
CA LEU C 212 25.50 11.65 22.16
C LEU C 212 25.15 13.10 21.89
N ASN C 213 24.24 13.65 22.68
CA ASN C 213 23.90 15.06 22.55
C ASN C 213 25.01 15.91 23.17
N GLU C 214 25.88 16.48 22.33
CA GLU C 214 26.96 17.35 22.79
C GLU C 214 26.50 18.76 23.16
N GLY C 215 25.23 19.09 22.97
CA GLY C 215 24.75 20.37 23.45
C GLY C 215 24.93 20.54 24.95
N TYR C 216 24.83 19.44 25.71
CA TYR C 216 24.98 19.43 27.15
C TYR C 216 26.44 19.41 27.59
N ALA C 217 27.35 19.92 26.76
CA ALA C 217 28.78 19.82 27.07
C ALA C 217 29.11 20.50 28.40
N ARG C 218 28.47 21.65 28.68
CA ARG C 218 28.78 22.42 29.89
C ARG C 218 28.46 21.62 31.14
N ASP C 219 27.53 20.68 31.05
CA ASP C 219 27.05 19.95 32.21
C ASP C 219 27.53 18.50 32.21
N PHE C 220 28.41 18.15 31.29
CA PHE C 220 28.90 16.78 31.18
C PHE C 220 29.74 16.41 32.40
N ASP C 221 29.61 15.16 32.83
CA ASP C 221 30.58 14.58 33.76
C ASP C 221 31.99 14.65 33.18
N PRO C 222 33.03 14.80 34.00
CA PRO C 222 34.39 14.89 33.45
C PRO C 222 34.88 13.64 32.72
N ALA C 223 34.31 12.45 32.99
CA ALA C 223 34.73 11.28 32.22
C ALA C 223 34.19 11.34 30.80
N VAL C 224 32.96 11.81 30.64
CA VAL C 224 32.39 11.99 29.31
C VAL C 224 33.21 13.00 28.52
N THR C 225 33.58 14.11 29.15
CA THR C 225 34.39 15.14 28.49
C THR C 225 35.69 14.56 27.95
N GLU C 226 36.40 13.80 28.79
CA GLU C 226 37.66 13.20 28.37
C GLU C 226 37.43 12.20 27.24
N TYR C 227 36.52 11.25 27.43
CA TYR C 227 36.30 10.22 26.41
C TYR C 227 35.93 10.86 25.06
N ILE C 228 35.02 11.83 25.06
CA ILE C 228 34.62 12.46 23.81
C ILE C 228 35.80 13.20 23.19
N GLN C 229 36.61 13.85 24.02
CA GLN C 229 37.80 14.52 23.48
C GLN C 229 38.79 13.50 22.90
N ARG C 230 38.83 12.28 23.46
CA ARG C 230 39.62 11.21 22.85
C ARG C 230 39.08 10.80 21.50
N LYS C 231 37.77 10.87 21.31
CA LYS C 231 37.18 10.49 20.04
C LYS C 231 37.45 11.53 18.97
N LYS C 232 37.54 12.80 19.37
CA LYS C 232 37.86 13.85 18.42
C LYS C 232 39.37 14.06 18.28
N PHE C 233 40.11 13.97 19.38
CA PHE C 233 41.57 14.18 19.40
C PHE C 233 42.24 12.92 19.94
N PRO C 234 42.34 11.87 19.12
CA PRO C 234 42.92 10.63 19.64
C PRO C 234 44.40 10.82 19.91
N PRO C 235 44.94 10.11 20.90
CA PRO C 235 46.35 10.29 21.27
C PRO C 235 47.32 9.37 20.55
N ASP C 236 46.85 8.46 19.69
CA ASP C 236 47.70 7.40 19.16
C ASP C 236 47.81 7.44 17.65
N ASN C 237 47.46 8.58 17.03
CA ASN C 237 47.44 8.73 15.58
C ASN C 237 46.35 7.90 14.89
N SER C 238 45.35 7.42 15.62
CA SER C 238 44.19 6.84 14.96
C SER C 238 43.34 7.94 14.31
N ALA C 239 42.53 7.55 13.33
CA ALA C 239 41.56 8.49 12.77
C ALA C 239 40.54 8.88 13.83
N PRO C 240 40.22 10.16 13.93
CA PRO C 240 39.08 10.56 14.78
C PRO C 240 37.80 9.87 14.34
N TYR C 241 36.96 9.55 15.32
CA TYR C 241 35.66 8.98 15.05
C TYR C 241 34.76 10.01 14.38
N GLY C 242 33.82 9.52 13.56
CA GLY C 242 32.73 10.36 13.14
C GLY C 242 31.64 10.43 14.19
N ALA C 243 30.87 11.52 14.17
CA ALA C 243 29.75 11.71 15.08
C ALA C 243 28.44 11.52 14.33
N ARG C 244 27.49 10.85 14.98
CA ARG C 244 26.11 10.81 14.53
C ARG C 244 25.25 10.96 15.76
N TYR C 245 24.14 11.69 15.64
CA TYR C 245 23.19 11.75 16.76
C TYR C 245 21.83 12.16 16.19
N VAL C 246 21.02 11.14 15.84
CA VAL C 246 19.71 11.38 15.28
C VAL C 246 18.80 12.09 16.29
N GLY C 247 19.02 11.83 17.58
CA GLY C 247 18.14 12.30 18.62
C GLY C 247 17.01 11.34 18.93
N SER C 248 16.97 10.22 18.24
CA SER C 248 15.94 9.20 18.36
C SER C 248 16.62 7.90 18.73
N MET C 249 16.34 7.41 19.95
CA MET C 249 17.11 6.30 20.51
C MET C 249 17.11 5.09 19.59
N VAL C 250 15.94 4.72 19.07
CA VAL C 250 15.86 3.52 18.25
C VAL C 250 16.77 3.64 17.02
N ALA C 251 16.69 4.79 16.35
CA ALA C 251 17.54 5.00 15.17
C ALA C 251 19.01 4.95 15.56
N ASP C 252 19.39 5.69 16.61
CA ASP C 252 20.79 5.74 17.02
C ASP C 252 21.29 4.38 17.44
N VAL C 253 20.49 3.64 18.23
CA VAL C 253 20.94 2.33 18.69
C VAL C 253 20.99 1.36 17.53
N HIS C 254 20.08 1.47 16.56
CA HIS C 254 20.13 0.53 15.46
C HIS C 254 21.37 0.76 14.62
N ARG C 255 21.66 2.02 14.29
CA ARG C 255 22.90 2.30 13.60
C ARG C 255 24.08 1.72 14.35
N THR C 256 24.10 1.87 15.68
CA THR C 256 25.18 1.28 16.47
C THR C 256 25.23 -0.24 16.29
N LEU C 257 24.08 -0.89 16.28
CA LEU C 257 24.08 -2.33 16.09
C LEU C 257 24.62 -2.74 14.72
N VAL C 258 24.39 -1.92 13.70
CA VAL C 258 24.69 -2.30 12.32
C VAL C 258 26.09 -1.86 11.90
N TYR C 259 26.55 -0.68 12.35
CA TYR C 259 27.88 -0.18 12.01
C TYR C 259 28.87 -0.28 13.16
N GLY C 260 28.44 -0.61 14.37
CA GLY C 260 29.34 -0.59 15.50
C GLY C 260 29.50 0.82 16.06
N GLY C 261 30.23 0.90 17.17
CA GLY C 261 30.49 2.20 17.76
C GLY C 261 29.87 2.36 19.13
N ILE C 262 29.54 3.60 19.51
CA ILE C 262 29.08 3.88 20.87
C ILE C 262 27.94 4.89 20.85
N PHE C 263 26.93 4.63 21.70
CA PHE C 263 25.82 5.53 21.91
C PHE C 263 25.76 5.85 23.39
N LEU C 264 25.64 7.12 23.74
CA LEU C 264 25.66 7.54 25.13
C LEU C 264 24.53 8.51 25.38
N TYR C 265 23.70 8.21 26.37
CA TYR C 265 22.94 9.24 27.09
C TYR C 265 23.38 9.13 28.54
N PRO C 266 24.43 9.82 28.93
CA PRO C 266 25.05 9.62 30.24
C PRO C 266 24.49 10.56 31.30
N ALA C 267 24.82 10.26 32.56
CA ALA C 267 24.39 11.09 33.68
C ALA C 267 24.96 12.51 33.57
N ASN C 268 24.16 13.48 34.00
CA ASN C 268 24.54 14.88 33.93
C ASN C 268 24.78 15.46 35.33
N LYS C 269 25.26 16.70 35.33
CA LYS C 269 25.14 17.54 36.52
C LYS C 269 23.67 17.87 36.80
N LYS C 270 22.90 18.13 35.74
CA LYS C 270 21.50 18.53 35.82
C LYS C 270 20.55 17.41 35.42
N SER C 271 21.07 16.20 35.20
CA SER C 271 20.27 15.00 35.00
C SER C 271 20.99 13.87 35.72
N PRO C 272 20.98 13.90 37.05
CA PRO C 272 21.82 12.97 37.82
C PRO C 272 21.59 11.50 37.50
N ASN C 273 20.49 11.18 36.81
CA ASN C 273 20.18 9.78 36.51
C ASN C 273 19.95 9.56 35.02
N GLY C 274 20.62 10.37 34.19
CA GLY C 274 20.36 10.28 32.80
C GLY C 274 18.95 10.74 32.48
N LYS C 275 18.52 10.39 31.28
CA LYS C 275 17.17 10.70 30.83
C LYS C 275 16.37 9.48 30.42
N LEU C 276 16.97 8.52 29.73
CA LEU C 276 16.20 7.43 29.15
C LEU C 276 15.68 6.49 30.22
N ARG C 277 14.48 5.95 30.01
CA ARG C 277 13.80 5.15 31.02
C ARG C 277 14.36 3.73 31.07
N LEU C 278 14.66 3.27 32.27
CA LEU C 278 15.34 1.99 32.44
C LEU C 278 14.49 0.85 31.91
N LEU C 279 13.20 0.84 32.24
CA LEU C 279 12.41 -0.39 32.06
C LEU C 279 12.10 -0.69 30.60
N TYR C 280 11.81 0.35 29.79
CA TYR C 280 11.33 0.13 28.42
C TYR C 280 12.11 0.96 27.41
N GLU C 281 13.28 1.49 27.79
CA GLU C 281 14.20 2.10 26.83
C GLU C 281 15.61 1.52 26.98
N CYS C 282 16.21 1.62 28.17
CA CYS C 282 17.58 1.12 28.36
C CYS C 282 17.63 -0.39 28.39
N ASN C 283 16.78 -1.02 29.17
CA ASN C 283 16.89 -2.47 29.27
C ASN C 283 16.77 -3.17 27.93
N PRO C 284 15.70 -2.95 27.14
CA PRO C 284 15.62 -3.68 25.86
C PRO C 284 16.80 -3.39 24.94
N MET C 285 17.27 -2.15 24.88
CA MET C 285 18.47 -1.87 24.09
C MET C 285 19.69 -2.56 24.67
N ALA C 286 19.81 -2.58 26.00
CA ALA C 286 20.92 -3.27 26.64
C ALA C 286 20.85 -4.76 26.37
N TYR C 287 19.67 -5.34 26.45
CA TYR C 287 19.53 -6.75 26.16
C TYR C 287 19.88 -7.07 24.72
N VAL C 288 19.37 -6.26 23.78
CA VAL C 288 19.68 -6.47 22.36
C VAL C 288 21.18 -6.38 22.12
N MET C 289 21.84 -5.41 22.75
CA MET C 289 23.29 -5.30 22.65
C MET C 289 23.99 -6.54 23.19
N GLU C 290 23.61 -6.98 24.39
CA GLU C 290 24.34 -8.09 25.01
C GLU C 290 24.23 -9.36 24.19
N LYS C 291 23.02 -9.66 23.72
CA LYS C 291 22.84 -10.83 22.85
C LYS C 291 23.54 -10.66 21.51
N ALA C 292 23.83 -9.42 21.09
CA ALA C 292 24.52 -9.19 19.84
C ALA C 292 26.03 -9.11 20.02
N GLY C 293 26.54 -9.54 21.18
CA GLY C 293 27.95 -9.50 21.48
C GLY C 293 28.49 -8.17 21.97
N GLY C 294 27.64 -7.16 22.20
CA GLY C 294 28.08 -5.87 22.69
C GLY C 294 27.83 -5.69 24.18
N MET C 295 27.95 -4.44 24.62
CA MET C 295 27.89 -4.10 26.04
C MET C 295 26.93 -2.94 26.27
N ALA C 296 26.50 -2.80 27.52
CA ALA C 296 25.60 -1.70 27.88
C ALA C 296 25.73 -1.42 29.38
N THR C 297 26.30 -0.26 29.72
CA THR C 297 26.60 0.07 31.11
C THR C 297 25.98 1.40 31.50
N THR C 298 25.79 1.57 32.80
CA THR C 298 25.48 2.85 33.41
C THR C 298 26.72 3.64 33.77
N GLY C 299 27.90 3.04 33.67
CA GLY C 299 29.13 3.57 34.21
C GLY C 299 29.51 2.93 35.52
N LYS C 300 28.52 2.60 36.35
CA LYS C 300 28.76 1.98 37.64
C LYS C 300 28.32 0.53 37.72
N GLU C 301 27.58 0.02 36.74
CA GLU C 301 27.22 -1.39 36.66
C GLU C 301 26.67 -1.67 35.26
N ALA C 302 26.49 -2.96 34.97
CA ALA C 302 25.74 -3.32 33.77
C ALA C 302 24.30 -2.86 33.92
N VAL C 303 23.73 -2.31 32.83
CA VAL C 303 22.36 -1.82 32.86
C VAL C 303 21.41 -2.90 33.32
N LEU C 304 21.58 -4.12 32.78
CA LEU C 304 20.67 -5.23 33.02
C LEU C 304 20.70 -5.74 34.44
N ASP C 305 21.71 -5.35 35.24
CA ASP C 305 21.80 -5.78 36.64
C ASP C 305 21.06 -4.87 37.59
N VAL C 306 20.81 -3.63 37.18
CA VAL C 306 20.06 -2.66 37.97
C VAL C 306 18.73 -3.24 38.40
N ILE C 307 18.50 -3.32 39.71
CA ILE C 307 17.19 -3.66 40.25
C ILE C 307 16.36 -2.38 40.29
N PRO C 308 15.28 -2.29 39.54
CA PRO C 308 14.45 -1.07 39.59
C PRO C 308 13.53 -1.03 40.80
N THR C 309 13.31 0.19 41.31
CA THR C 309 12.33 0.40 42.37
C THR C 309 11.17 1.27 41.92
N ASP C 310 11.18 1.75 40.67
CA ASP C 310 10.14 2.60 40.11
C ASP C 310 10.04 2.25 38.63
N ILE C 311 8.83 1.98 38.14
CA ILE C 311 8.70 1.53 36.76
C ILE C 311 9.13 2.61 35.78
N HIS C 312 9.12 3.87 36.19
CA HIS C 312 9.51 4.97 35.32
C HIS C 312 10.84 5.59 35.72
N GLN C 313 11.65 4.88 36.52
CA GLN C 313 12.94 5.44 36.88
C GLN C 313 13.84 5.49 35.65
N ARG C 314 14.77 6.43 35.67
CA ARG C 314 15.68 6.62 34.55
C ARG C 314 17.03 6.01 34.89
N ALA C 315 17.89 5.96 33.89
CA ALA C 315 19.21 5.38 34.09
C ALA C 315 20.16 5.99 33.08
N PRO C 316 21.41 6.24 33.45
CA PRO C 316 22.45 6.48 32.43
C PRO C 316 22.62 5.23 31.58
N VAL C 317 23.01 5.42 30.33
CA VAL C 317 23.19 4.27 29.44
C VAL C 317 24.30 4.54 28.43
N ILE C 318 25.37 3.74 28.50
CA ILE C 318 26.45 3.75 27.50
C ILE C 318 26.49 2.35 26.91
N LEU C 319 26.28 2.24 25.60
CA LEU C 319 26.23 0.93 24.97
C LEU C 319 26.84 0.97 23.58
N GLY C 320 27.17 -0.22 23.08
CA GLY C 320 27.67 -0.36 21.72
C GLY C 320 28.79 -1.37 21.59
N SER C 321 29.79 -1.07 20.77
CA SER C 321 30.88 -2.01 20.56
C SER C 321 31.58 -2.31 21.87
N PRO C 322 31.97 -3.56 22.11
CA PRO C 322 32.57 -3.90 23.42
C PRO C 322 33.85 -3.11 23.70
N ASP C 323 34.76 -2.97 22.73
CA ASP C 323 35.98 -2.21 22.97
C ASP C 323 35.66 -0.75 23.30
N ASP C 324 34.66 -0.17 22.62
CA ASP C 324 34.34 1.23 22.84
C ASP C 324 33.74 1.46 24.22
N VAL C 325 32.83 0.58 24.65
CA VAL C 325 32.30 0.71 26.00
C VAL C 325 33.41 0.52 27.02
N LEU C 326 34.27 -0.49 26.81
CA LEU C 326 35.37 -0.74 27.73
C LEU C 326 36.28 0.48 27.82
N GLU C 327 36.76 0.97 26.67
CA GLU C 327 37.54 2.19 26.64
C GLU C 327 36.89 3.27 27.50
N PHE C 328 35.56 3.39 27.40
CA PHE C 328 34.84 4.39 28.18
C PHE C 328 34.95 4.11 29.68
N LEU C 329 34.74 2.86 30.09
CA LEU C 329 34.76 2.55 31.51
C LEU C 329 36.13 2.80 32.13
N LYS C 330 37.22 2.54 31.37
CA LYS C 330 38.55 2.89 31.82
C LYS C 330 38.63 4.37 32.18
N VAL C 331 38.09 5.22 31.30
CA VAL C 331 38.04 6.65 31.60
C VAL C 331 37.17 6.91 32.80
N TYR C 332 36.06 6.18 32.91
CA TYR C 332 35.15 6.36 34.04
C TYR C 332 35.83 5.95 35.35
N GLU C 333 36.57 4.84 35.34
CA GLU C 333 37.27 4.42 36.55
C GLU C 333 38.42 5.36 36.89
N LYS C 334 39.06 5.95 35.88
CA LYS C 334 40.12 6.91 36.17
C LYS C 334 39.58 8.12 36.94
N HIS C 335 38.41 8.62 36.55
CA HIS C 335 37.81 9.79 37.17
C HIS C 335 36.98 9.46 38.41
N SER C 336 37.17 8.29 39.02
CA SER C 336 36.32 7.90 40.15
C SER C 336 37.10 7.44 41.37
N ALA C 337 36.50 7.61 42.54
N ASP D 10 -10.00 22.67 2.58
CA ASP D 10 -10.10 22.50 1.13
C ASP D 10 -8.82 21.88 0.55
N VAL D 11 -8.83 20.55 0.38
CA VAL D 11 -7.62 19.80 0.08
C VAL D 11 -7.00 20.26 -1.24
N ASN D 12 -5.69 20.07 -1.35
CA ASN D 12 -4.91 20.54 -2.47
C ASN D 12 -3.75 19.59 -2.71
N THR D 13 -3.40 19.39 -3.97
CA THR D 13 -2.36 18.44 -4.34
C THR D 13 -1.20 19.17 -5.00
N LEU D 14 -0.04 18.51 -5.01
CA LEU D 14 1.11 19.10 -5.67
C LEU D 14 0.81 19.37 -7.13
N THR D 15 0.25 18.38 -7.84
CA THR D 15 -0.17 18.59 -9.22
C THR D 15 -1.13 19.78 -9.35
N ARG D 16 -2.20 19.79 -8.55
CA ARG D 16 -3.15 20.89 -8.65
C ARG D 16 -2.47 22.22 -8.34
N PHE D 17 -1.59 22.23 -7.34
CA PHE D 17 -0.93 23.47 -6.95
C PHE D 17 -0.05 23.99 -8.08
N VAL D 18 0.63 23.10 -8.79
CA VAL D 18 1.65 23.52 -9.74
C VAL D 18 1.04 24.03 -11.04
N MET D 19 0.03 23.33 -11.57
CA MET D 19 -0.58 23.85 -12.80
C MET D 19 -1.43 25.08 -12.54
N GLU D 20 -1.94 25.25 -11.31
CA GLU D 20 -2.60 26.51 -11.01
C GLU D 20 -1.61 27.66 -10.97
N GLU D 21 -0.38 27.41 -10.51
CA GLU D 21 0.66 28.41 -10.66
C GLU D 21 1.06 28.56 -12.12
N GLY D 22 1.02 27.48 -12.90
CA GLY D 22 1.35 27.58 -14.31
C GLY D 22 0.31 28.33 -15.12
N ARG D 23 -0.97 28.02 -14.90
CA ARG D 23 -2.05 28.73 -15.56
C ARG D 23 -1.94 30.24 -15.33
N LYS D 24 -1.68 30.65 -14.09
CA LYS D 24 -1.56 32.08 -13.80
C LYS D 24 -0.37 32.69 -14.52
N ALA D 25 0.75 31.96 -14.60
CA ALA D 25 1.94 32.47 -15.30
C ALA D 25 1.80 32.46 -16.81
N ARG D 26 0.78 31.76 -17.35
CA ARG D 26 0.55 31.67 -18.79
C ARG D 26 1.73 30.97 -19.49
N GLY D 27 2.28 29.96 -18.83
CA GLY D 27 3.47 29.29 -19.29
C GLY D 27 3.20 28.17 -20.28
N THR D 28 4.28 27.53 -20.73
CA THR D 28 4.17 26.58 -21.83
C THR D 28 3.78 25.19 -21.39
N GLY D 29 3.83 24.90 -20.09
CA GLY D 29 3.47 23.61 -19.54
C GLY D 29 4.63 22.74 -19.10
N GLU D 30 5.86 23.05 -19.54
CA GLU D 30 6.98 22.15 -19.35
C GLU D 30 7.32 21.97 -17.88
N LEU D 31 7.28 23.05 -17.10
CA LEU D 31 7.60 22.94 -15.68
C LEU D 31 6.63 21.99 -14.98
N THR D 32 5.35 22.02 -15.35
CA THR D 32 4.38 21.13 -14.74
C THR D 32 4.64 19.68 -15.15
N GLN D 33 4.87 19.47 -16.45
CA GLN D 33 5.25 18.15 -16.92
C GLN D 33 6.51 17.66 -16.24
N LEU D 34 7.47 18.57 -16.01
CA LEU D 34 8.71 18.18 -15.33
C LEU D 34 8.40 17.73 -13.91
N LEU D 35 7.72 18.59 -13.15
CA LEU D 35 7.50 18.31 -11.74
C LEU D 35 6.56 17.12 -11.55
N ASN D 36 5.55 16.99 -12.41
CA ASN D 36 4.67 15.83 -12.29
C ASN D 36 5.46 14.53 -12.54
N SER D 37 6.42 14.58 -13.45
CA SER D 37 7.25 13.40 -13.70
C SER D 37 8.15 13.11 -12.51
N LEU D 38 8.78 14.14 -11.96
CA LEU D 38 9.59 13.98 -10.77
C LEU D 38 8.77 13.37 -9.63
N CYS D 39 7.54 13.84 -9.45
CA CYS D 39 6.65 13.31 -8.43
C CYS D 39 6.45 11.81 -8.59
N THR D 40 6.28 11.35 -9.83
CA THR D 40 6.19 9.93 -10.10
C THR D 40 7.47 9.20 -9.69
N ALA D 41 8.63 9.71 -10.12
CA ALA D 41 9.89 9.15 -9.69
C ALA D 41 9.97 9.07 -8.19
N VAL D 42 9.56 10.14 -7.50
CA VAL D 42 9.69 10.16 -6.04
C VAL D 42 8.77 9.11 -5.42
N LYS D 43 7.58 8.92 -5.99
CA LYS D 43 6.70 7.90 -5.44
C LYS D 43 7.27 6.50 -5.65
N ALA D 44 7.88 6.26 -6.81
CA ALA D 44 8.53 4.98 -7.03
C ALA D 44 9.73 4.79 -6.11
N ILE D 45 10.52 5.85 -5.89
CA ILE D 45 11.67 5.71 -4.99
C ILE D 45 11.21 5.41 -3.57
N SER D 46 10.25 6.21 -3.08
CA SER D 46 9.65 5.97 -1.78
C SER D 46 9.26 4.50 -1.60
N SER D 47 8.53 3.95 -2.58
CA SER D 47 8.13 2.54 -2.50
C SER D 47 9.33 1.61 -2.38
N ALA D 48 10.36 1.81 -3.21
CA ALA D 48 11.53 0.97 -3.12
C ALA D 48 12.24 1.16 -1.79
N VAL D 49 12.36 2.42 -1.35
CA VAL D 49 13.04 2.71 -0.08
C VAL D 49 12.34 2.02 1.09
N ARG D 50 11.02 2.07 1.13
CA ARG D 50 10.28 1.34 2.16
C ARG D 50 10.27 -0.18 1.92
N LYS D 51 11.01 -0.66 0.91
CA LYS D 51 11.28 -2.08 0.71
C LYS D 51 10.02 -2.89 0.36
N ALA D 52 9.08 -2.29 -0.37
CA ALA D 52 7.94 -3.06 -0.86
C ALA D 52 8.39 -4.03 -1.95
N GLY D 53 7.94 -5.27 -1.85
CA GLY D 53 8.40 -6.32 -2.74
C GLY D 53 9.72 -6.96 -2.35
N ILE D 54 10.27 -6.62 -1.18
CA ILE D 54 11.57 -7.16 -0.80
C ILE D 54 11.52 -8.68 -0.66
N ALA D 55 10.37 -9.24 -0.28
CA ALA D 55 10.30 -10.68 -0.07
C ALA D 55 10.58 -11.45 -1.36
N HIS D 56 10.31 -10.85 -2.52
CA HIS D 56 10.66 -11.50 -3.77
C HIS D 56 12.17 -11.65 -3.92
N LEU D 57 12.95 -10.73 -3.36
CA LEU D 57 14.40 -10.92 -3.34
C LEU D 57 14.81 -12.09 -2.47
N TYR D 58 14.05 -12.39 -1.43
CA TYR D 58 14.45 -13.38 -0.45
C TYR D 58 13.71 -14.70 -0.63
N GLY D 59 13.18 -14.97 -1.81
CA GLY D 59 12.71 -16.31 -2.15
C GLY D 59 11.22 -16.58 -2.09
N ILE D 60 10.39 -15.57 -1.88
CA ILE D 60 8.95 -15.76 -1.70
C ILE D 60 8.36 -16.65 -2.80
N ALA D 61 8.90 -16.55 -4.02
CA ALA D 61 8.37 -17.27 -5.18
C ALA D 61 9.45 -18.11 -5.85
N GLY D 62 10.44 -18.55 -5.07
CA GLY D 62 11.47 -19.44 -5.57
C GLY D 62 12.65 -18.77 -6.25
N SER D 63 12.47 -18.42 -7.52
CA SER D 63 13.53 -17.80 -8.33
C SER D 63 14.14 -16.58 -7.64
N LYS D 73 22.03 -0.89 -4.73
CA LYS D 73 21.17 -0.87 -5.93
C LYS D 73 20.07 0.21 -5.83
N LEU D 74 19.73 0.64 -4.61
CA LEU D 74 18.79 1.76 -4.46
C LEU D 74 19.39 3.05 -4.99
N ASP D 75 20.71 3.21 -4.83
CA ASP D 75 21.48 4.17 -5.61
C ASP D 75 21.02 4.15 -7.05
N VAL D 76 21.41 3.10 -7.78
CA VAL D 76 21.21 3.03 -9.21
C VAL D 76 19.74 3.11 -9.57
N LEU D 77 18.90 2.40 -8.81
CA LEU D 77 17.49 2.38 -9.16
C LEU D 77 16.85 3.74 -9.03
N SER D 78 17.12 4.47 -7.93
CA SER D 78 16.59 5.83 -7.80
C SER D 78 17.08 6.72 -8.93
N ASN D 79 18.34 6.57 -9.30
CA ASN D 79 18.89 7.43 -10.34
C ASN D 79 18.28 7.10 -11.70
N ASP D 80 18.05 5.81 -11.98
CA ASP D 80 17.35 5.43 -13.20
C ASP D 80 15.94 6.02 -13.22
N LEU D 81 15.25 6.01 -12.08
CA LEU D 81 13.89 6.53 -12.02
C LEU D 81 13.87 8.02 -12.37
N VAL D 82 14.74 8.82 -11.74
CA VAL D 82 14.74 10.25 -12.03
C VAL D 82 15.15 10.50 -13.48
N MET D 83 16.22 9.84 -13.93
CA MET D 83 16.67 10.02 -15.32
C MET D 83 15.55 9.73 -16.32
N ASN D 84 14.91 8.58 -16.20
CA ASN D 84 13.92 8.28 -17.22
C ASN D 84 12.68 9.15 -17.07
N MET D 85 12.21 9.37 -15.84
CA MET D 85 11.05 10.24 -15.69
C MET D 85 11.34 11.66 -16.17
N LEU D 86 12.58 12.13 -16.05
CA LEU D 86 12.88 13.47 -16.55
C LEU D 86 13.02 13.48 -18.07
N LYS D 87 13.76 12.51 -18.64
CA LYS D 87 13.77 12.37 -20.10
C LYS D 87 12.35 12.24 -20.66
N SER D 88 11.48 11.49 -19.98
CA SER D 88 10.11 11.25 -20.46
C SER D 88 9.24 12.49 -20.46
N SER D 89 9.59 13.51 -19.67
CA SER D 89 8.71 14.67 -19.48
C SER D 89 8.73 15.62 -20.66
N PHE D 90 9.72 15.53 -21.54
CA PHE D 90 9.91 16.44 -22.67
C PHE D 90 10.23 17.85 -22.22
N ALA D 91 10.63 18.03 -20.95
CA ALA D 91 10.83 19.36 -20.39
C ALA D 91 12.27 19.68 -20.06
N THR D 92 13.19 18.71 -20.18
CA THR D 92 14.57 18.93 -19.82
C THR D 92 15.48 18.71 -21.02
N CYS D 93 16.69 19.29 -20.93
CA CYS D 93 17.68 19.08 -21.99
C CYS D 93 19.03 18.68 -21.42
N VAL D 94 19.32 19.03 -20.16
CA VAL D 94 20.60 18.72 -19.54
C VAL D 94 20.36 18.22 -18.12
N LEU D 95 20.82 17.00 -17.82
CA LEU D 95 20.53 16.34 -16.54
C LEU D 95 21.85 16.01 -15.85
N VAL D 96 22.12 16.69 -14.74
CA VAL D 96 23.31 16.46 -13.93
C VAL D 96 22.91 15.72 -12.67
N SER D 97 23.61 14.63 -12.36
CA SER D 97 23.27 13.78 -11.24
C SER D 97 24.55 13.40 -10.51
N GLU D 98 24.37 13.10 -9.22
CA GLU D 98 25.47 12.62 -8.38
C GLU D 98 26.06 11.32 -8.92
N GLU D 99 25.25 10.48 -9.55
CA GLU D 99 25.69 9.15 -9.95
C GLU D 99 26.48 9.13 -11.24
N ASP D 100 26.43 10.19 -12.05
CA ASP D 100 27.01 10.19 -13.39
C ASP D 100 28.18 11.15 -13.44
N LYS D 101 29.30 10.69 -14.03
CA LYS D 101 30.49 11.53 -14.11
C LYS D 101 30.24 12.78 -14.94
N HIS D 102 29.41 12.69 -15.99
CA HIS D 102 29.17 13.83 -16.87
C HIS D 102 27.69 14.17 -16.92
N ALA D 103 27.41 15.39 -17.40
CA ALA D 103 26.02 15.75 -17.63
C ALA D 103 25.45 14.82 -18.67
N ILE D 104 24.19 14.43 -18.47
CA ILE D 104 23.47 13.66 -19.47
C ILE D 104 22.73 14.63 -20.37
N ILE D 105 22.96 14.53 -21.67
CA ILE D 105 22.27 15.35 -22.65
C ILE D 105 21.06 14.58 -23.15
N VAL D 106 19.87 15.17 -22.98
CA VAL D 106 18.65 14.56 -23.49
C VAL D 106 18.65 14.57 -25.01
N GLU D 107 18.19 13.47 -25.60
CA GLU D 107 18.19 13.33 -27.05
C GLU D 107 17.22 14.32 -27.69
N PRO D 108 17.49 14.73 -28.93
CA PRO D 108 16.79 15.91 -29.48
C PRO D 108 15.27 15.84 -29.42
N GLU D 109 14.68 14.68 -29.74
CA GLU D 109 13.22 14.62 -29.85
C GLU D 109 12.50 14.64 -28.51
N LYS D 110 13.21 14.54 -27.38
CA LYS D 110 12.60 14.63 -26.06
C LYS D 110 12.97 15.91 -25.32
N ARG D 111 13.57 16.88 -26.01
CA ARG D 111 14.24 17.99 -25.34
C ARG D 111 13.26 19.07 -24.90
N GLY D 112 13.46 19.57 -23.68
CA GLY D 112 12.77 20.72 -23.17
C GLY D 112 13.79 21.77 -22.71
N LYS D 113 13.27 22.87 -22.18
CA LYS D 113 14.15 23.99 -21.92
C LYS D 113 14.82 23.97 -20.55
N TYR D 114 14.58 22.97 -19.71
CA TYR D 114 15.00 23.03 -18.31
C TYR D 114 16.24 22.16 -18.06
N VAL D 115 17.11 22.64 -17.17
CA VAL D 115 18.26 21.88 -16.68
C VAL D 115 18.00 21.48 -15.24
N VAL D 116 18.17 20.19 -14.94
CA VAL D 116 17.88 19.63 -13.61
C VAL D 116 19.15 19.00 -13.07
N CYS D 117 19.57 19.43 -11.88
CA CYS D 117 20.67 18.83 -11.16
C CYS D 117 20.07 18.18 -9.92
N PHE D 118 20.36 16.90 -9.71
CA PHE D 118 19.70 16.23 -8.61
C PHE D 118 20.64 15.23 -7.93
N ASP D 119 20.33 14.95 -6.67
CA ASP D 119 20.91 13.82 -5.97
C ASP D 119 19.81 12.79 -5.81
N PRO D 120 19.84 11.67 -6.53
CA PRO D 120 18.66 10.79 -6.54
C PRO D 120 18.39 10.15 -5.20
N LEU D 121 19.42 9.82 -4.42
CA LEU D 121 19.20 9.17 -3.14
C LEU D 121 20.25 9.64 -2.14
N ASP D 122 20.18 10.90 -1.77
CA ASP D 122 21.19 11.49 -0.91
C ASP D 122 21.24 10.81 0.46
N GLY D 123 22.46 10.53 0.92
CA GLY D 123 22.66 9.93 2.22
C GLY D 123 22.70 8.42 2.21
N SER D 124 22.46 7.79 1.05
CA SER D 124 22.28 6.34 1.00
C SER D 124 23.53 5.56 1.41
N SER D 125 24.69 6.21 1.55
CA SER D 125 25.88 5.50 1.99
C SER D 125 25.66 4.77 3.31
N ASN D 126 24.78 5.30 4.17
CA ASN D 126 24.46 4.69 5.45
C ASN D 126 23.04 4.13 5.50
N ILE D 127 22.44 3.83 4.35
CA ILE D 127 21.09 3.31 4.34
C ILE D 127 21.02 1.86 4.82
N ASP D 128 22.16 1.16 4.87
CA ASP D 128 22.20 -0.13 5.56
C ASP D 128 21.71 -0.03 6.99
N CYS D 129 21.69 1.17 7.56
CA CYS D 129 21.22 1.32 8.93
C CYS D 129 19.82 1.91 9.00
N LEU D 130 19.13 2.03 7.85
CA LEU D 130 17.76 2.54 7.73
C LEU D 130 17.64 4.01 8.15
N VAL D 131 18.73 4.76 7.93
CA VAL D 131 18.73 6.20 8.14
C VAL D 131 17.78 6.87 7.16
N SER D 132 17.39 8.10 7.49
CA SER D 132 16.61 8.90 6.55
C SER D 132 17.45 9.22 5.31
N VAL D 133 16.78 9.23 4.16
CA VAL D 133 17.41 9.56 2.89
C VAL D 133 16.42 10.43 2.10
N GLY D 134 16.88 10.96 0.98
CA GLY D 134 16.01 11.85 0.21
C GLY D 134 16.52 12.10 -1.18
N THR D 135 15.70 12.83 -1.94
CA THR D 135 16.03 13.25 -3.30
C THR D 135 16.08 14.76 -3.33
N ILE D 136 17.22 15.33 -3.73
CA ILE D 136 17.37 16.77 -3.84
C ILE D 136 17.38 17.12 -5.31
N PHE D 137 16.66 18.19 -5.69
CA PHE D 137 16.68 18.64 -7.08
C PHE D 137 16.74 20.16 -7.14
N GLY D 138 17.31 20.66 -8.24
CA GLY D 138 17.34 22.07 -8.58
C GLY D 138 17.13 22.25 -10.07
N ILE D 139 16.35 23.24 -10.48
CA ILE D 139 15.91 23.38 -11.86
C ILE D 139 16.30 24.76 -12.37
N TYR D 140 17.13 24.81 -13.40
CA TYR D 140 17.45 26.07 -14.09
C TYR D 140 16.85 26.07 -15.47
N ARG D 141 16.67 27.27 -16.03
CA ARG D 141 16.30 27.39 -17.42
C ARG D 141 17.54 27.56 -18.29
N LYS D 142 17.48 26.99 -19.49
CA LYS D 142 18.48 27.21 -20.51
C LYS D 142 17.92 28.25 -21.49
N LYS D 143 18.67 29.30 -21.77
CA LYS D 143 18.23 30.30 -22.74
C LYS D 143 19.24 30.58 -23.82
N SER D 144 20.37 29.87 -23.82
CA SER D 144 21.08 29.61 -25.06
C SER D 144 20.09 29.23 -26.15
N THR D 145 20.47 29.44 -27.41
CA THR D 145 19.91 28.68 -28.51
C THR D 145 20.96 27.73 -29.09
N ASP D 146 22.03 27.52 -28.34
CA ASP D 146 23.06 26.55 -28.71
C ASP D 146 22.60 25.15 -28.38
N GLU D 147 23.24 24.18 -29.01
CA GLU D 147 23.05 22.78 -28.63
C GLU D 147 23.24 22.63 -27.12
N PRO D 148 22.32 21.95 -26.42
CA PRO D 148 22.47 21.79 -24.97
C PRO D 148 23.78 21.10 -24.62
N SER D 149 24.38 21.52 -23.50
CA SER D 149 25.67 20.96 -23.12
C SER D 149 25.88 21.14 -21.62
N GLU D 150 26.84 20.36 -21.10
CA GLU D 150 27.17 20.38 -19.69
C GLU D 150 27.41 21.80 -19.16
N LYS D 151 27.87 22.71 -20.02
CA LYS D 151 28.13 24.06 -19.53
C LYS D 151 26.83 24.78 -19.17
N ASP D 152 25.70 24.30 -19.68
CA ASP D 152 24.42 24.87 -19.31
C ASP D 152 24.05 24.62 -17.86
N ALA D 153 24.71 23.67 -17.21
CA ALA D 153 24.48 23.41 -15.78
C ALA D 153 25.34 24.27 -14.88
N LEU D 154 26.35 24.97 -15.43
CA LEU D 154 27.18 25.86 -14.63
C LEU D 154 26.47 27.21 -14.50
N GLN D 155 25.57 27.27 -13.52
CA GLN D 155 24.84 28.50 -13.24
C GLN D 155 24.84 28.77 -11.74
N PRO D 156 24.88 30.03 -11.35
CA PRO D 156 24.70 30.34 -9.93
C PRO D 156 23.32 29.91 -9.48
N GLY D 157 23.20 29.61 -8.17
CA GLY D 157 21.91 29.27 -7.61
C GLY D 157 20.87 30.37 -7.80
N ARG D 158 21.31 31.64 -7.82
CA ARG D 158 20.42 32.77 -8.05
C ARG D 158 19.50 32.56 -9.25
N ASN D 159 19.91 31.72 -10.20
CA ASN D 159 19.17 31.47 -11.44
C ASN D 159 18.18 30.33 -11.33
N LEU D 160 18.07 29.71 -10.15
CA LEU D 160 17.12 28.61 -9.99
C LEU D 160 15.70 29.06 -10.32
N VAL D 161 15.03 28.24 -11.12
CA VAL D 161 13.60 28.39 -11.35
C VAL D 161 12.82 27.78 -10.21
N ALA D 162 13.21 26.58 -9.80
CA ALA D 162 12.53 25.82 -8.77
C ALA D 162 13.55 24.89 -8.15
N ALA D 163 13.32 24.54 -6.88
CA ALA D 163 14.19 23.54 -6.24
C ALA D 163 13.49 23.02 -5.00
N GLY D 164 13.90 21.84 -4.57
CA GLY D 164 13.38 21.32 -3.33
C GLY D 164 13.90 19.94 -3.01
N TYR D 165 13.12 19.14 -2.32
CA TYR D 165 13.60 17.80 -2.03
C TYR D 165 12.43 16.92 -1.63
N ALA D 166 12.63 15.61 -1.80
CA ALA D 166 11.73 14.60 -1.26
C ALA D 166 12.48 13.90 -0.16
N LEU D 167 11.94 13.94 1.05
CA LEU D 167 12.53 13.25 2.18
C LEU D 167 11.78 11.95 2.42
N TYR D 168 12.52 10.85 2.51
CA TYR D 168 11.92 9.55 2.86
C TYR D 168 12.27 9.29 4.32
N GLY D 169 11.54 9.96 5.20
CA GLY D 169 11.72 9.81 6.63
C GLY D 169 10.72 8.85 7.22
N SER D 170 10.25 9.16 8.45
CA SER D 170 9.15 8.41 9.00
C SER D 170 7.94 8.43 8.06
N ALA D 171 7.76 9.52 7.32
CA ALA D 171 6.89 9.53 6.17
C ALA D 171 7.63 10.23 5.03
N THR D 172 7.02 10.20 3.85
CA THR D 172 7.62 10.81 2.68
C THR D 172 6.99 12.17 2.45
N MET D 173 7.84 13.20 2.39
CA MET D 173 7.39 14.56 2.13
C MET D 173 8.21 15.15 0.98
N LEU D 174 7.52 15.81 0.07
CA LEU D 174 8.17 16.63 -0.95
C LEU D 174 8.11 18.09 -0.52
N VAL D 175 9.27 18.74 -0.52
CA VAL D 175 9.35 20.17 -0.24
C VAL D 175 9.73 20.87 -1.54
N LEU D 176 8.87 21.78 -1.97
CA LEU D 176 9.03 22.46 -3.26
C LEU D 176 9.12 23.96 -3.01
N ALA D 177 10.14 24.58 -3.60
CA ALA D 177 10.40 26.01 -3.46
C ALA D 177 10.40 26.65 -4.84
N MET D 178 9.67 27.75 -4.97
CA MET D 178 9.62 28.57 -6.19
C MET D 178 9.58 30.04 -5.76
N ASP D 179 9.32 30.95 -6.69
CA ASP D 179 9.29 32.36 -6.30
C ASP D 179 8.10 32.68 -5.39
N CYS D 180 7.05 31.86 -5.43
CA CYS D 180 5.91 32.05 -4.56
C CYS D 180 6.12 31.50 -3.15
N GLY D 181 7.30 30.99 -2.84
CA GLY D 181 7.61 30.50 -1.50
C GLY D 181 7.74 28.98 -1.45
N VAL D 182 7.79 28.48 -0.23
CA VAL D 182 8.04 27.06 0.03
C VAL D 182 6.75 26.40 0.48
N ASN D 183 6.43 25.26 -0.12
CA ASN D 183 5.23 24.51 0.25
C ASN D 183 5.59 23.04 0.44
N CYS D 184 4.84 22.38 1.34
CA CYS D 184 5.24 21.09 1.88
C CYS D 184 4.13 20.07 1.64
N PHE D 185 4.45 19.01 0.87
CA PHE D 185 3.44 18.05 0.43
C PHE D 185 3.72 16.68 1.03
N MET D 186 2.73 16.11 1.72
CA MET D 186 2.87 14.79 2.33
C MET D 186 2.43 13.70 1.37
N LEU D 187 3.26 12.67 1.24
CA LEU D 187 2.90 11.56 0.37
C LEU D 187 1.92 10.66 1.09
N ASP D 188 0.69 10.59 0.60
CA ASP D 188 -0.29 9.67 1.16
C ASP D 188 -0.18 8.30 0.47
N PRO D 189 0.57 7.36 1.04
CA PRO D 189 0.82 6.09 0.33
C PRO D 189 -0.43 5.30 0.04
N ALA D 190 -1.53 5.55 0.75
CA ALA D 190 -2.77 4.83 0.44
C ALA D 190 -3.32 5.22 -0.93
N ILE D 191 -3.09 6.44 -1.37
CA ILE D 191 -3.66 6.87 -2.64
C ILE D 191 -2.58 7.39 -3.58
N GLY D 192 -1.32 7.28 -3.17
CA GLY D 192 -0.21 7.79 -3.95
C GLY D 192 -0.44 9.22 -4.38
N GLU D 193 -0.67 10.11 -3.42
CA GLU D 193 -0.96 11.51 -3.69
C GLU D 193 -0.13 12.39 -2.76
N PHE D 194 0.32 13.54 -3.29
CA PHE D 194 1.09 14.53 -2.54
C PHE D 194 0.14 15.61 -2.03
N ILE D 195 -0.11 15.60 -0.71
CA ILE D 195 -1.13 16.41 -0.09
C ILE D 195 -0.48 17.66 0.49
N LEU D 196 -1.02 18.83 0.15
CA LEU D 196 -0.48 20.09 0.64
C LEU D 196 -0.79 20.27 2.12
N VAL D 197 0.23 20.13 2.97
CA VAL D 197 0.04 20.12 4.42
C VAL D 197 0.65 21.33 5.14
N ASP D 198 1.52 22.10 4.48
CA ASP D 198 2.14 23.28 5.07
C ASP D 198 2.37 24.32 3.98
N LYS D 199 1.63 25.43 4.04
CA LYS D 199 1.64 26.45 3.00
C LYS D 199 2.63 27.56 3.35
N ASP D 200 3.31 28.07 2.30
CA ASP D 200 4.07 29.31 2.37
C ASP D 200 4.91 29.37 3.64
N VAL D 201 5.66 28.30 3.89
CA VAL D 201 6.31 28.15 5.18
C VAL D 201 7.49 29.11 5.29
N LYS D 202 7.75 29.55 6.51
CA LYS D 202 8.86 30.45 6.79
C LYS D 202 9.63 29.89 7.98
N ILE D 203 10.97 29.97 7.90
CA ILE D 203 11.79 29.42 8.97
C ILE D 203 11.69 30.32 10.20
N LYS D 204 11.81 29.72 11.38
CA LYS D 204 11.97 30.47 12.62
C LYS D 204 13.09 31.50 12.48
N LYS D 205 12.88 32.69 13.05
CA LYS D 205 13.92 33.70 13.04
C LYS D 205 15.18 33.19 13.73
N LYS D 206 15.03 32.47 14.84
CA LYS D 206 16.16 31.92 15.59
C LYS D 206 15.77 30.59 16.21
N GLY D 207 16.72 29.65 16.22
CA GLY D 207 16.47 28.31 16.72
C GLY D 207 17.28 27.91 17.93
N LYS D 208 17.23 26.62 18.27
CA LYS D 208 17.86 26.07 19.47
C LYS D 208 18.62 24.77 19.16
N ILE D 209 18.83 24.44 17.88
CA ILE D 209 19.53 23.24 17.46
C ILE D 209 20.70 23.63 16.55
N TYR D 210 21.86 23.04 16.80
CA TYR D 210 22.99 23.16 15.91
C TYR D 210 23.37 21.77 15.42
N SER D 211 23.70 21.66 14.14
CA SER D 211 23.80 20.35 13.50
C SER D 211 25.05 20.32 12.64
N LEU D 212 26.00 19.47 12.99
CA LEU D 212 27.20 19.23 12.20
C LEU D 212 27.93 18.03 12.77
N ASN D 213 28.87 17.51 11.98
CA ASN D 213 29.69 16.37 12.42
C ASN D 213 30.85 16.88 13.25
N GLU D 214 30.76 16.77 14.57
CA GLU D 214 31.80 17.31 15.43
C GLU D 214 33.06 16.45 15.43
N GLY D 215 33.02 15.28 14.78
CA GLY D 215 34.20 14.44 14.66
C GLY D 215 35.33 15.08 13.86
N TYR D 216 35.08 16.22 13.23
CA TYR D 216 36.11 16.93 12.49
C TYR D 216 36.69 18.09 13.30
N ALA D 217 36.46 18.08 14.62
CA ALA D 217 36.84 19.20 15.48
C ALA D 217 38.30 19.54 15.34
N ARG D 218 39.18 18.53 15.33
CA ARG D 218 40.60 18.75 15.14
C ARG D 218 40.93 19.48 13.84
N ASP D 219 39.99 19.59 12.91
CA ASP D 219 40.27 20.17 11.61
C ASP D 219 39.46 21.43 11.31
N PHE D 220 38.58 21.85 12.20
CA PHE D 220 37.77 23.04 11.93
C PHE D 220 38.64 24.29 11.83
N ASP D 221 38.24 25.21 10.95
CA ASP D 221 38.74 26.57 11.04
C ASP D 221 38.40 27.11 12.43
N PRO D 222 39.19 28.04 12.96
CA PRO D 222 38.90 28.55 14.32
C PRO D 222 37.54 29.26 14.42
N ALA D 223 36.97 29.75 13.31
CA ALA D 223 35.68 30.44 13.41
C ALA D 223 34.54 29.44 13.59
N VAL D 224 34.61 28.30 12.90
CA VAL D 224 33.70 27.20 13.20
C VAL D 224 33.83 26.80 14.65
N THR D 225 35.08 26.66 15.13
CA THR D 225 35.33 26.20 16.50
C THR D 225 34.72 27.16 17.53
N GLU D 226 34.92 28.47 17.32
CA GLU D 226 34.36 29.44 18.25
C GLU D 226 32.84 29.40 18.24
N TYR D 227 32.24 29.26 17.05
CA TYR D 227 30.79 29.28 16.97
C TYR D 227 30.18 28.12 17.73
N ILE D 228 30.75 26.92 17.58
CA ILE D 228 30.25 25.76 18.32
C ILE D 228 30.35 26.01 19.82
N GLN D 229 31.44 26.66 20.26
CA GLN D 229 31.62 26.92 21.69
C GLN D 229 30.55 27.87 22.21
N ARG D 230 30.16 28.84 21.38
CA ARG D 230 29.04 29.72 21.72
C ARG D 230 27.75 28.92 21.91
N LYS D 231 27.59 27.83 21.17
CA LYS D 231 26.37 27.04 21.31
C LYS D 231 26.39 26.27 22.63
N LYS D 232 27.54 25.78 23.04
CA LYS D 232 27.58 24.95 24.22
C LYS D 232 27.68 25.78 25.49
N PHE D 233 28.40 26.90 25.43
CA PHE D 233 28.59 27.80 26.57
C PHE D 233 28.11 29.19 26.17
N PRO D 234 26.80 29.40 26.06
CA PRO D 234 26.29 30.67 25.50
C PRO D 234 26.78 31.86 26.30
N PRO D 235 27.39 32.83 25.64
CA PRO D 235 28.00 33.97 26.35
C PRO D 235 27.04 35.08 26.76
N ASP D 236 25.77 35.02 26.34
CA ASP D 236 24.74 35.89 26.89
C ASP D 236 23.91 35.20 27.95
N ASN D 237 24.41 34.07 28.49
CA ASN D 237 23.69 33.29 29.50
C ASN D 237 22.30 32.89 29.02
N SER D 238 22.20 32.48 27.78
CA SER D 238 20.99 31.83 27.32
C SER D 238 21.18 30.31 27.45
N ALA D 239 20.14 29.55 27.09
CA ALA D 239 20.24 28.11 27.21
C ALA D 239 21.11 27.54 26.09
N PRO D 240 22.02 26.63 26.40
CA PRO D 240 22.78 25.96 25.33
C PRO D 240 21.84 25.40 24.28
N TYR D 241 22.32 25.35 23.04
CA TYR D 241 21.58 24.67 22.00
C TYR D 241 21.63 23.17 22.21
N GLY D 242 20.59 22.48 21.76
CA GLY D 242 20.69 21.06 21.55
C GLY D 242 21.36 20.75 20.23
N ALA D 243 21.97 19.57 20.18
CA ALA D 243 22.67 19.11 18.99
C ALA D 243 21.93 17.93 18.36
N ARG D 244 21.84 17.94 17.02
CA ARG D 244 21.24 16.86 16.26
C ARG D 244 22.02 16.72 14.97
N TYR D 245 22.53 15.53 14.66
CA TYR D 245 23.15 15.29 13.36
C TYR D 245 22.76 13.89 12.90
N VAL D 246 21.75 13.85 12.02
CA VAL D 246 21.32 12.60 11.44
C VAL D 246 22.43 12.02 10.57
N GLY D 247 23.28 12.88 10.02
CA GLY D 247 24.26 12.46 9.05
C GLY D 247 23.73 12.38 7.63
N SER D 248 22.47 12.75 7.42
CA SER D 248 21.83 12.74 6.11
C SER D 248 21.33 14.13 5.80
N MET D 249 21.87 14.76 4.76
CA MET D 249 21.60 16.19 4.52
C MET D 249 20.11 16.50 4.46
N VAL D 250 19.32 15.68 3.78
CA VAL D 250 17.90 16.02 3.62
C VAL D 250 17.20 16.00 4.97
N ALA D 251 17.49 14.98 5.79
CA ALA D 251 16.90 14.90 7.12
C ALA D 251 17.32 16.10 7.97
N ASP D 252 18.62 16.39 7.98
CA ASP D 252 19.14 17.48 8.80
C ASP D 252 18.63 18.83 8.32
N VAL D 253 18.46 19.01 7.01
CA VAL D 253 17.95 20.29 6.53
C VAL D 253 16.48 20.41 6.82
N HIS D 254 15.72 19.33 6.64
CA HIS D 254 14.28 19.41 6.86
C HIS D 254 13.98 19.72 8.33
N ARG D 255 14.69 19.08 9.25
CA ARG D 255 14.55 19.43 10.65
C ARG D 255 14.87 20.91 10.87
N THR D 256 15.87 21.44 10.18
CA THR D 256 16.19 22.86 10.30
C THR D 256 15.04 23.71 9.80
N LEU D 257 14.45 23.33 8.67
CA LEU D 257 13.33 24.11 8.15
C LEU D 257 12.14 24.07 9.11
N VAL D 258 11.89 22.93 9.75
CA VAL D 258 10.69 22.79 10.57
C VAL D 258 10.86 23.40 11.96
N TYR D 259 12.04 23.23 12.58
CA TYR D 259 12.26 23.64 13.96
C TYR D 259 13.12 24.89 14.12
N GLY D 260 13.78 25.34 13.06
CA GLY D 260 14.77 26.39 13.20
C GLY D 260 16.12 25.80 13.60
N GLY D 261 17.10 26.69 13.74
CA GLY D 261 18.44 26.29 14.06
C GLY D 261 19.38 26.44 12.87
N ILE D 262 20.47 25.67 12.92
CA ILE D 262 21.58 25.83 12.00
C ILE D 262 22.15 24.46 11.65
N PHE D 263 22.52 24.31 10.39
CA PHE D 263 23.20 23.14 9.89
C PHE D 263 24.50 23.59 9.26
N LEU D 264 25.57 22.85 9.49
CA LEU D 264 26.88 23.21 8.96
C LEU D 264 27.59 21.98 8.41
N TYR D 265 28.11 22.10 7.20
CA TYR D 265 29.18 21.24 6.72
C TYR D 265 30.28 22.17 6.23
N PRO D 266 31.21 22.56 7.12
CA PRO D 266 32.30 23.46 6.73
C PRO D 266 33.45 22.67 6.13
N ALA D 267 34.59 23.33 5.91
CA ALA D 267 35.77 22.66 5.40
C ALA D 267 36.48 21.86 6.49
N ASN D 268 37.25 20.85 6.05
CA ASN D 268 38.08 20.02 6.92
C ASN D 268 39.22 19.47 6.05
N LYS D 269 40.13 18.71 6.66
CA LYS D 269 41.32 18.27 5.94
C LYS D 269 40.95 17.39 4.76
N LYS D 270 40.04 16.43 4.95
CA LYS D 270 39.68 15.53 3.86
C LYS D 270 38.92 16.27 2.77
N SER D 271 38.19 17.33 3.14
CA SER D 271 37.39 18.11 2.19
C SER D 271 37.70 19.58 2.39
N PRO D 272 38.80 20.06 1.81
CA PRO D 272 39.24 21.45 2.06
C PRO D 272 38.28 22.50 1.57
N ASN D 273 37.38 22.16 0.65
CA ASN D 273 36.33 23.09 0.24
C ASN D 273 34.95 22.51 0.50
N GLY D 274 34.84 21.71 1.58
CA GLY D 274 33.59 21.10 1.96
C GLY D 274 33.39 19.73 1.35
N LYS D 275 32.44 18.99 1.91
CA LYS D 275 32.07 17.71 1.32
C LYS D 275 30.92 17.85 0.34
N LEU D 276 29.88 18.59 0.70
CA LEU D 276 28.63 18.53 -0.04
C LEU D 276 28.77 19.25 -1.38
N ARG D 277 27.90 18.85 -2.33
CA ARG D 277 28.01 19.27 -3.71
C ARG D 277 27.22 20.54 -3.97
N LEU D 278 27.87 21.48 -4.66
CA LEU D 278 27.25 22.79 -4.80
C LEU D 278 25.98 22.70 -5.65
N LEU D 279 26.04 21.97 -6.77
CA LEU D 279 25.00 22.10 -7.80
C LEU D 279 23.69 21.47 -7.36
N TYR D 280 23.76 20.27 -6.78
CA TYR D 280 22.58 19.45 -6.50
C TYR D 280 22.44 19.11 -5.02
N GLU D 281 23.29 19.65 -4.16
CA GLU D 281 23.10 19.54 -2.71
C GLU D 281 22.97 20.91 -2.06
N CYS D 282 23.98 21.78 -2.20
CA CYS D 282 23.97 23.07 -1.50
C CYS D 282 22.98 24.04 -2.11
N ASN D 283 23.02 24.19 -3.44
CA ASN D 283 22.18 25.20 -4.07
C ASN D 283 20.69 24.95 -3.82
N PRO D 284 20.14 23.76 -4.08
CA PRO D 284 18.70 23.56 -3.79
C PRO D 284 18.37 23.86 -2.33
N MET D 285 19.13 23.32 -1.38
CA MET D 285 18.86 23.60 0.02
C MET D 285 18.97 25.10 0.31
N ALA D 286 20.00 25.75 -0.25
CA ALA D 286 20.14 27.21 -0.08
C ALA D 286 18.93 27.95 -0.61
N TYR D 287 18.46 27.55 -1.79
CA TYR D 287 17.30 28.18 -2.39
C TYR D 287 16.05 27.97 -1.54
N VAL D 288 15.85 26.76 -1.03
CA VAL D 288 14.73 26.52 -0.14
C VAL D 288 14.84 27.38 1.12
N MET D 289 16.04 27.46 1.70
CA MET D 289 16.23 28.28 2.89
C MET D 289 15.87 29.75 2.64
N GLU D 290 16.41 30.33 1.56
CA GLU D 290 16.15 31.75 1.32
C GLU D 290 14.69 32.01 0.99
N LYS D 291 13.99 31.04 0.38
CA LYS D 291 12.58 31.24 0.10
C LYS D 291 11.72 31.08 1.34
N ALA D 292 12.25 30.45 2.39
CA ALA D 292 11.58 30.38 3.67
C ALA D 292 12.14 31.41 4.64
N GLY D 293 12.81 32.45 4.12
CA GLY D 293 13.37 33.49 4.97
C GLY D 293 14.55 33.08 5.82
N GLY D 294 15.25 32.01 5.46
CA GLY D 294 16.53 31.69 6.05
C GLY D 294 17.67 32.09 5.14
N MET D 295 18.86 31.66 5.53
CA MET D 295 20.07 32.00 4.79
C MET D 295 20.92 30.76 4.58
N ALA D 296 21.85 30.87 3.62
CA ALA D 296 22.81 29.82 3.31
C ALA D 296 24.08 30.47 2.78
N THR D 297 25.17 30.32 3.53
CA THR D 297 26.44 30.93 3.22
C THR D 297 27.52 29.85 3.12
N THR D 298 28.60 30.17 2.43
CA THR D 298 29.81 29.37 2.46
C THR D 298 30.82 29.90 3.46
N GLY D 299 30.53 31.03 4.11
CA GLY D 299 31.54 31.78 4.82
C GLY D 299 31.91 33.05 4.08
N LYS D 300 32.26 32.91 2.79
CA LYS D 300 32.68 34.03 1.96
C LYS D 300 31.52 34.66 1.21
N GLU D 301 30.55 33.87 0.80
CA GLU D 301 29.49 34.39 -0.07
C GLU D 301 28.24 33.57 0.14
N ALA D 302 27.12 34.12 -0.34
CA ALA D 302 25.88 33.36 -0.41
C ALA D 302 26.09 32.15 -1.29
N VAL D 303 25.62 30.98 -0.82
CA VAL D 303 25.73 29.78 -1.64
C VAL D 303 25.22 30.05 -3.06
N LEU D 304 24.08 30.75 -3.17
CA LEU D 304 23.46 30.98 -4.46
C LEU D 304 24.27 31.90 -5.35
N ASP D 305 25.30 32.55 -4.80
CA ASP D 305 26.10 33.48 -5.58
C ASP D 305 27.36 32.83 -6.17
N VAL D 306 27.74 31.64 -5.69
CA VAL D 306 28.88 30.93 -6.26
C VAL D 306 28.65 30.66 -7.74
N ILE D 307 29.63 31.01 -8.57
CA ILE D 307 29.59 30.66 -9.98
C ILE D 307 30.44 29.40 -10.16
N PRO D 308 29.83 28.24 -10.34
CA PRO D 308 30.62 27.02 -10.43
C PRO D 308 31.33 26.89 -11.76
N THR D 309 32.43 26.14 -11.73
CA THR D 309 33.21 25.84 -12.93
C THR D 309 33.25 24.35 -13.24
N ASP D 310 32.63 23.51 -12.40
CA ASP D 310 32.69 22.05 -12.50
C ASP D 310 31.40 21.53 -11.87
N ILE D 311 30.66 20.69 -12.61
CA ILE D 311 29.32 20.31 -12.14
C ILE D 311 29.35 19.52 -10.86
N HIS D 312 30.48 18.90 -10.52
CA HIS D 312 30.57 18.11 -9.31
C HIS D 312 31.37 18.80 -8.22
N GLN D 313 31.53 20.12 -8.30
CA GLN D 313 32.39 20.78 -7.33
C GLN D 313 31.70 20.92 -5.98
N ARG D 314 32.50 21.01 -4.94
CA ARG D 314 32.00 21.02 -3.57
C ARG D 314 32.01 22.43 -3.01
N ALA D 315 31.17 22.64 -1.98
CA ALA D 315 31.11 23.93 -1.32
C ALA D 315 30.90 23.75 0.18
N PRO D 316 31.53 24.57 1.01
CA PRO D 316 31.11 24.64 2.42
C PRO D 316 29.71 25.22 2.51
N VAL D 317 28.92 24.74 3.47
CA VAL D 317 27.55 25.23 3.61
C VAL D 317 27.21 25.42 5.08
N ILE D 318 26.60 26.56 5.38
CA ILE D 318 26.06 26.91 6.69
C ILE D 318 24.70 27.55 6.44
N LEU D 319 23.64 26.90 6.88
CA LEU D 319 22.29 27.37 6.57
C LEU D 319 21.41 27.24 7.81
N GLY D 320 20.30 27.94 7.79
CA GLY D 320 19.29 27.79 8.81
C GLY D 320 18.57 29.11 9.06
N SER D 321 18.09 29.26 10.30
CA SER D 321 17.41 30.48 10.69
C SER D 321 18.33 31.68 10.48
N PRO D 322 17.80 32.82 10.06
CA PRO D 322 18.69 33.95 9.73
C PRO D 322 19.51 34.44 10.90
N ASP D 323 18.93 34.50 12.10
CA ASP D 323 19.69 34.98 13.26
C ASP D 323 20.86 34.05 13.57
N ASP D 324 20.67 32.74 13.40
CA ASP D 324 21.72 31.79 13.68
C ASP D 324 22.83 31.86 12.64
N VAL D 325 22.47 32.03 11.37
CA VAL D 325 23.50 32.12 10.36
C VAL D 325 24.27 33.42 10.51
N LEU D 326 23.55 34.50 10.84
CA LEU D 326 24.21 35.78 11.06
C LEU D 326 25.16 35.72 12.24
N GLU D 327 24.77 34.99 13.29
CA GLU D 327 25.69 34.79 14.39
C GLU D 327 26.96 34.06 13.95
N PHE D 328 26.81 32.97 13.17
CA PHE D 328 28.01 32.33 12.62
C PHE D 328 28.82 33.32 11.80
N LEU D 329 28.15 34.13 10.98
CA LEU D 329 28.86 35.07 10.10
C LEU D 329 29.58 36.14 10.91
N LYS D 330 29.00 36.58 12.02
CA LYS D 330 29.70 37.53 12.87
C LYS D 330 30.98 36.92 13.43
N VAL D 331 30.94 35.62 13.74
CA VAL D 331 32.14 34.93 14.22
C VAL D 331 33.11 34.73 13.06
N TYR D 332 32.61 34.28 11.91
CA TYR D 332 33.45 34.13 10.72
C TYR D 332 34.20 35.42 10.41
N GLU D 333 33.49 36.55 10.43
CA GLU D 333 34.08 37.84 10.09
C GLU D 333 35.10 38.30 11.12
N LYS D 334 34.91 37.96 12.38
CA LYS D 334 35.93 38.24 13.39
C LYS D 334 37.26 37.57 13.07
N HIS D 335 37.29 36.61 12.14
CA HIS D 335 38.48 35.86 11.80
C HIS D 335 38.95 36.12 10.36
N SER D 336 38.27 37.00 9.62
CA SER D 336 38.68 37.29 8.23
C SER D 336 38.56 38.77 7.87
N ALA D 337 39.00 39.14 6.67
C10 GJO E . 0.43 -27.57 21.63
C13 GJO E . 0.26 -30.05 22.88
C15 GJO E . -0.08 -27.68 22.93
C17 GJO E . 1.98 -32.32 21.32
C20 GJO E . -1.09 -26.49 16.04
C21 GJO E . -5.69 -28.37 14.43
C22 GJO E . -6.08 -27.17 13.86
C24 GJO E . -5.13 -26.32 13.35
C1 GJO E . 1.04 -25.09 21.64
C2 GJO E . 1.15 -23.83 21.03
C3 GJO E . 0.78 -23.67 19.70
C4 GJO E . 0.26 -24.77 18.97
C5 GJO E . 0.15 -26.01 19.57
C6 GJO E . 0.54 -26.19 20.94
C7 GJO E . -3.79 -26.64 13.41
C8 GJO E . -0.57 -26.06 17.41
C9 GJO E . -0.40 -26.86 18.55
C11 GJO E . 0.87 -28.72 20.97
C12 GJO E . 0.78 -29.96 21.59
C14 GJO E . -0.18 -28.92 23.56
C16 GJO E . -3.40 -27.84 13.99
C18 GJO E . 2.41 -32.55 22.79
C19 GJO E . -4.34 -28.71 14.50
C23 GJO E . -8.36 -27.79 14.17
N1 GJO E . -0.17 -24.84 17.70
N2 GJO E . 1.24 -31.14 20.83
N3 GJO E . -0.99 -27.87 15.61
N4 GJO E . 0.87 -22.39 19.03
O1 GJO E . 2.27 -33.14 20.51
O2 GJO E . -1.23 -29.78 13.69
O3 GJO E . -0.88 -27.22 12.96
O4 GJO E . -1.56 -25.70 15.30
O5 GJO E . 0.05 -21.35 19.50
O6 GJO E . 1.73 -22.19 17.93
O7 GJO E . -7.43 -26.81 13.78
S01 GJO E . -1.61 -28.22 14.05
P1 FBP F . -9.73 -20.77 -15.59
O1P FBP F . -8.53 -20.83 -14.68
O2P FBP F . -9.96 -19.32 -16.01
O3P FBP F . -9.54 -21.69 -16.78
O1 FBP F . -10.96 -21.23 -14.66
C1 FBP F . -11.94 -22.14 -15.05
C2 FBP F . -13.18 -21.26 -15.10
O2 FBP F . -12.74 -19.93 -15.45
C3 FBP F . -14.00 -21.21 -13.81
O3 FBP F . -13.58 -20.20 -12.91
C4 FBP F . -15.38 -20.88 -14.36
O4 FBP F . -16.43 -21.32 -13.53
C5 FBP F . -15.37 -21.53 -15.73
O5 FBP F . -14.03 -21.70 -16.13
C6 FBP F . -16.10 -20.72 -16.78
O6 FBP F . -16.50 -21.59 -17.81
P2 FBP F . -17.31 -21.02 -19.08
O4P FBP F . -18.55 -20.33 -18.55
O5P FBP F . -16.40 -20.05 -19.85
O6P FBP F . -17.66 -22.18 -19.98
C10 GJO G . -1.80 26.00 -23.36
C13 GJO G . -2.60 27.86 -25.26
C15 GJO G . -1.00 26.22 -24.48
C17 GJO G . -5.03 29.71 -24.10
C20 GJO G . -5.41 22.16 -20.65
C21 GJO G . -8.79 19.54 -24.13
C22 GJO G . -8.43 18.28 -23.67
C24 GJO G . -7.96 18.14 -22.36
C1 GJO G . -0.04 24.92 -21.91
C2 GJO G . 0.38 24.00 -20.94
C3 GJO G . -0.54 23.15 -20.34
C4 GJO G . -1.90 23.17 -20.73
C5 GJO G . -2.32 24.07 -21.68
C6 GJO G . -1.38 24.97 -22.29
C7 GJO G . -7.86 19.26 -21.53
C8 GJO G . -4.04 22.80 -20.89
C9 GJO G . -3.72 23.82 -21.79
C11 GJO G . -2.99 26.70 -23.19
C12 GJO G . -3.39 27.64 -24.14
C14 GJO G . -1.40 27.15 -25.44
C16 GJO G . -8.22 20.52 -22.02
C18 GJO G . -4.08 30.79 -24.66
C19 GJO G . -8.68 20.66 -23.32
C23 GJO G . -8.81 17.47 -25.83
N1 GJO G . -2.94 22.43 -20.27
N2 GJO G . -4.67 28.32 -23.88
N3 GJO G . -6.60 22.76 -21.22
N4 GJO G . -0.08 22.20 -19.35
O1 GJO G . -6.14 30.02 -23.81
O2 GJO G . -9.31 23.08 -21.11
O3 GJO G . -8.13 21.39 -19.38
O4 GJO G . -5.49 21.16 -20.04
O5 GJO G . -0.67 22.15 -18.06
O6 GJO G . 0.95 21.33 -19.73
O7 GJO G . -8.52 17.15 -24.50
S01 GJO G . -8.09 21.97 -20.92
P1 FBP H . -26.75 -0.03 -8.00
O1P FBP H . -27.72 0.91 -7.33
O2P FBP H . -26.18 -1.04 -7.03
O3P FBP H . -25.59 0.78 -8.55
O1 FBP H . -27.57 -0.77 -9.20
C1 FBP H . -27.26 -0.64 -10.57
C2 FBP H . -26.88 -2.04 -11.04
O2 FBP H . -26.25 -2.76 -9.94
C3 FBP H . -25.96 -2.07 -12.26
O3 FBP H . -24.59 -2.07 -11.93
C4 FBP H . -26.34 -3.39 -12.92
O4 FBP H . -26.16 -3.34 -14.32
C5 FBP H . -27.80 -3.58 -12.54
O5 FBP H . -28.05 -2.76 -11.40
C6 FBP H . -28.14 -5.03 -12.23
O6 FBP H . -29.53 -5.08 -12.18
P2 FBP H . -30.36 -6.44 -11.89
O4P FBP H . -30.11 -6.95 -10.49
O5P FBP H . -29.90 -7.48 -12.88
O6P FBP H . -31.83 -6.06 -12.01
C10 GJO I . 4.10 -27.82 20.79
C13 GJO I . 4.49 -29.65 22.82
C15 GJO I . 4.62 -29.08 20.49
C17 GJO I . 3.01 -28.80 25.59
C20 GJO I . 5.05 -22.00 20.95
C21 GJO I . 9.87 -20.22 23.36
C22 GJO I . 10.17 -19.51 22.21
C24 GJO I . 9.15 -19.13 21.35
C1 GJO I . 3.38 -27.35 18.46
C2 GJO I . 3.13 -26.51 17.37
C3 GJO I . 3.37 -25.14 17.46
C4 GJO I . 3.87 -24.60 18.67
C5 GJO I . 4.13 -25.42 19.74
C6 GJO I . 3.87 -26.82 19.65
C7 GJO I . 7.83 -19.46 21.62
C8 GJO I . 4.62 -23.27 20.22
C9 GJO I . 4.61 -24.55 20.77
C11 GJO I . 3.76 -27.49 22.11
C12 GJO I . 3.95 -28.41 23.13
C14 GJO I . 4.82 -29.98 21.52
C16 GJO I . 7.55 -20.19 22.77
C18 GJO I . 2.64 -30.30 25.47
C19 GJO I . 8.55 -20.56 23.64
C23 GJO I . 12.47 -20.05 22.46
N1 GJO I . 4.19 -23.31 18.98
N2 GJO I . 3.60 -28.00 24.51
N3 GJO I . 5.36 -22.06 22.37
N4 GJO I . 3.10 -24.29 16.32
O1 GJO I . 2.82 -28.24 26.62
O2 GJO I . 5.55 -20.82 24.76
O3 GJO I . 4.94 -19.35 22.59
O4 GJO I . 5.13 -20.96 20.37
O5 GJO I . 1.95 -23.48 16.32
O6 GJO I . 4.00 -24.27 15.24
O7 GJO I . 11.51 -19.17 21.94
S01 GJO I . 5.83 -20.61 23.14
P1 FBP J . 10.63 10.95 23.48
O1P FBP J . 10.68 11.95 24.62
O2P FBP J . 10.51 11.65 22.15
O3P FBP J . 9.48 9.99 23.60
O1 FBP J . 11.93 10.01 23.51
C1 FBP J . 13.02 10.14 24.40
C2 FBP J . 14.13 10.56 23.45
O2 FBP J . 13.56 11.28 22.32
C3 FBP J . 15.04 9.45 22.95
O3 FBP J . 14.54 8.81 21.79
C4 FBP J . 16.31 10.20 22.60
O4 FBP J . 17.46 9.42 22.81
C5 FBP J . 16.29 11.36 23.57
O5 FBP J . 14.97 11.50 24.09
C6 FBP J . 16.75 12.68 22.96
O6 FBP J . 17.17 13.45 24.05
P2 FBP J . 17.87 14.88 23.88
O4P FBP J . 17.93 15.56 25.24
O5P FBP J . 19.25 14.63 23.33
O6P FBP J . 17.06 15.73 22.92
C10 GJO K . -2.08 28.45 -20.06
C13 GJO K . -1.63 30.71 -21.57
C15 GJO K . -3.02 29.46 -20.07
C17 GJO K . 0.73 30.35 -23.72
C20 GJO K . 1.89 25.46 -16.97
C21 GJO K . 5.13 28.62 -13.72
C22 GJO K . 4.84 27.79 -12.64
C24 GJO K . 4.45 26.48 -12.87
C1 GJO K . -3.71 26.79 -19.10
C2 GJO K . -4.02 25.68 -18.30
C3 GJO K . -3.01 25.00 -17.60
C4 GJO K . -1.68 25.44 -17.68
C5 GJO K . -1.36 26.54 -18.46
C6 GJO K . -2.39 27.21 -19.18
C7 GJO K . 4.35 25.99 -14.17
C8 GJO K . 0.47 25.67 -17.43
C9 GJO K . 0.05 26.69 -18.29
C11 GJO K . -0.90 28.56 -20.80
C12 GJO K . -0.68 29.69 -21.58
C14 GJO K . -2.80 30.60 -20.83
C16 GJO K . 4.64 26.84 -15.24
C18 GJO K . -0.43 30.82 -24.61
C19 GJO K . 5.02 28.15 -15.03
C23 GJO K . 5.27 29.68 -11.28
N1 GJO K . -0.57 24.94 -17.07
N2 GJO K . 0.58 29.83 -22.35
N3 GJO K . 2.89 26.40 -17.43
N4 GJO K . -3.29 23.87 -16.77
O1 GJO K . 1.84 30.39 -24.15
O2 GJO K . 5.50 27.14 -17.94
O3 GJO K . 4.99 24.68 -17.04
O4 GJO K . 2.14 24.55 -16.25
O5 GJO K . -2.77 22.61 -17.13
O6 GJO K . -4.06 24.07 -15.61
O7 GJO K . 4.95 28.31 -11.35
S01 GJO K . 4.52 26.25 -16.96
P1 FBP L . 26.19 10.22 0.29
O1P FBP L . 25.68 9.26 1.34
O2P FBP L . 25.03 10.72 -0.54
O3P FBP L . 27.18 9.51 -0.61
O1 FBP L . 26.96 11.44 1.01
C1 FBP L . 26.38 12.71 1.19
C2 FBP L . 26.09 12.83 2.68
O2 FBP L . 25.55 11.56 3.14
C3 FBP L . 25.14 13.95 3.05
O3 FBP L . 23.78 13.59 2.91
C4 FBP L . 25.50 14.17 4.51
O4 FBP L . 25.16 15.47 4.94
C5 FBP L . 27.00 13.94 4.50
O5 FBP L . 27.28 13.07 3.41
C6 FBP L . 27.52 13.30 5.78
O6 FBP L . 28.90 13.54 5.86
P2 FBP L . 29.79 12.98 7.10
O4P FBP L . 29.33 13.69 8.36
O5P FBP L . 29.54 11.51 7.27
O6P FBP L . 31.25 13.22 6.80
#